data_2QKK
#
_entry.id   2QKK
#
_cell.length_a   151.065
_cell.length_b   176.200
_cell.length_c   125.845
_cell.angle_alpha   90.00
_cell.angle_beta   90.22
_cell.angle_gamma   90.00
#
_symmetry.space_group_name_H-M   'C 1 2 1'
#
loop_
_entity.id
_entity.type
_entity.pdbx_description
1 polymer "5'-R(*CP*GP*AP*CP*AP*CP*CP*UP*GP*AP*UP*UP*CP*C)-3'"
2 polymer "5'-D(*GP*GP*AP*AP*TP*CP*AP*GP*GP*TP*GP*TP*CP*G)-3'"
3 polymer 'Ribonuclease H1'
4 non-polymer 2-AMINO-2-HYDROXYMETHYL-PROPANE-1,3-DIOL
5 non-polymer 'CALCIUM ION'
6 non-polymer '2-(N-MORPHOLINO)-ETHANESULFONIC ACID'
7 non-polymer 'CHLORIDE ION'
8 water water
#
loop_
_entity_poly.entity_id
_entity_poly.type
_entity_poly.pdbx_seq_one_letter_code
_entity_poly.pdbx_strand_id
1 'polyribonucleotide' CGACACCUGAUUCC C,G,K,O,T,X
2 'polydeoxyribonucleotide' (DG)(DG)(DA)(DA)(DT)(DC)(DA)(DG)(DG)(DT)(DG)(DT)(DC)(DG) D,H,L,P,U,Z
3 'polypeptide(L)'
;GSHMGDFVVVYTDGCCSSNGRRRPRAGIGVYWGPGHPLNVGIRLPGRQTNQRAEIHAACKAIEQAKTQNINKLVLYTNSM
FTINGITNWVQGWKKNGWKTSAGKEVINKEDFVALERLTQGMDIQWMHVPGHSGFIGNEEADRLAREGAKQSED
;
A,B,E,F,I,J,M,N,R,S,W
#
# COMPACT_ATOMS: atom_id res chain seq x y z
N GLY M 1 -16.97 25.81 -22.50
CA GLY M 1 -17.51 24.46 -22.19
C GLY M 1 -16.39 23.48 -21.93
N SER M 2 -16.33 22.96 -20.71
CA SER M 2 -15.29 22.02 -20.30
C SER M 2 -15.15 20.82 -21.24
N HIS M 3 -13.92 20.59 -21.68
CA HIS M 3 -13.55 19.51 -22.59
C HIS M 3 -12.26 18.90 -22.08
N MET M 4 -11.92 17.73 -22.60
CA MET M 4 -10.69 17.08 -22.18
C MET M 4 -10.33 16.11 -23.29
N GLY M 5 -9.68 16.66 -24.32
CA GLY M 5 -9.25 15.88 -25.46
C GLY M 5 -10.37 15.10 -26.14
N ASP M 6 -11.27 15.81 -26.80
CA ASP M 6 -12.38 15.18 -27.50
C ASP M 6 -13.41 14.57 -26.53
N PHE M 7 -13.11 14.65 -25.23
CA PHE M 7 -14.04 14.14 -24.22
C PHE M 7 -14.69 15.33 -23.53
N VAL M 8 -15.95 15.61 -23.86
CA VAL M 8 -16.62 16.73 -23.25
C VAL M 8 -16.92 16.42 -21.79
N VAL M 9 -16.54 17.32 -20.90
CA VAL M 9 -16.76 17.09 -19.48
C VAL M 9 -18.16 17.45 -19.01
N VAL M 10 -18.58 16.78 -17.93
CA VAL M 10 -19.88 17.02 -17.37
C VAL M 10 -19.97 16.48 -15.95
N TYR M 11 -20.60 17.25 -15.06
CA TYR M 11 -20.77 16.82 -13.69
C TYR M 11 -22.24 16.50 -13.49
N THR M 12 -22.52 15.51 -12.66
CA THR M 12 -23.90 15.18 -12.40
C THR M 12 -23.98 14.90 -10.93
N ASP M 13 -25.19 15.01 -10.40
CA ASP M 13 -25.40 14.74 -9.00
C ASP M 13 -26.89 14.57 -8.81
N GLY M 14 -27.24 13.81 -7.77
CA GLY M 14 -28.64 13.58 -7.47
C GLY M 14 -28.78 13.90 -6.00
N CYS M 15 -29.99 14.18 -5.57
CA CYS M 15 -30.20 14.48 -4.18
C CYS M 15 -31.59 14.02 -3.84
N CYS M 16 -31.78 13.70 -2.57
CA CYS M 16 -33.08 13.27 -2.12
C CYS M 16 -33.33 13.66 -0.69
N SER M 17 -33.83 14.87 -0.49
CA SER M 17 -34.15 15.40 0.84
C SER M 17 -35.04 14.41 1.56
N SER M 18 -34.79 14.24 2.85
CA SER M 18 -35.57 13.32 3.67
C SER M 18 -35.50 11.92 3.04
N ASN M 19 -34.27 11.45 2.87
CA ASN M 19 -34.01 10.15 2.31
C ASN M 19 -34.08 9.18 3.48
N GLY M 20 -35.01 8.23 3.41
CA GLY M 20 -35.16 7.26 4.48
C GLY M 20 -36.14 7.78 5.51
N ARG M 21 -36.83 8.86 5.14
CA ARG M 21 -37.82 9.46 6.03
C ARG M 21 -39.18 9.53 5.35
N ARG M 22 -40.21 9.77 6.13
CA ARG M 22 -41.56 9.83 5.61
C ARG M 22 -41.74 10.23 4.17
N ARG M 23 -41.59 11.52 3.86
CA ARG M 23 -41.78 11.96 2.48
C ARG M 23 -40.49 12.38 1.77
N PRO M 24 -39.93 11.47 0.97
CA PRO M 24 -38.69 11.74 0.23
C PRO M 24 -38.93 12.59 -1.02
N ARG M 25 -38.17 13.67 -1.14
CA ARG M 25 -38.27 14.57 -2.29
C ARG M 25 -36.91 14.42 -2.96
N ALA M 26 -36.85 13.96 -4.21
CA ALA M 26 -35.54 13.78 -4.83
C ALA M 26 -35.38 14.29 -6.27
N GLY M 27 -34.26 14.93 -6.53
CA GLY M 27 -34.04 15.46 -7.86
C GLY M 27 -32.69 15.20 -8.47
N ILE M 28 -32.63 15.36 -9.78
CA ILE M 28 -31.42 15.14 -10.54
C ILE M 28 -30.80 16.47 -10.96
N GLY M 29 -29.47 16.48 -11.12
CA GLY M 29 -28.79 17.69 -11.53
C GLY M 29 -27.64 17.37 -12.44
N VAL M 30 -27.47 18.14 -13.50
CA VAL M 30 -26.37 17.91 -14.43
C VAL M 30 -25.87 19.25 -15.00
N TYR M 31 -24.60 19.54 -14.69
CA TYR M 31 -23.95 20.77 -15.10
C TYR M 31 -22.91 20.55 -16.20
N TRP M 32 -23.04 21.31 -17.28
CA TRP M 32 -22.14 21.21 -18.41
C TRP M 32 -21.20 22.40 -18.47
N GLY M 33 -21.55 23.47 -17.75
CA GLY M 33 -20.71 24.65 -17.77
C GLY M 33 -21.47 25.87 -17.26
N PRO M 34 -20.82 27.03 -17.17
CA PRO M 34 -21.48 28.23 -16.69
C PRO M 34 -22.59 28.72 -17.62
N GLY M 35 -23.79 28.89 -17.07
CA GLY M 35 -24.91 29.36 -17.84
C GLY M 35 -25.10 28.56 -19.11
N HIS M 36 -24.62 27.33 -19.08
CA HIS M 36 -24.71 26.44 -20.22
C HIS M 36 -26.16 25.96 -20.47
N PRO M 37 -26.62 26.05 -21.72
CA PRO M 37 -27.95 25.67 -22.18
C PRO M 37 -28.39 24.23 -21.98
N LEU M 38 -27.53 23.40 -21.44
CA LEU M 38 -27.92 22.01 -21.24
C LEU M 38 -28.07 21.69 -19.77
N ASN M 39 -27.72 22.65 -18.91
CA ASN M 39 -27.80 22.49 -17.47
C ASN M 39 -29.20 22.22 -16.96
N VAL M 40 -29.46 20.97 -16.61
CA VAL M 40 -30.75 20.59 -16.15
C VAL M 40 -30.87 20.39 -14.65
N GLY M 41 -32.08 20.60 -14.16
CA GLY M 41 -32.40 20.41 -12.75
C GLY M 41 -33.78 19.79 -12.68
N ILE M 42 -33.90 18.53 -13.07
CA ILE M 42 -35.19 17.84 -13.08
C ILE M 42 -35.54 17.11 -11.81
N ARG M 43 -36.83 16.85 -11.61
CA ARG M 43 -37.25 16.08 -10.44
C ARG M 43 -37.30 14.63 -10.88
N LEU M 44 -36.91 13.72 -9.98
CA LEU M 44 -36.87 12.30 -10.28
C LEU M 44 -38.19 11.57 -10.11
N PRO M 45 -38.71 10.97 -11.21
CA PRO M 45 -39.96 10.21 -11.23
C PRO M 45 -39.95 8.95 -10.38
N GLY M 46 -41.13 8.50 -9.95
CA GLY M 46 -41.23 7.30 -9.15
C GLY M 46 -40.61 7.31 -7.76
N ARG M 47 -39.93 6.21 -7.43
CA ARG M 47 -39.26 6.00 -6.13
C ARG M 47 -38.35 7.15 -5.74
N GLN M 48 -38.43 7.60 -4.49
CA GLN M 48 -37.58 8.71 -4.11
C GLN M 48 -36.43 8.30 -3.20
N THR M 49 -35.26 8.06 -3.78
CA THR M 49 -34.10 7.71 -2.98
C THR M 49 -32.86 8.29 -3.61
N ASN M 50 -31.87 8.56 -2.78
CA ASN M 50 -30.64 9.13 -3.27
C ASN M 50 -29.99 8.24 -4.31
N GLN M 51 -29.90 6.95 -4.02
CA GLN M 51 -29.25 6.03 -4.95
C GLN M 51 -29.72 6.15 -6.38
N ARG M 52 -31.01 6.11 -6.62
CA ARG M 52 -31.44 6.22 -8.00
C ARG M 52 -31.37 7.63 -8.54
N ALA M 53 -31.60 8.61 -7.69
CA ALA M 53 -31.51 9.99 -8.13
C ALA M 53 -30.15 10.09 -8.77
N GLU M 54 -29.17 9.64 -8.00
CA GLU M 54 -27.76 9.64 -8.36
C GLU M 54 -27.43 8.95 -9.67
N ILE M 55 -27.87 7.71 -9.85
CA ILE M 55 -27.58 7.01 -11.09
C ILE M 55 -28.43 7.59 -12.21
N HIS M 56 -29.57 8.17 -11.88
CA HIS M 56 -30.40 8.75 -12.93
C HIS M 56 -29.90 10.11 -13.38
N ALA M 57 -29.23 10.83 -12.47
CA ALA M 57 -28.64 12.10 -12.85
C ALA M 57 -27.74 11.73 -14.04
N ALA M 58 -26.92 10.70 -13.85
CA ALA M 58 -26.02 10.21 -14.90
C ALA M 58 -26.75 9.77 -16.17
N CYS M 59 -27.96 9.24 -16.03
CA CYS M 59 -28.71 8.85 -17.21
C CYS M 59 -29.04 10.10 -18.02
N LYS M 60 -29.56 11.11 -17.33
CA LYS M 60 -29.92 12.33 -17.99
C LYS M 60 -28.77 12.84 -18.82
N ALA M 61 -27.59 12.89 -18.20
CA ALA M 61 -26.40 13.37 -18.88
C ALA M 61 -26.21 12.62 -20.20
N ILE M 62 -25.98 11.32 -20.11
CA ILE M 62 -25.80 10.52 -21.31
C ILE M 62 -26.92 10.79 -22.30
N GLU M 63 -28.16 10.65 -21.83
CA GLU M 63 -29.34 10.90 -22.67
C GLU M 63 -29.20 12.24 -23.37
N GLN M 64 -28.82 13.26 -22.62
CA GLN M 64 -28.62 14.58 -23.21
C GLN M 64 -27.56 14.48 -24.31
N ALA M 65 -26.33 14.19 -23.89
CA ALA M 65 -25.22 14.06 -24.80
C ALA M 65 -25.53 13.41 -26.14
N LYS M 66 -26.13 12.24 -26.11
CA LYS M 66 -26.46 11.56 -27.37
C LYS M 66 -27.13 12.57 -28.30
N THR M 67 -28.15 13.24 -27.80
CA THR M 67 -28.87 14.23 -28.59
C THR M 67 -27.93 15.28 -29.17
N GLN M 68 -26.85 15.59 -28.45
CA GLN M 68 -25.90 16.57 -28.94
C GLN M 68 -24.89 15.88 -29.83
N ASN M 69 -25.19 14.62 -30.13
CA ASN M 69 -24.35 13.82 -30.98
C ASN M 69 -22.91 13.81 -30.52
N ILE M 70 -22.72 13.55 -29.24
CA ILE M 70 -21.39 13.45 -28.68
C ILE M 70 -21.26 12.00 -28.21
N ASN M 71 -20.17 11.34 -28.62
CA ASN M 71 -19.92 9.93 -28.32
C ASN M 71 -19.03 9.58 -27.12
N LYS M 72 -18.24 10.53 -26.64
CA LYS M 72 -17.36 10.24 -25.52
C LYS M 72 -17.23 11.41 -24.54
N LEU M 73 -17.56 11.13 -23.29
CA LEU M 73 -17.52 12.14 -22.26
C LEU M 73 -16.93 11.63 -20.96
N VAL M 74 -16.35 12.56 -20.20
CA VAL M 74 -15.77 12.27 -18.88
C VAL M 74 -16.78 12.78 -17.88
N LEU M 75 -17.64 11.87 -17.44
CA LEU M 75 -18.71 12.19 -16.51
C LEU M 75 -18.27 12.05 -15.05
N TYR M 76 -18.22 13.17 -14.35
CA TYR M 76 -17.85 13.17 -12.94
C TYR M 76 -19.09 12.96 -12.06
N THR M 77 -18.87 12.45 -10.86
CA THR M 77 -19.97 12.24 -9.94
C THR M 77 -19.34 11.87 -8.63
N ASN M 78 -20.11 11.91 -7.56
CA ASN M 78 -19.53 11.52 -6.28
C ASN M 78 -20.15 10.21 -5.81
N SER M 79 -20.88 9.57 -6.71
CA SER M 79 -21.51 8.32 -6.36
C SER M 79 -20.66 7.12 -6.71
N MET M 80 -20.03 6.52 -5.73
CA MET M 80 -19.25 5.35 -6.04
C MET M 80 -20.24 4.26 -6.35
N PHE M 81 -21.37 4.28 -5.65
CA PHE M 81 -22.39 3.29 -5.87
C PHE M 81 -22.78 3.25 -7.32
N THR M 82 -22.68 4.38 -8.01
CA THR M 82 -23.06 4.41 -9.41
C THR M 82 -21.88 3.92 -10.23
N ILE M 83 -20.73 4.54 -10.02
CA ILE M 83 -19.54 4.15 -10.73
C ILE M 83 -19.27 2.65 -10.58
N ASN M 84 -19.21 2.17 -9.34
CA ASN M 84 -18.96 0.76 -9.08
C ASN M 84 -20.01 -0.12 -9.73
N GLY M 85 -21.24 0.36 -9.79
CA GLY M 85 -22.26 -0.43 -10.44
C GLY M 85 -21.96 -0.49 -11.92
N ILE M 86 -22.23 0.62 -12.57
CA ILE M 86 -22.04 0.72 -14.00
C ILE M 86 -20.75 0.10 -14.53
N THR M 87 -19.64 0.15 -13.79
CA THR M 87 -18.44 -0.43 -14.35
C THR M 87 -17.91 -1.73 -13.77
N ASN M 88 -18.67 -2.34 -12.85
CA ASN M 88 -18.22 -3.59 -12.25
C ASN M 88 -19.39 -4.48 -11.82
N TRP M 89 -20.02 -4.11 -10.73
CA TRP M 89 -21.14 -4.86 -10.19
C TRP M 89 -22.13 -5.35 -11.25
N VAL M 90 -22.48 -4.48 -12.17
CA VAL M 90 -23.42 -4.83 -13.22
C VAL M 90 -23.02 -6.11 -13.96
N GLN M 91 -21.93 -6.04 -14.73
CA GLN M 91 -21.40 -7.17 -15.50
C GLN M 91 -21.69 -8.49 -14.79
N GLY M 92 -21.23 -8.61 -13.55
CA GLY M 92 -21.48 -9.82 -12.79
C GLY M 92 -22.97 -10.05 -12.75
N TRP M 93 -23.67 -9.22 -11.99
CA TRP M 93 -25.12 -9.30 -11.82
C TRP M 93 -25.93 -9.87 -12.98
N LYS M 94 -25.53 -9.53 -14.18
CA LYS M 94 -26.23 -9.99 -15.37
C LYS M 94 -26.11 -11.50 -15.46
N LYS M 95 -24.89 -11.99 -15.30
CA LYS M 95 -24.62 -13.42 -15.36
C LYS M 95 -25.05 -14.13 -14.07
N ASN M 96 -26.28 -13.91 -13.59
CA ASN M 96 -26.72 -14.59 -12.37
C ASN M 96 -28.03 -14.11 -11.75
N GLY M 97 -28.88 -13.52 -12.58
CA GLY M 97 -30.18 -13.07 -12.12
C GLY M 97 -30.22 -11.81 -11.29
N TRP M 98 -29.14 -11.02 -11.30
CA TRP M 98 -29.16 -9.81 -10.52
C TRP M 98 -29.44 -10.16 -9.07
N LYS M 99 -28.51 -10.88 -8.46
CA LYS M 99 -28.64 -11.29 -7.08
C LYS M 99 -27.48 -10.68 -6.30
N THR M 100 -27.79 -10.02 -5.20
CA THR M 100 -26.73 -9.40 -4.42
C THR M 100 -25.78 -10.40 -3.79
N SER M 101 -24.59 -9.92 -3.48
CA SER M 101 -23.56 -10.73 -2.86
C SER M 101 -24.02 -11.42 -1.59
N ALA M 102 -25.29 -11.26 -1.24
CA ALA M 102 -25.80 -11.90 -0.04
C ALA M 102 -27.01 -12.76 -0.43
N GLY M 103 -27.18 -12.90 -1.73
CA GLY M 103 -28.27 -13.72 -2.26
C GLY M 103 -29.67 -13.12 -2.23
N LYS M 104 -29.85 -11.98 -2.88
CA LYS M 104 -31.17 -11.38 -2.95
C LYS M 104 -31.22 -10.27 -3.99
N GLU M 105 -32.39 -10.16 -4.61
CA GLU M 105 -32.69 -9.21 -5.67
C GLU M 105 -31.88 -7.92 -5.65
N VAL M 106 -31.08 -7.70 -6.71
CA VAL M 106 -30.29 -6.47 -6.80
C VAL M 106 -31.30 -5.34 -6.90
N ILE M 107 -31.53 -4.71 -5.76
CA ILE M 107 -32.49 -3.64 -5.61
C ILE M 107 -32.58 -2.61 -6.70
N ASN M 108 -31.44 -2.06 -7.12
CA ASN M 108 -31.52 -1.02 -8.12
C ASN M 108 -31.36 -1.47 -9.57
N LYS M 109 -31.76 -2.71 -9.82
CA LYS M 109 -31.70 -3.31 -11.14
C LYS M 109 -32.25 -2.38 -12.21
N GLU M 110 -33.56 -2.20 -12.18
CA GLU M 110 -34.29 -1.35 -13.12
C GLU M 110 -33.50 -0.12 -13.50
N ASP M 111 -32.92 0.52 -12.49
CA ASP M 111 -32.13 1.72 -12.70
C ASP M 111 -30.89 1.44 -13.53
N PHE M 112 -30.05 0.51 -13.05
CA PHE M 112 -28.83 0.16 -13.76
C PHE M 112 -29.10 -0.32 -15.15
N VAL M 113 -30.14 -1.13 -15.32
CA VAL M 113 -30.46 -1.61 -16.65
C VAL M 113 -30.56 -0.39 -17.57
N ALA M 114 -31.46 0.52 -17.22
CA ALA M 114 -31.63 1.73 -18.01
C ALA M 114 -30.24 2.32 -18.29
N LEU M 115 -29.54 2.66 -17.23
CA LEU M 115 -28.21 3.24 -17.37
C LEU M 115 -27.33 2.45 -18.31
N GLU M 116 -27.30 1.12 -18.18
CA GLU M 116 -26.45 0.34 -19.07
C GLU M 116 -26.95 0.47 -20.51
N ARG M 117 -28.26 0.50 -20.69
CA ARG M 117 -28.82 0.64 -22.02
C ARG M 117 -28.19 1.85 -22.69
N LEU M 118 -27.95 2.91 -21.90
CA LEU M 118 -27.36 4.11 -22.48
C LEU M 118 -25.85 4.14 -22.59
N THR M 119 -25.12 3.32 -21.86
CA THR M 119 -23.67 3.36 -22.04
C THR M 119 -23.37 2.96 -23.49
N GLN M 120 -24.23 2.09 -24.03
CA GLN M 120 -24.12 1.56 -25.40
C GLN M 120 -23.64 2.54 -26.49
N GLY M 121 -22.45 2.28 -27.02
CA GLY M 121 -21.91 3.13 -28.07
C GLY M 121 -21.25 4.40 -27.56
N MET M 122 -21.48 4.68 -26.29
CA MET M 122 -20.91 5.84 -25.64
C MET M 122 -19.57 5.47 -25.04
N ASP M 123 -18.61 6.38 -25.03
CA ASP M 123 -17.35 6.05 -24.38
C ASP M 123 -17.19 6.89 -23.12
N ILE M 124 -18.01 6.57 -22.11
CA ILE M 124 -17.99 7.29 -20.85
C ILE M 124 -16.72 7.00 -20.07
N GLN M 125 -16.17 8.05 -19.49
CA GLN M 125 -14.98 7.90 -18.68
C GLN M 125 -15.44 8.32 -17.26
N TRP M 126 -16.05 7.37 -16.54
CA TRP M 126 -16.56 7.65 -15.20
C TRP M 126 -15.50 8.10 -14.23
N MET M 127 -15.62 9.33 -13.78
CA MET M 127 -14.68 9.89 -12.84
C MET M 127 -15.41 10.22 -11.54
N HIS M 128 -14.69 10.15 -10.42
CA HIS M 128 -15.26 10.43 -9.11
C HIS M 128 -14.70 11.69 -8.48
N VAL M 129 -15.60 12.55 -8.00
CA VAL M 129 -15.20 13.78 -7.32
C VAL M 129 -15.65 13.70 -5.89
N PRO M 130 -14.80 14.16 -4.97
CA PRO M 130 -15.07 14.16 -3.54
C PRO M 130 -16.34 14.91 -3.18
N GLY M 131 -16.78 14.70 -1.94
CA GLY M 131 -17.98 15.33 -1.44
C GLY M 131 -17.87 16.83 -1.40
N HIS M 132 -18.08 17.40 -0.22
CA HIS M 132 -18.04 18.83 -0.06
C HIS M 132 -16.62 19.37 -0.09
N SER M 133 -15.76 18.63 -0.77
CA SER M 133 -14.36 18.99 -0.91
C SER M 133 -14.06 20.29 -1.67
N GLY M 134 -15.09 20.98 -2.16
CA GLY M 134 -14.86 22.25 -2.85
C GLY M 134 -14.77 22.30 -4.36
N PHE M 135 -14.97 21.19 -5.03
CA PHE M 135 -14.89 21.17 -6.47
C PHE M 135 -16.09 21.81 -7.12
N ILE M 136 -15.89 22.95 -7.75
CA ILE M 136 -16.97 23.66 -8.42
C ILE M 136 -17.92 22.78 -9.19
N GLY M 137 -17.42 22.18 -10.25
CA GLY M 137 -18.26 21.32 -11.06
C GLY M 137 -19.27 20.52 -10.28
N ASN M 138 -18.81 19.89 -9.20
CA ASN M 138 -19.72 19.10 -8.42
C ASN M 138 -20.68 19.96 -7.62
N GLU M 139 -20.20 21.07 -7.06
CA GLU M 139 -21.13 21.89 -6.27
C GLU M 139 -22.21 22.57 -7.11
N GLU M 140 -21.92 22.83 -8.38
CA GLU M 140 -22.92 23.45 -9.22
C GLU M 140 -23.92 22.39 -9.62
N ALA M 141 -23.47 21.16 -9.77
CA ALA M 141 -24.39 20.10 -10.14
C ALA M 141 -25.24 19.77 -8.94
N ASP M 142 -24.66 19.89 -7.76
CA ASP M 142 -25.39 19.62 -6.53
C ASP M 142 -26.45 20.70 -6.49
N ARG M 143 -25.99 21.94 -6.63
CA ARG M 143 -26.89 23.06 -6.63
C ARG M 143 -28.07 22.70 -7.50
N LEU M 144 -27.82 22.31 -8.74
CA LEU M 144 -28.89 21.98 -9.64
C LEU M 144 -29.81 20.86 -9.17
N ALA M 145 -29.22 19.74 -8.76
CA ALA M 145 -30.01 18.60 -8.30
C ALA M 145 -31.01 18.95 -7.20
N ARG M 146 -30.74 20.00 -6.41
CA ARG M 146 -31.68 20.38 -5.36
C ARG M 146 -32.85 21.12 -5.98
N GLU M 147 -32.55 22.11 -6.80
CA GLU M 147 -33.57 22.89 -7.47
C GLU M 147 -34.46 21.95 -8.26
N GLY M 148 -34.03 20.70 -8.41
CA GLY M 148 -34.81 19.73 -9.16
C GLY M 148 -35.82 19.05 -8.27
N ALA M 149 -35.52 19.07 -6.98
CA ALA M 149 -36.40 18.46 -6.00
C ALA M 149 -37.05 19.58 -5.21
N LYS M 150 -37.03 20.79 -5.75
CA LYS M 150 -37.60 21.94 -5.06
C LYS M 150 -38.98 21.71 -4.48
N GLN M 151 -39.19 22.29 -3.30
CA GLN M 151 -40.42 22.16 -2.55
C GLN M 151 -41.70 22.67 -3.19
N SER M 152 -41.57 23.58 -4.16
CA SER M 152 -42.74 24.16 -4.84
C SER M 152 -43.30 25.34 -4.04
N GLU M 153 -42.94 25.42 -2.76
CA GLU M 153 -43.40 26.50 -1.88
C GLU M 153 -43.11 27.83 -2.59
N ASP M 154 -41.83 28.15 -2.76
CA ASP M 154 -41.36 29.35 -3.45
C ASP M 154 -39.95 29.16 -4.02
N SER N 2 -29.93 29.11 52.54
CA SER N 2 -29.43 27.74 52.26
C SER N 2 -28.06 27.79 51.57
N HIS N 3 -27.19 26.83 51.91
CA HIS N 3 -25.86 26.70 51.30
C HIS N 3 -25.03 28.00 51.19
N MET N 4 -23.71 27.82 51.13
CA MET N 4 -22.75 28.92 51.07
C MET N 4 -22.53 29.54 49.68
N GLY N 5 -21.33 29.33 49.12
CA GLY N 5 -20.96 29.85 47.80
C GLY N 5 -19.51 29.44 47.55
N ASP N 6 -19.08 29.21 46.31
CA ASP N 6 -17.70 28.72 46.14
C ASP N 6 -16.83 29.00 44.90
N PHE N 7 -17.46 29.26 43.75
CA PHE N 7 -16.77 29.47 42.45
C PHE N 7 -16.59 30.90 41.96
N VAL N 8 -16.05 31.02 40.75
CA VAL N 8 -15.85 32.31 40.08
C VAL N 8 -16.50 32.22 38.69
N VAL N 9 -17.03 33.33 38.20
CA VAL N 9 -17.70 33.34 36.90
C VAL N 9 -16.80 33.89 35.81
N VAL N 10 -17.05 33.49 34.58
CA VAL N 10 -16.27 33.96 33.45
C VAL N 10 -17.02 33.80 32.14
N TYR N 11 -16.95 34.82 31.30
CA TYR N 11 -17.61 34.79 30.01
C TYR N 11 -16.57 34.60 28.94
N THR N 12 -16.88 33.80 27.92
CA THR N 12 -15.93 33.59 26.82
C THR N 12 -16.61 33.62 25.44
N ASP N 13 -15.89 34.16 24.45
CA ASP N 13 -16.40 34.24 23.08
C ASP N 13 -15.30 34.08 22.05
N GLY N 14 -15.65 33.41 20.95
CA GLY N 14 -14.74 33.17 19.85
C GLY N 14 -15.43 33.53 18.55
N CYS N 15 -14.79 34.34 17.72
CA CYS N 15 -15.41 34.79 16.47
C CYS N 15 -14.55 34.63 15.23
N CYS N 16 -15.21 34.42 14.09
CA CYS N 16 -14.48 34.31 12.84
C CYS N 16 -15.15 35.24 11.85
N SER N 17 -14.30 36.09 11.26
CA SER N 17 -14.68 37.15 10.35
C SER N 17 -15.04 36.88 8.90
N SER N 18 -14.94 37.97 8.14
CA SER N 18 -15.22 38.09 6.72
C SER N 18 -14.98 36.83 5.91
N ASN N 19 -16.00 35.97 5.85
CA ASN N 19 -15.91 34.73 5.09
C ASN N 19 -15.67 35.07 3.62
N GLY N 20 -14.75 34.33 3.00
CA GLY N 20 -14.42 34.55 1.60
C GLY N 20 -12.97 34.16 1.32
N ARG N 21 -12.06 35.11 1.51
CA ARG N 21 -10.64 34.88 1.28
C ARG N 21 -9.91 36.14 1.68
N ARG N 22 -10.45 37.29 1.28
CA ARG N 22 -9.87 38.61 1.59
C ARG N 22 -9.46 38.52 3.04
N ARG N 23 -10.19 37.69 3.77
CA ARG N 23 -9.91 37.53 5.18
C ARG N 23 -9.61 36.13 5.80
N PRO N 24 -10.51 35.71 6.71
CA PRO N 24 -10.91 34.72 7.68
C PRO N 24 -9.99 34.93 8.85
N ARG N 25 -10.34 35.95 9.63
CA ARG N 25 -9.62 36.37 10.82
C ARG N 25 -10.47 35.95 12.01
N ALA N 26 -9.89 35.23 12.94
CA ALA N 26 -10.64 34.80 14.10
C ALA N 26 -9.91 35.38 15.31
N GLY N 27 -10.69 35.73 16.33
CA GLY N 27 -10.10 36.29 17.53
C GLY N 27 -10.66 35.63 18.76
N ILE N 28 -9.89 35.66 19.84
CA ILE N 28 -10.32 35.07 21.09
C ILE N 28 -10.68 36.24 21.96
N GLY N 29 -11.50 36.01 22.97
CA GLY N 29 -11.88 37.09 23.85
C GLY N 29 -12.44 36.50 25.13
N VAL N 30 -11.84 36.85 26.27
CA VAL N 30 -12.34 36.35 27.54
C VAL N 30 -12.45 37.47 28.56
N TYR N 31 -13.63 37.55 29.16
CA TYR N 31 -14.00 38.58 30.11
C TYR N 31 -14.12 37.96 31.51
N TRP N 32 -13.78 38.73 32.53
CA TRP N 32 -13.85 38.26 33.91
C TRP N 32 -14.53 39.32 34.71
N GLY N 33 -14.82 40.45 34.06
CA GLY N 33 -15.47 41.54 34.76
C GLY N 33 -14.85 42.87 34.41
N PRO N 34 -15.52 43.98 34.75
CA PRO N 34 -15.03 45.33 34.46
C PRO N 34 -13.59 45.59 34.83
N GLY N 35 -12.85 46.09 33.85
CA GLY N 35 -11.44 46.41 34.02
C GLY N 35 -10.53 45.38 34.65
N HIS N 36 -11.09 44.23 34.99
CA HIS N 36 -10.32 43.15 35.60
C HIS N 36 -9.16 42.77 34.69
N PRO N 37 -7.93 42.75 35.24
CA PRO N 37 -6.64 42.43 34.60
C PRO N 37 -6.58 41.25 33.63
N LEU N 38 -7.17 40.12 34.00
CA LEU N 38 -7.18 38.94 33.14
C LEU N 38 -8.06 39.10 31.89
N ASN N 39 -8.91 40.14 31.87
CA ASN N 39 -9.73 40.38 30.70
C ASN N 39 -8.73 40.53 29.60
N VAL N 40 -8.97 39.82 28.51
CA VAL N 40 -8.07 39.88 27.40
C VAL N 40 -8.80 39.48 26.13
N GLY N 41 -8.35 40.00 24.99
CA GLY N 41 -8.99 39.68 23.74
C GLY N 41 -7.97 39.62 22.62
N ILE N 42 -7.16 38.58 22.58
CA ILE N 42 -6.14 38.44 21.54
C ILE N 42 -6.62 37.75 20.27
N ARG N 43 -5.70 37.56 19.33
CA ARG N 43 -6.03 36.91 18.06
C ARG N 43 -5.74 35.40 18.12
N LEU N 44 -6.59 34.63 17.42
CA LEU N 44 -6.48 33.17 17.37
C LEU N 44 -5.36 32.68 16.48
N PRO N 45 -4.38 31.98 17.07
CA PRO N 45 -3.24 31.48 16.32
C PRO N 45 -3.55 30.15 15.65
N GLY N 46 -3.53 30.13 14.33
CA GLY N 46 -3.77 28.87 13.63
C GLY N 46 -4.62 28.89 12.39
N ARG N 47 -5.42 27.85 12.24
CA ARG N 47 -6.33 27.72 11.11
C ARG N 47 -7.55 28.52 11.53
N GLN N 48 -7.62 29.75 11.04
CA GLN N 48 -8.69 30.67 11.37
C GLN N 48 -10.10 30.14 11.17
N THR N 49 -10.79 29.82 12.27
CA THR N 49 -12.17 29.36 12.16
C THR N 49 -13.06 29.59 13.35
N ASN N 50 -14.33 29.66 13.00
CA ASN N 50 -15.45 29.84 13.89
C ASN N 50 -15.32 28.95 15.13
N GLN N 51 -15.64 27.68 14.94
CA GLN N 51 -15.60 26.68 16.00
C GLN N 51 -14.30 26.65 16.79
N ARG N 52 -13.20 26.47 16.07
CA ARG N 52 -11.89 26.40 16.68
C ARG N 52 -11.58 27.52 17.70
N ALA N 53 -11.79 28.76 17.27
CA ALA N 53 -11.55 29.93 18.13
C ALA N 53 -12.41 29.80 19.36
N GLU N 54 -13.71 29.69 19.12
CA GLU N 54 -14.69 29.55 20.20
C GLU N 54 -14.25 28.52 21.23
N ILE N 55 -13.32 27.64 20.88
CA ILE N 55 -12.87 26.64 21.83
C ILE N 55 -11.67 27.12 22.61
N HIS N 56 -10.57 27.38 21.89
CA HIS N 56 -9.34 27.86 22.53
C HIS N 56 -9.67 29.05 23.40
N ALA N 57 -10.73 29.76 23.02
CA ALA N 57 -11.16 30.91 23.77
C ALA N 57 -11.66 30.43 25.13
N ALA N 58 -11.75 29.12 25.28
CA ALA N 58 -12.19 28.54 26.53
C ALA N 58 -10.93 28.01 27.22
N CYS N 59 -9.93 27.67 26.42
CA CYS N 59 -8.69 27.19 26.99
C CYS N 59 -8.09 28.35 27.80
N LYS N 60 -7.74 29.43 27.10
CA LYS N 60 -7.18 30.61 27.76
C LYS N 60 -7.93 30.86 29.04
N ALA N 61 -9.25 30.90 28.96
CA ALA N 61 -10.06 31.13 30.14
C ALA N 61 -9.55 30.31 31.31
N ILE N 62 -9.77 29.01 31.29
CA ILE N 62 -9.30 28.17 32.41
C ILE N 62 -7.80 28.23 32.59
N GLU N 63 -7.08 28.32 31.48
CA GLU N 63 -5.63 28.39 31.54
C GLU N 63 -5.21 29.53 32.48
N GLN N 64 -5.95 30.63 32.43
CA GLN N 64 -5.69 31.77 33.28
C GLN N 64 -6.26 31.41 34.62
N ALA N 65 -7.31 30.61 34.61
CA ALA N 65 -7.94 30.18 35.85
C ALA N 65 -6.84 29.51 36.66
N LYS N 66 -5.97 28.79 35.95
CA LYS N 66 -4.84 28.11 36.55
C LYS N 66 -3.93 29.15 37.21
N THR N 67 -3.49 30.12 36.40
CA THR N 67 -2.63 31.19 36.86
C THR N 67 -3.33 32.07 37.89
N GLN N 68 -4.14 31.44 38.74
CA GLN N 68 -4.89 32.14 39.77
C GLN N 68 -5.23 31.14 40.86
N ASN N 69 -4.76 29.92 40.68
CA ASN N 69 -5.01 28.85 41.64
C ASN N 69 -6.49 28.66 41.92
N ILE N 70 -7.33 28.98 40.93
CA ILE N 70 -8.77 28.83 41.09
C ILE N 70 -9.06 27.36 40.79
N ASN N 71 -9.87 26.72 41.63
CA ASN N 71 -10.20 25.30 41.44
C ASN N 71 -11.58 25.05 40.82
N LYS N 72 -12.45 26.06 40.78
CA LYS N 72 -13.76 25.87 40.20
C LYS N 72 -14.48 27.13 39.75
N LEU N 73 -14.84 27.17 38.47
CA LEU N 73 -15.53 28.32 37.89
C LEU N 73 -16.79 27.94 37.12
N VAL N 74 -17.48 28.98 36.68
CA VAL N 74 -18.68 28.84 35.88
C VAL N 74 -18.29 29.54 34.59
N LEU N 75 -18.19 28.77 33.51
CA LEU N 75 -17.81 29.34 32.23
C LEU N 75 -19.00 29.57 31.32
N TYR N 76 -19.17 30.81 30.91
CA TYR N 76 -20.26 31.17 30.04
C TYR N 76 -19.85 31.22 28.57
N THR N 77 -20.70 30.70 27.70
CA THR N 77 -20.41 30.72 26.29
C THR N 77 -21.71 30.53 25.52
N ASN N 78 -21.71 30.95 24.25
CA ASN N 78 -22.90 30.81 23.44
C ASN N 78 -22.79 29.60 22.56
N SER N 79 -21.58 29.06 22.38
CA SER N 79 -21.43 27.90 21.50
C SER N 79 -21.52 26.57 22.22
N MET N 80 -22.60 25.85 21.99
CA MET N 80 -22.71 24.56 22.64
C MET N 80 -22.09 23.48 21.78
N PHE N 81 -21.08 23.88 21.02
CA PHE N 81 -20.33 22.94 20.22
C PHE N 81 -19.20 22.65 21.19
N THR N 82 -18.59 23.70 21.68
CA THR N 82 -17.53 23.55 22.65
C THR N 82 -18.17 22.79 23.81
N ILE N 83 -19.27 23.31 24.32
CA ILE N 83 -19.92 22.66 25.44
C ILE N 83 -20.19 21.19 25.14
N ASN N 84 -21.12 20.92 24.24
CA ASN N 84 -21.46 19.54 23.89
C ASN N 84 -20.17 18.74 23.68
N GLY N 85 -19.24 19.30 22.94
CA GLY N 85 -17.98 18.60 22.71
C GLY N 85 -17.29 18.15 23.98
N ILE N 86 -17.12 19.07 24.94
CA ILE N 86 -16.44 18.75 26.18
C ILE N 86 -17.33 18.02 27.18
N THR N 87 -18.61 18.36 27.20
CA THR N 87 -19.51 17.71 28.15
C THR N 87 -20.06 16.38 27.67
N ASN N 88 -19.64 15.93 26.49
CA ASN N 88 -20.20 14.68 26.00
C ASN N 88 -19.45 13.95 24.91
N TRP N 89 -19.47 14.49 23.72
CA TRP N 89 -18.81 13.83 22.61
C TRP N 89 -17.33 13.50 22.75
N VAL N 90 -16.67 13.90 23.83
CA VAL N 90 -15.25 13.57 23.93
C VAL N 90 -15.03 12.14 24.39
N GLN N 91 -15.59 11.77 25.53
CA GLN N 91 -15.45 10.41 26.03
C GLN N 91 -15.69 9.46 24.86
N GLY N 92 -16.75 9.72 24.12
CA GLY N 92 -17.05 8.89 22.96
C GLY N 92 -15.85 8.89 22.04
N TRP N 93 -15.45 10.07 21.59
CA TRP N 93 -14.31 10.16 20.68
C TRP N 93 -13.07 9.45 21.21
N LYS N 94 -12.97 9.34 22.54
CA LYS N 94 -11.81 8.67 23.13
C LYS N 94 -11.96 7.16 23.00
N LYS N 95 -13.20 6.70 22.83
CA LYS N 95 -13.47 5.28 22.67
C LYS N 95 -13.78 4.93 21.23
N ASN N 96 -13.13 5.61 20.30
CA ASN N 96 -13.36 5.32 18.89
C ASN N 96 -12.27 5.93 18.02
N GLY N 97 -11.12 6.18 18.63
CA GLY N 97 -10.01 6.77 17.88
C GLY N 97 -10.40 8.11 17.30
N TRP N 98 -11.43 8.70 17.90
CA TRP N 98 -11.94 9.99 17.47
C TRP N 98 -12.43 9.89 16.04
N LYS N 99 -13.61 9.29 15.92
CA LYS N 99 -14.25 9.12 14.63
C LYS N 99 -15.65 9.72 14.71
N THR N 100 -15.91 10.64 13.79
CA THR N 100 -17.22 11.29 13.73
C THR N 100 -18.27 10.21 13.63
N SER N 101 -19.44 10.46 14.18
CA SER N 101 -20.51 9.49 14.07
C SER N 101 -20.95 9.54 12.62
N ALA N 102 -20.00 9.19 11.75
CA ALA N 102 -20.19 9.17 10.32
C ALA N 102 -18.88 8.75 9.63
N GLY N 103 -18.09 7.91 10.33
CA GLY N 103 -16.86 7.39 9.76
C GLY N 103 -15.59 8.24 9.69
N LYS N 104 -15.72 9.54 9.45
CA LYS N 104 -14.54 10.40 9.34
C LYS N 104 -13.94 10.86 10.67
N GLU N 105 -12.83 11.61 10.61
CA GLU N 105 -12.17 12.04 11.84
C GLU N 105 -12.66 13.38 12.40
N VAL N 106 -12.95 13.42 13.71
CA VAL N 106 -13.41 14.64 14.35
C VAL N 106 -12.31 15.69 14.29
N ILE N 107 -12.48 16.58 13.32
CA ILE N 107 -11.59 17.68 12.98
C ILE N 107 -10.98 18.52 14.07
N ASN N 108 -11.76 18.76 15.13
CA ASN N 108 -11.28 19.59 16.20
C ASN N 108 -10.77 18.78 17.35
N LYS N 109 -10.28 17.59 17.04
CA LYS N 109 -9.72 16.71 18.06
C LYS N 109 -8.53 17.47 18.65
N GLU N 110 -7.62 17.85 17.77
CA GLU N 110 -6.44 18.61 18.16
C GLU N 110 -6.86 19.70 19.15
N ASP N 111 -8.03 20.27 18.92
CA ASP N 111 -8.56 21.32 19.78
C ASP N 111 -9.20 20.72 21.02
N PHE N 112 -10.25 19.94 20.84
CA PHE N 112 -10.90 19.32 21.98
C PHE N 112 -9.91 18.56 22.84
N VAL N 113 -8.79 18.14 22.26
CA VAL N 113 -7.76 17.44 23.04
C VAL N 113 -7.17 18.46 23.99
N ALA N 114 -6.41 19.40 23.43
CA ALA N 114 -5.79 20.45 24.22
C ALA N 114 -6.79 20.96 25.26
N LEU N 115 -8.04 21.18 24.87
CA LEU N 115 -9.00 21.68 25.82
C LEU N 115 -9.20 20.75 27.00
N GLU N 116 -9.46 19.47 26.74
CA GLU N 116 -9.67 18.51 27.82
C GLU N 116 -8.45 18.44 28.75
N ARG N 117 -7.28 18.79 28.22
CA ARG N 117 -6.08 18.77 29.03
C ARG N 117 -6.29 19.70 30.21
N LEU N 118 -6.31 21.00 29.95
CA LEU N 118 -6.50 22.01 31.00
C LEU N 118 -7.65 21.66 31.93
N THR N 119 -8.62 20.92 31.43
CA THR N 119 -9.76 20.51 32.24
C THR N 119 -9.29 19.61 33.37
N GLN N 120 -8.03 19.21 33.31
CA GLN N 120 -7.43 18.34 34.31
C GLN N 120 -7.45 18.92 35.71
N GLY N 121 -7.99 18.16 36.65
CA GLY N 121 -8.06 18.60 38.02
C GLY N 121 -9.08 19.70 38.23
N MET N 122 -9.12 20.61 37.26
CA MET N 122 -10.04 21.73 37.30
C MET N 122 -11.50 21.27 37.25
N ASP N 123 -12.40 22.04 37.86
CA ASP N 123 -13.81 21.70 37.82
C ASP N 123 -14.64 22.81 37.15
N ILE N 124 -14.87 22.64 35.84
CA ILE N 124 -15.61 23.60 35.02
C ILE N 124 -17.10 23.29 34.97
N GLN N 125 -17.94 24.29 35.15
CA GLN N 125 -19.36 24.04 35.05
C GLN N 125 -19.82 24.93 33.89
N TRP N 126 -19.85 24.35 32.70
CA TRP N 126 -20.23 25.07 31.47
C TRP N 126 -21.66 25.59 31.44
N MET N 127 -21.79 26.82 30.96
CA MET N 127 -23.08 27.49 30.87
C MET N 127 -23.31 28.03 29.46
N HIS N 128 -24.33 27.50 28.79
CA HIS N 128 -24.66 27.93 27.44
C HIS N 128 -25.62 29.10 27.53
N VAL N 129 -25.43 30.07 26.64
CA VAL N 129 -26.28 31.27 26.61
C VAL N 129 -26.80 31.58 25.21
N PRO N 130 -28.12 31.42 25.00
CA PRO N 130 -28.77 31.69 23.73
C PRO N 130 -28.42 33.06 23.20
N GLY N 131 -27.91 33.10 21.98
CA GLY N 131 -27.54 34.36 21.36
C GLY N 131 -28.39 35.51 21.84
N HIS N 132 -27.77 36.68 22.02
CA HIS N 132 -28.52 37.84 22.49
C HIS N 132 -29.16 37.41 23.79
N SER N 133 -28.44 36.53 24.48
CA SER N 133 -28.84 35.96 25.77
C SER N 133 -29.15 37.03 26.79
N GLY N 134 -28.83 36.71 28.04
CA GLY N 134 -29.02 37.65 29.12
C GLY N 134 -27.62 37.92 29.61
N PHE N 135 -27.43 39.06 30.27
CA PHE N 135 -26.14 39.47 30.83
C PHE N 135 -25.12 40.01 29.85
N ILE N 136 -24.85 41.30 30.01
CA ILE N 136 -23.90 42.03 29.19
C ILE N 136 -22.59 41.26 29.11
N GLY N 137 -22.31 40.50 30.16
CA GLY N 137 -21.09 39.72 30.20
C GLY N 137 -20.73 39.15 28.85
N ASN N 138 -21.73 38.61 28.17
CA ASN N 138 -21.50 38.04 26.86
C ASN N 138 -21.12 39.11 25.86
N GLU N 139 -21.96 40.13 25.70
CA GLU N 139 -21.65 41.18 24.74
C GLU N 139 -20.26 41.76 24.93
N GLU N 140 -19.71 41.57 26.12
CA GLU N 140 -18.38 42.07 26.47
C GLU N 140 -17.24 41.17 25.97
N ALA N 141 -17.29 39.90 26.33
CA ALA N 141 -16.25 38.99 25.88
C ALA N 141 -16.33 39.09 24.37
N ASP N 142 -17.55 38.88 23.90
CA ASP N 142 -17.94 38.94 22.49
C ASP N 142 -17.22 40.09 21.79
N ARG N 143 -17.05 41.18 22.54
CA ARG N 143 -16.43 42.41 22.04
C ARG N 143 -14.92 42.37 21.91
N LEU N 144 -14.27 41.66 22.84
CA LEU N 144 -12.82 41.52 22.82
C LEU N 144 -12.48 40.62 21.65
N ALA N 145 -13.31 39.60 21.45
CA ALA N 145 -13.09 38.67 20.36
C ALA N 145 -12.77 39.51 19.13
N ARG N 146 -13.71 40.36 18.74
CA ARG N 146 -13.57 41.22 17.57
C ARG N 146 -12.29 42.05 17.63
N GLU N 147 -12.01 42.62 18.80
CA GLU N 147 -10.80 43.41 18.96
C GLU N 147 -9.59 42.52 18.78
N GLY N 148 -9.72 41.27 19.21
CA GLY N 148 -8.63 40.34 19.07
C GLY N 148 -8.38 40.10 17.59
N ALA N 149 -9.43 39.68 16.90
CA ALA N 149 -9.34 39.37 15.48
C ALA N 149 -8.69 40.49 14.67
N LYS N 150 -8.52 41.65 15.29
CA LYS N 150 -7.92 42.76 14.57
C LYS N 150 -6.39 42.71 14.58
N GLN N 151 -5.81 42.25 15.69
CA GLN N 151 -4.36 42.15 15.82
C GLN N 151 -3.75 41.19 14.81
N SER N 152 -2.45 41.30 14.58
CA SER N 152 -1.75 40.43 13.65
C SER N 152 -1.16 39.22 14.36
N HIS O 3 -8.83 -34.27 32.27
CA HIS O 3 -8.32 -33.41 33.38
C HIS O 3 -6.79 -33.40 33.44
N MET O 4 -6.15 -32.53 32.66
CA MET O 4 -4.68 -32.46 32.62
C MET O 4 -4.01 -31.12 32.94
N GLY O 5 -3.06 -31.16 33.86
CA GLY O 5 -2.34 -29.97 34.26
C GLY O 5 -2.97 -29.24 35.42
N ASP O 6 -3.61 -29.98 36.32
CA ASP O 6 -4.28 -29.39 37.49
C ASP O 6 -5.56 -28.69 37.02
N PHE O 7 -5.76 -28.71 35.70
CA PHE O 7 -6.92 -28.11 35.08
C PHE O 7 -7.87 -29.23 34.71
N VAL O 8 -9.15 -29.10 35.06
CA VAL O 8 -10.11 -30.14 34.71
C VAL O 8 -10.90 -29.78 33.43
N VAL O 9 -10.67 -30.58 32.39
CA VAL O 9 -11.28 -30.39 31.07
C VAL O 9 -12.78 -30.68 30.98
N VAL O 10 -13.52 -29.82 30.29
CA VAL O 10 -14.96 -30.00 30.11
C VAL O 10 -15.43 -29.53 28.73
N TYR O 11 -16.60 -29.99 28.31
CA TYR O 11 -17.14 -29.58 27.01
C TYR O 11 -18.55 -29.06 27.14
N THR O 12 -18.79 -27.94 26.48
CA THR O 12 -20.11 -27.35 26.52
C THR O 12 -20.52 -27.36 25.09
N ASP O 13 -21.79 -27.08 24.90
CA ASP O 13 -22.38 -26.99 23.60
C ASP O 13 -23.80 -26.59 23.82
N GLY O 14 -24.30 -25.72 22.97
CA GLY O 14 -25.67 -25.29 23.06
C GLY O 14 -26.32 -25.72 21.77
N CYS O 15 -27.62 -25.81 21.74
CA CYS O 15 -28.29 -26.21 20.50
C CYS O 15 -29.65 -25.55 20.47
N CYS O 16 -30.12 -25.25 19.28
CA CYS O 16 -31.43 -24.63 19.17
C CYS O 16 -32.15 -25.09 17.94
N SER O 17 -33.01 -26.08 18.13
CA SER O 17 -33.79 -26.62 17.04
C SER O 17 -34.63 -25.47 16.55
N SER O 18 -34.79 -25.38 15.22
CA SER O 18 -35.59 -24.32 14.60
C SER O 18 -35.10 -22.95 15.08
N ASN O 19 -33.80 -22.73 14.97
CA ASN O 19 -33.18 -21.49 15.38
C ASN O 19 -33.58 -20.34 14.48
N GLY O 20 -33.98 -19.25 15.11
CA GLY O 20 -34.41 -18.07 14.36
C GLY O 20 -35.57 -18.48 13.48
N ARG O 21 -36.29 -19.49 13.93
CA ARG O 21 -37.43 -20.00 13.18
C ARG O 21 -38.70 -19.59 13.91
N ARG O 22 -39.77 -20.39 13.80
CA ARG O 22 -41.02 -20.03 14.46
C ARG O 22 -41.07 -20.37 15.95
N ARG O 23 -41.23 -21.65 16.27
CA ARG O 23 -41.31 -22.11 17.66
C ARG O 23 -40.00 -22.82 18.04
N PRO O 24 -38.94 -22.04 18.30
CA PRO O 24 -37.59 -22.50 18.67
C PRO O 24 -37.47 -23.25 19.99
N ARG O 25 -36.46 -24.13 20.08
CA ARG O 25 -36.21 -24.89 21.30
C ARG O 25 -34.72 -24.99 21.60
N ALA O 26 -34.33 -24.40 22.73
CA ALA O 26 -32.95 -24.32 23.19
C ALA O 26 -32.56 -25.35 24.22
N GLY O 27 -31.38 -25.95 24.02
CA GLY O 27 -30.88 -26.94 24.95
C GLY O 27 -29.39 -26.75 25.15
N ILE O 28 -28.92 -26.94 26.39
CA ILE O 28 -27.49 -26.81 26.66
C ILE O 28 -26.96 -28.12 27.18
N GLY O 29 -25.70 -28.39 26.89
CA GLY O 29 -25.09 -29.64 27.34
C GLY O 29 -23.66 -29.44 27.79
N VAL O 30 -23.33 -30.07 28.91
CA VAL O 30 -22.00 -29.99 29.48
C VAL O 30 -21.51 -31.42 29.62
N TYR O 31 -20.35 -31.73 29.05
CA TYR O 31 -19.84 -33.09 29.15
C TYR O 31 -18.52 -33.14 29.91
N TRP O 32 -18.40 -34.09 30.84
CA TRP O 32 -17.18 -34.22 31.61
C TRP O 32 -16.41 -35.50 31.31
N GLY O 33 -17.12 -36.54 30.86
CA GLY O 33 -16.45 -37.79 30.55
C GLY O 33 -17.42 -38.97 30.53
N PRO O 34 -16.98 -40.15 30.11
CA PRO O 34 -17.88 -41.30 30.07
C PRO O 34 -18.74 -41.33 31.32
N GLY O 35 -20.02 -41.63 31.14
CA GLY O 35 -20.95 -41.68 32.25
C GLY O 35 -20.52 -40.99 33.53
N HIS O 36 -20.18 -39.71 33.45
CA HIS O 36 -19.78 -38.90 34.60
C HIS O 36 -20.96 -38.13 35.22
N PRO O 37 -21.11 -38.20 36.56
CA PRO O 37 -22.16 -37.56 37.37
C PRO O 37 -22.63 -36.13 37.11
N LEU O 38 -21.90 -35.38 36.30
CA LEU O 38 -22.31 -34.02 36.01
C LEU O 38 -22.81 -33.86 34.58
N ASN O 39 -22.54 -34.85 33.73
CA ASN O 39 -23.02 -34.74 32.36
C ASN O 39 -24.49 -34.41 32.35
N VAL O 40 -24.83 -33.23 31.85
CA VAL O 40 -26.24 -32.85 31.79
C VAL O 40 -26.71 -32.34 30.45
N GLY O 41 -28.01 -32.47 30.23
CA GLY O 41 -28.60 -31.99 29.01
C GLY O 41 -29.82 -31.23 29.46
N ILE O 42 -29.62 -30.17 30.24
CA ILE O 42 -30.76 -29.39 30.72
C ILE O 42 -31.28 -28.44 29.65
N ARG O 43 -32.58 -28.15 29.71
CA ARG O 43 -33.21 -27.26 28.75
C ARG O 43 -32.99 -25.82 29.14
N LEU O 44 -32.63 -24.99 28.18
CA LEU O 44 -32.37 -23.57 28.43
C LEU O 44 -33.63 -22.78 28.66
N PRO O 45 -33.72 -22.11 29.81
CA PRO O 45 -34.91 -21.32 30.09
C PRO O 45 -34.85 -19.95 29.41
N GLY O 46 -35.97 -19.24 29.49
CA GLY O 46 -36.04 -17.91 28.90
C GLY O 46 -36.17 -17.88 27.39
N ARG O 47 -35.56 -16.87 26.78
CA ARG O 47 -35.58 -16.69 25.32
C ARG O 47 -34.87 -17.87 24.71
N GLN O 48 -35.25 -18.25 23.48
CA GLN O 48 -34.67 -19.43 22.85
C GLN O 48 -33.75 -19.23 21.62
N THR O 49 -32.44 -19.31 21.81
CA THR O 49 -31.54 -19.15 20.65
C THR O 49 -30.17 -19.79 20.82
N ASN O 50 -29.66 -20.33 19.72
CA ASN O 50 -28.36 -20.95 19.73
C ASN O 50 -27.38 -20.12 20.56
N GLN O 51 -27.09 -18.90 20.10
CA GLN O 51 -26.16 -17.99 20.77
C GLN O 51 -26.43 -18.04 22.26
N ARG O 52 -27.66 -17.74 22.62
CA ARG O 52 -28.10 -17.75 24.01
C ARG O 52 -27.63 -19.07 24.65
N ALA O 53 -28.13 -20.19 24.13
CA ALA O 53 -27.81 -21.51 24.64
C ALA O 53 -26.32 -21.75 24.73
N GLU O 54 -25.67 -21.62 23.58
CA GLU O 54 -24.24 -21.84 23.47
C GLU O 54 -23.43 -21.21 24.62
N ILE O 55 -23.82 -20.02 25.06
CA ILE O 55 -23.10 -19.37 26.16
C ILE O 55 -23.47 -19.93 27.51
N HIS O 56 -24.76 -19.95 27.82
CA HIS O 56 -25.18 -20.48 29.10
C HIS O 56 -24.65 -21.88 29.33
N ALA O 57 -24.42 -22.61 28.24
CA ALA O 57 -23.87 -23.96 28.34
C ALA O 57 -22.51 -23.79 29.02
N ALA O 58 -21.75 -22.81 28.56
CA ALA O 58 -20.46 -22.56 29.19
C ALA O 58 -20.74 -22.23 30.65
N CYS O 59 -21.73 -21.37 30.87
CA CYS O 59 -22.07 -20.98 32.22
C CYS O 59 -22.40 -22.15 33.14
N LYS O 60 -22.92 -23.23 32.59
CA LYS O 60 -23.26 -24.34 33.45
C LYS O 60 -22.02 -25.05 33.87
N ALA O 61 -21.22 -25.44 32.87
CA ALA O 61 -19.99 -26.14 33.17
C ALA O 61 -19.32 -25.47 34.35
N ILE O 62 -19.00 -24.19 34.20
CA ILE O 62 -18.33 -23.46 35.26
C ILE O 62 -19.14 -23.37 36.55
N GLU O 63 -20.45 -23.16 36.46
CA GLU O 63 -21.26 -23.09 37.67
C GLU O 63 -21.12 -24.40 38.45
N GLN O 64 -20.89 -25.50 37.73
CA GLN O 64 -20.72 -26.80 38.36
C GLN O 64 -19.34 -26.83 39.01
N ALA O 65 -18.32 -26.64 38.18
CA ALA O 65 -16.94 -26.64 38.62
C ALA O 65 -16.77 -25.94 39.96
N LYS O 66 -17.46 -24.81 40.11
CA LYS O 66 -17.39 -24.05 41.35
C LYS O 66 -17.82 -24.96 42.49
N THR O 67 -19.00 -25.54 42.38
CA THR O 67 -19.47 -26.44 43.43
C THR O 67 -18.51 -27.60 43.64
N GLN O 68 -17.77 -27.98 42.59
CA GLN O 68 -16.82 -29.06 42.72
C GLN O 68 -15.51 -28.54 43.26
N ASN O 69 -15.58 -27.37 43.89
CA ASN O 69 -14.41 -26.72 44.46
C ASN O 69 -13.30 -26.77 43.43
N ILE O 70 -13.65 -26.32 42.23
CA ILE O 70 -12.77 -26.23 41.08
C ILE O 70 -12.48 -24.73 40.90
N ASN O 71 -11.43 -24.41 40.17
CA ASN O 71 -11.07 -23.01 39.94
C ASN O 71 -10.39 -22.84 38.59
N LYS O 72 -9.73 -23.89 38.12
CA LYS O 72 -9.02 -23.84 36.85
C LYS O 72 -9.34 -25.05 35.97
N LEU O 73 -10.17 -24.81 34.96
CA LEU O 73 -10.61 -25.83 34.03
C LEU O 73 -10.38 -25.40 32.57
N VAL O 74 -10.18 -26.38 31.70
CA VAL O 74 -9.99 -26.14 30.28
C VAL O 74 -11.37 -26.32 29.69
N LEU O 75 -11.94 -25.27 29.12
CA LEU O 75 -13.29 -25.34 28.58
C LEU O 75 -13.38 -25.29 27.06
N TYR O 76 -13.76 -26.40 26.45
CA TYR O 76 -13.89 -26.47 25.00
C TYR O 76 -15.31 -26.20 24.56
N THR O 77 -15.45 -25.45 23.47
CA THR O 77 -16.77 -25.15 22.89
C THR O 77 -16.47 -24.72 21.47
N ASN O 78 -17.51 -24.59 20.64
CA ASN O 78 -17.27 -24.15 19.25
C ASN O 78 -17.68 -22.72 19.03
N SER O 79 -18.52 -22.18 19.92
CA SER O 79 -18.99 -20.81 19.77
C SER O 79 -17.97 -19.73 20.00
N MET O 80 -17.38 -19.25 18.91
CA MET O 80 -16.40 -18.21 19.01
C MET O 80 -17.12 -17.09 19.69
N PHE O 81 -18.31 -16.80 19.16
CA PHE O 81 -19.12 -15.77 19.71
C PHE O 81 -18.96 -15.76 21.22
N THR O 82 -19.25 -16.90 21.84
CA THR O 82 -19.14 -16.99 23.29
C THR O 82 -17.72 -16.64 23.64
N ILE O 83 -16.78 -17.43 23.13
CA ILE O 83 -15.39 -17.18 23.41
C ILE O 83 -14.99 -15.73 23.28
N ASN O 84 -14.99 -15.23 22.06
CA ASN O 84 -14.62 -13.84 21.86
C ASN O 84 -15.35 -12.95 22.83
N GLY O 85 -16.62 -13.28 23.08
CA GLY O 85 -17.38 -12.48 24.02
C GLY O 85 -16.63 -12.28 25.33
N ILE O 86 -16.35 -13.38 26.02
CA ILE O 86 -15.68 -13.27 27.31
C ILE O 86 -14.19 -12.91 27.27
N THR O 87 -13.41 -13.62 26.47
CA THR O 87 -11.99 -13.31 26.42
C THR O 87 -11.70 -12.06 25.63
N ASN O 88 -12.67 -11.15 25.51
CA ASN O 88 -12.41 -9.95 24.73
C ASN O 88 -13.49 -8.88 24.63
N TRP O 89 -14.50 -9.14 23.79
CA TRP O 89 -15.58 -8.18 23.56
C TRP O 89 -16.27 -7.56 24.78
N VAL O 90 -16.26 -8.25 25.91
CA VAL O 90 -16.92 -7.75 27.11
C VAL O 90 -16.18 -6.62 27.85
N GLN O 91 -14.87 -6.54 27.66
CA GLN O 91 -14.08 -5.48 28.29
C GLN O 91 -14.69 -4.17 27.80
N GLY O 92 -14.59 -3.95 26.49
CA GLY O 92 -15.14 -2.74 25.90
C GLY O 92 -16.61 -2.59 26.25
N TRP O 93 -17.36 -3.68 26.17
CA TRP O 93 -18.77 -3.59 26.48
C TRP O 93 -18.99 -2.97 27.84
N LYS O 94 -17.99 -3.10 28.71
CA LYS O 94 -18.05 -2.52 30.05
C LYS O 94 -17.89 -1.00 29.98
N LYS O 95 -16.85 -0.59 29.27
CA LYS O 95 -16.50 0.81 29.10
C LYS O 95 -17.37 1.55 28.08
N ASN O 96 -17.42 1.02 26.85
CA ASN O 96 -18.20 1.63 25.77
C ASN O 96 -19.67 1.79 26.16
N GLY O 97 -20.04 1.22 27.29
CA GLY O 97 -21.43 1.33 27.74
C GLY O 97 -22.32 0.29 27.09
N TRP O 98 -21.79 -0.90 26.88
CA TRP O 98 -22.52 -2.01 26.28
C TRP O 98 -23.19 -1.62 24.96
N LYS O 99 -22.36 -1.39 23.94
CA LYS O 99 -22.84 -1.02 22.61
C LYS O 99 -21.97 -1.68 21.54
N THR O 100 -22.60 -2.12 20.46
CA THR O 100 -21.87 -2.77 19.38
C THR O 100 -21.53 -1.79 18.27
N SER O 101 -20.41 -2.02 17.60
CA SER O 101 -19.94 -1.17 16.51
C SER O 101 -20.97 -0.22 15.91
N ALA O 102 -22.12 -0.72 15.48
CA ALA O 102 -23.14 0.15 14.89
C ALA O 102 -23.95 0.95 15.91
N GLY O 103 -23.26 1.43 16.95
CA GLY O 103 -23.93 2.21 17.98
C GLY O 103 -25.21 1.55 18.46
N LYS O 104 -25.21 0.22 18.51
CA LYS O 104 -26.39 -0.50 18.95
C LYS O 104 -26.13 -1.26 20.26
N GLU O 105 -27.20 -1.50 21.02
CA GLU O 105 -27.08 -2.22 22.28
C GLU O 105 -27.00 -3.72 22.05
N VAL O 106 -25.93 -4.34 22.59
CA VAL O 106 -25.71 -5.78 22.45
C VAL O 106 -26.95 -6.51 22.94
N ILE O 107 -27.41 -7.49 22.17
CA ILE O 107 -28.61 -8.20 22.56
C ILE O 107 -28.35 -9.19 23.67
N ASN O 108 -27.13 -9.76 23.66
CA ASN O 108 -26.75 -10.76 24.64
C ASN O 108 -26.06 -10.20 25.88
N LYS O 109 -26.64 -9.15 26.47
CA LYS O 109 -26.04 -8.58 27.65
C LYS O 109 -26.28 -9.49 28.85
N GLU O 110 -27.55 -9.62 29.28
CA GLU O 110 -27.89 -10.46 30.42
C GLU O 110 -26.90 -11.62 30.51
N ASP O 111 -26.92 -12.42 29.46
CA ASP O 111 -26.09 -13.59 29.31
C ASP O 111 -24.61 -13.30 29.55
N PHE O 112 -24.01 -12.54 28.65
CA PHE O 112 -22.61 -12.22 28.79
C PHE O 112 -22.24 -11.78 30.20
N VAL O 113 -23.08 -10.94 30.80
CA VAL O 113 -22.81 -10.47 32.16
C VAL O 113 -22.76 -11.71 33.04
N ALA O 114 -23.82 -12.52 32.94
CA ALA O 114 -23.92 -13.75 33.71
C ALA O 114 -22.66 -14.58 33.66
N LEU O 115 -22.07 -14.75 32.48
CA LEU O 115 -20.85 -15.54 32.39
C LEU O 115 -19.74 -14.83 33.16
N GLU O 116 -19.44 -13.60 32.74
CA GLU O 116 -18.40 -12.79 33.37
C GLU O 116 -18.37 -13.00 34.88
N ARG O 117 -19.53 -12.92 35.51
CA ARG O 117 -19.60 -13.08 36.94
C ARG O 117 -18.95 -14.39 37.35
N LEU O 118 -19.44 -15.51 36.84
CA LEU O 118 -18.84 -16.78 37.24
C LEU O 118 -17.35 -16.87 36.90
N THR O 119 -16.90 -16.19 35.85
CA THR O 119 -15.48 -16.25 35.47
C THR O 119 -14.60 -15.54 36.49
N GLN O 120 -15.25 -14.90 37.46
CA GLN O 120 -14.57 -14.17 38.52
C GLN O 120 -13.99 -15.18 39.50
N GLY O 121 -12.67 -15.15 39.67
CA GLY O 121 -12.02 -16.06 40.58
C GLY O 121 -11.95 -17.47 40.02
N MET O 122 -11.50 -17.59 38.78
CA MET O 122 -11.39 -18.89 38.12
C MET O 122 -10.49 -18.77 36.91
N ASP O 123 -9.44 -19.57 36.83
CA ASP O 123 -8.59 -19.49 35.65
C ASP O 123 -9.13 -20.48 34.62
N ILE O 124 -9.76 -19.97 33.58
CA ILE O 124 -10.34 -20.80 32.53
C ILE O 124 -9.53 -20.63 31.27
N GLN O 125 -9.17 -21.75 30.66
CA GLN O 125 -8.41 -21.69 29.43
C GLN O 125 -9.39 -22.01 28.29
N TRP O 126 -10.07 -20.99 27.77
CA TRP O 126 -11.05 -21.21 26.70
C TRP O 126 -10.40 -21.72 25.41
N MET O 127 -11.02 -22.70 24.80
CA MET O 127 -10.49 -23.30 23.58
C MET O 127 -11.58 -23.69 22.60
N HIS O 128 -11.37 -23.34 21.33
CA HIS O 128 -12.34 -23.65 20.30
C HIS O 128 -11.97 -24.98 19.68
N VAL O 129 -13.01 -25.73 19.30
CA VAL O 129 -12.86 -27.03 18.67
C VAL O 129 -13.80 -27.09 17.50
N PRO O 130 -13.24 -27.22 16.29
CA PRO O 130 -14.04 -27.28 15.06
C PRO O 130 -15.33 -28.06 15.29
N GLY O 131 -16.41 -27.60 14.66
CA GLY O 131 -17.71 -28.25 14.78
C GLY O 131 -17.55 -29.75 14.83
N HIS O 132 -17.92 -30.44 13.77
CA HIS O 132 -17.71 -31.86 13.84
C HIS O 132 -16.58 -32.29 12.96
N SER O 133 -15.41 -32.37 13.61
CA SER O 133 -14.18 -32.80 13.00
C SER O 133 -13.75 -34.05 13.78
N GLY O 134 -14.73 -34.63 14.47
CA GLY O 134 -14.53 -35.85 15.24
C GLY O 134 -13.84 -35.79 16.58
N PHE O 135 -14.46 -35.14 17.56
CA PHE O 135 -13.87 -35.07 18.89
C PHE O 135 -14.92 -35.55 19.86
N ILE O 136 -14.70 -36.73 20.42
CA ILE O 136 -15.65 -37.33 21.35
C ILE O 136 -16.33 -36.27 22.20
N GLY O 137 -15.54 -35.43 22.85
CA GLY O 137 -16.08 -34.38 23.70
C GLY O 137 -17.23 -33.62 23.06
N ASN O 138 -16.92 -32.84 22.02
CA ASN O 138 -17.92 -32.06 21.31
C ASN O 138 -19.08 -32.94 20.88
N GLU O 139 -18.79 -34.16 20.45
CA GLU O 139 -19.87 -35.05 20.03
C GLU O 139 -20.83 -35.28 21.19
N GLU O 140 -20.30 -35.78 22.30
CA GLU O 140 -21.12 -36.06 23.45
C GLU O 140 -21.88 -34.86 23.97
N ALA O 141 -21.21 -33.72 24.09
CA ALA O 141 -21.89 -32.52 24.57
C ALA O 141 -23.02 -32.16 23.60
N ASP O 142 -22.68 -32.12 22.31
CA ASP O 142 -23.65 -31.83 21.26
C ASP O 142 -24.86 -32.70 21.54
N ARG O 143 -24.58 -33.98 21.81
CA ARG O 143 -25.61 -34.96 22.09
C ARG O 143 -26.51 -34.50 23.23
N LEU O 144 -25.91 -34.31 24.40
CA LEU O 144 -26.65 -33.88 25.56
C LEU O 144 -27.47 -32.61 25.32
N ALA O 145 -26.92 -31.71 24.50
CA ALA O 145 -27.63 -30.48 24.19
C ALA O 145 -28.94 -30.79 23.49
N ARG O 146 -28.89 -31.66 22.48
CA ARG O 146 -30.11 -32.01 21.79
C ARG O 146 -31.05 -32.54 22.82
N GLU O 147 -30.51 -33.33 23.74
CA GLU O 147 -31.29 -33.90 24.83
C GLU O 147 -31.86 -32.79 25.68
N GLY O 148 -31.27 -31.60 25.56
CA GLY O 148 -31.74 -30.43 26.30
C GLY O 148 -33.12 -30.09 25.79
N ALA O 149 -33.27 -30.07 24.46
CA ALA O 149 -34.56 -29.80 23.85
C ALA O 149 -35.34 -31.11 23.90
N LYS O 150 -35.96 -31.48 22.77
CA LYS O 150 -36.73 -32.72 22.71
C LYS O 150 -38.12 -32.55 23.33
N GLN O 151 -39.12 -33.20 22.74
CA GLN O 151 -40.48 -33.11 23.26
C GLN O 151 -41.03 -34.45 23.78
N GLY P 1 -48.15 -35.42 -31.43
CA GLY P 1 -48.47 -36.86 -31.71
C GLY P 1 -47.27 -37.65 -32.22
N SER P 2 -47.52 -38.54 -33.19
CA SER P 2 -46.49 -39.39 -33.81
C SER P 2 -45.12 -39.23 -33.16
N HIS P 3 -44.19 -38.58 -33.86
CA HIS P 3 -42.88 -38.29 -33.31
C HIS P 3 -41.72 -39.27 -33.25
N MET P 4 -40.59 -38.72 -33.67
CA MET P 4 -39.24 -39.31 -33.76
C MET P 4 -38.84 -40.66 -33.12
N GLY P 5 -37.95 -40.58 -32.13
CA GLY P 5 -37.45 -41.74 -31.41
C GLY P 5 -35.94 -41.95 -31.49
N ASP P 6 -35.20 -41.63 -30.42
CA ASP P 6 -33.73 -41.81 -30.41
C ASP P 6 -32.97 -41.34 -29.17
N PHE P 7 -32.09 -42.20 -28.64
CA PHE P 7 -31.24 -41.95 -27.46
C PHE P 7 -30.97 -43.30 -26.82
N VAL P 8 -29.98 -43.37 -25.94
CA VAL P 8 -29.68 -44.63 -25.29
C VAL P 8 -29.82 -44.52 -23.75
N VAL P 9 -30.44 -45.52 -23.13
CA VAL P 9 -30.66 -45.52 -21.69
C VAL P 9 -29.50 -46.13 -20.93
N VAL P 10 -29.42 -45.88 -19.63
CA VAL P 10 -28.36 -46.46 -18.81
C VAL P 10 -28.62 -46.26 -17.33
N TYR P 11 -28.46 -47.32 -16.56
CA TYR P 11 -28.69 -47.25 -15.12
C TYR P 11 -27.36 -47.24 -14.35
N THR P 12 -27.20 -46.28 -13.43
CA THR P 12 -25.98 -46.18 -12.63
C THR P 12 -26.28 -46.30 -11.15
N ASP P 13 -25.25 -46.63 -10.40
CA ASP P 13 -25.40 -46.77 -8.96
C ASP P 13 -24.07 -47.05 -8.31
N GLY P 14 -23.80 -46.34 -7.22
CA GLY P 14 -22.57 -46.53 -6.49
C GLY P 14 -22.98 -46.77 -5.07
N CYS P 15 -22.62 -47.92 -4.54
CA CYS P 15 -22.97 -48.20 -3.17
C CYS P 15 -21.72 -47.90 -2.36
N CYS P 16 -21.86 -48.03 -1.04
CA CYS P 16 -20.76 -47.77 -0.13
C CYS P 16 -21.27 -47.98 1.28
N SER P 17 -20.67 -48.91 2.00
CA SER P 17 -21.11 -49.16 3.37
C SER P 17 -20.28 -50.15 4.17
N SER P 18 -20.73 -50.33 5.40
CA SER P 18 -20.16 -51.21 6.44
C SER P 18 -20.28 -50.37 7.71
N ASN P 19 -20.65 -49.10 7.48
CA ASN P 19 -20.84 -48.08 8.51
C ASN P 19 -21.20 -48.68 9.86
N ARG P 21 -17.41 -52.16 12.07
CA ARG P 21 -16.23 -52.58 11.33
C ARG P 21 -15.87 -51.55 10.25
N ARG P 22 -15.70 -50.30 10.66
CA ARG P 22 -15.39 -49.21 9.73
C ARG P 22 -14.28 -49.49 8.71
N ARG P 23 -14.60 -50.32 7.73
CA ARG P 23 -13.68 -50.66 6.65
C ARG P 23 -14.55 -50.37 5.43
N PRO P 24 -15.11 -49.15 5.36
CA PRO P 24 -15.99 -48.68 4.28
C PRO P 24 -15.48 -48.96 2.88
N ARG P 25 -16.29 -49.63 2.08
CA ARG P 25 -15.91 -49.95 0.72
C ARG P 25 -16.96 -49.51 -0.28
N ALA P 26 -16.52 -48.76 -1.29
CA ALA P 26 -17.43 -48.26 -2.29
C ALA P 26 -17.34 -49.01 -3.61
N GLY P 27 -18.46 -49.13 -4.30
CA GLY P 27 -18.48 -49.83 -5.58
C GLY P 27 -19.26 -49.07 -6.63
N ILE P 28 -18.94 -49.31 -7.89
CA ILE P 28 -19.62 -48.62 -9.01
C ILE P 28 -20.34 -49.65 -9.89
N GLY P 29 -21.41 -49.22 -10.55
CA GLY P 29 -22.14 -50.13 -11.40
C GLY P 29 -22.89 -49.48 -12.56
N VAL P 30 -22.72 -50.01 -13.76
CA VAL P 30 -23.39 -49.42 -14.92
C VAL P 30 -24.23 -50.45 -15.67
N TYR P 31 -25.54 -50.26 -15.75
CA TYR P 31 -26.39 -51.22 -16.44
C TYR P 31 -26.89 -50.73 -17.77
N TRP P 32 -26.58 -51.47 -18.83
CA TRP P 32 -27.03 -51.10 -20.17
C TRP P 32 -28.11 -52.03 -20.64
N GLY P 33 -28.34 -53.09 -19.87
CA GLY P 33 -29.35 -54.06 -20.23
C GLY P 33 -28.83 -55.48 -20.20
N PRO P 34 -29.73 -56.46 -20.08
CA PRO P 34 -29.35 -57.88 -20.02
C PRO P 34 -28.19 -58.32 -20.91
N GLY P 35 -27.20 -58.91 -20.25
CA GLY P 35 -26.02 -59.43 -20.92
C GLY P 35 -25.21 -58.46 -21.74
N HIS P 36 -25.64 -57.21 -21.80
CA HIS P 36 -24.93 -56.22 -22.58
C HIS P 36 -23.45 -56.17 -22.19
N PRO P 37 -22.57 -55.97 -23.18
CA PRO P 37 -21.10 -55.91 -23.08
C PRO P 37 -20.54 -54.82 -22.19
N LEU P 38 -21.15 -53.63 -22.24
CA LEU P 38 -20.68 -52.51 -21.46
C LEU P 38 -21.07 -52.46 -19.99
N ASN P 39 -21.76 -53.49 -19.49
CA ASN P 39 -22.13 -53.50 -18.09
C ASN P 39 -20.87 -53.62 -17.28
N VAL P 40 -20.78 -52.83 -16.23
CA VAL P 40 -19.59 -52.83 -15.40
C VAL P 40 -19.94 -52.97 -13.94
N GLY P 41 -18.96 -53.42 -13.17
CA GLY P 41 -19.14 -53.59 -11.75
C GLY P 41 -17.76 -53.58 -11.13
N ILE P 42 -17.07 -52.44 -11.23
CA ILE P 42 -15.73 -52.32 -10.65
C ILE P 42 -15.81 -51.67 -9.28
N ARG P 43 -14.67 -51.44 -8.65
CA ARG P 43 -14.67 -50.80 -7.33
C ARG P 43 -14.16 -49.36 -7.37
N LEU P 44 -14.85 -48.49 -6.63
CA LEU P 44 -14.49 -47.08 -6.57
C LEU P 44 -13.17 -46.81 -5.88
N PRO P 45 -12.25 -46.13 -6.56
CA PRO P 45 -10.96 -45.83 -5.95
C PRO P 45 -11.03 -44.53 -5.17
N GLY P 46 -10.06 -44.34 -4.28
CA GLY P 46 -10.02 -43.12 -3.50
C GLY P 46 -10.94 -43.14 -2.31
N ARG P 47 -11.19 -41.97 -1.74
CA ARG P 47 -12.05 -41.85 -0.57
C ARG P 47 -13.33 -42.67 -0.77
N GLN P 48 -13.61 -43.54 0.18
CA GLN P 48 -14.76 -44.43 0.11
C GLN P 48 -16.07 -43.84 0.65
N THR P 49 -16.84 -43.20 -0.22
CA THR P 49 -18.10 -42.59 0.21
C THR P 49 -19.20 -42.83 -0.81
N ASN P 50 -20.38 -43.14 -0.31
CA ASN P 50 -21.52 -43.40 -1.16
C ASN P 50 -21.73 -42.26 -2.13
N GLN P 51 -21.86 -41.06 -1.59
CA GLN P 51 -22.11 -39.88 -2.37
C GLN P 51 -21.20 -39.77 -3.59
N ARG P 52 -19.90 -39.78 -3.40
CA ARG P 52 -19.01 -39.70 -4.55
C ARG P 52 -19.08 -40.95 -5.38
N ALA P 53 -19.17 -42.10 -4.71
CA ALA P 53 -19.24 -43.39 -5.40
C ALA P 53 -20.34 -43.31 -6.43
N GLU P 54 -21.44 -42.69 -6.04
CA GLU P 54 -22.58 -42.57 -6.94
C GLU P 54 -22.25 -41.64 -8.11
N ILE P 55 -21.63 -40.49 -7.86
CA ILE P 55 -21.32 -39.59 -8.95
C ILE P 55 -20.30 -40.20 -9.93
N HIS P 56 -19.20 -40.73 -9.41
CA HIS P 56 -18.20 -41.35 -10.26
C HIS P 56 -18.84 -42.48 -11.08
N ALA P 57 -19.93 -43.04 -10.56
CA ALA P 57 -20.65 -44.11 -11.22
C ALA P 57 -21.24 -43.58 -12.53
N ALA P 58 -21.77 -42.36 -12.49
CA ALA P 58 -22.33 -41.76 -13.68
C ALA P 58 -21.20 -41.32 -14.61
N CYS P 59 -20.00 -41.12 -14.05
CA CYS P 59 -18.87 -40.74 -14.89
C CYS P 59 -18.57 -41.90 -15.84
N LYS P 60 -18.36 -43.07 -15.23
CA LYS P 60 -18.05 -44.29 -15.96
C LYS P 60 -19.03 -44.59 -17.07
N ALA P 61 -20.27 -44.13 -16.93
CA ALA P 61 -21.28 -44.38 -17.94
C ALA P 61 -21.05 -43.54 -19.20
N ILE P 62 -21.01 -42.22 -19.05
CA ILE P 62 -20.83 -41.34 -20.22
C ILE P 62 -19.45 -41.60 -20.81
N GLU P 63 -18.51 -41.97 -19.96
CA GLU P 63 -17.17 -42.26 -20.42
C GLU P 63 -17.28 -43.36 -21.47
N GLN P 64 -18.07 -44.39 -21.15
CA GLN P 64 -18.28 -45.50 -22.07
C GLN P 64 -19.01 -45.02 -23.31
N ALA P 65 -19.98 -44.13 -23.10
CA ALA P 65 -20.78 -43.58 -24.19
C ALA P 65 -19.87 -42.93 -25.24
N LYS P 66 -18.85 -42.22 -24.77
CA LYS P 66 -17.90 -41.56 -25.66
C LYS P 66 -17.29 -42.65 -26.53
N THR P 67 -16.81 -43.69 -25.85
CA THR P 67 -16.19 -44.86 -26.47
C THR P 67 -17.10 -45.53 -27.49
N GLN P 68 -18.26 -44.93 -27.76
CA GLN P 68 -19.18 -45.52 -28.72
C GLN P 68 -19.96 -44.44 -29.42
N ASN P 69 -19.23 -43.51 -30.02
CA ASN P 69 -19.83 -42.37 -30.73
C ASN P 69 -21.34 -42.27 -30.64
N ILE P 70 -21.77 -42.12 -29.39
CA ILE P 70 -23.16 -41.95 -29.01
C ILE P 70 -23.08 -40.70 -28.16
N ASN P 71 -23.85 -39.68 -28.50
CA ASN P 71 -23.80 -38.44 -27.76
C ASN P 71 -24.96 -38.22 -26.82
N LYS P 72 -26.17 -38.52 -27.28
CA LYS P 72 -27.37 -38.32 -26.48
C LYS P 72 -27.89 -39.59 -25.79
N LEU P 73 -27.87 -39.57 -24.46
CA LEU P 73 -28.34 -40.70 -23.65
C LEU P 73 -29.14 -40.25 -22.41
N VAL P 74 -29.91 -41.19 -21.88
CA VAL P 74 -30.70 -40.95 -20.69
C VAL P 74 -30.01 -41.67 -19.54
N LEU P 75 -29.88 -40.99 -18.41
CA LEU P 75 -29.23 -41.56 -17.25
C LEU P 75 -30.15 -41.72 -16.03
N TYR P 76 -30.36 -42.96 -15.63
CA TYR P 76 -31.18 -43.29 -14.48
C TYR P 76 -30.32 -43.55 -13.28
N THR P 77 -30.67 -42.90 -12.17
CA THR P 77 -29.97 -43.06 -10.91
C THR P 77 -30.94 -42.56 -9.86
N ASN P 78 -30.66 -42.85 -8.60
CA ASN P 78 -31.56 -42.38 -7.57
C ASN P 78 -30.88 -41.42 -6.61
N SER P 79 -29.74 -40.87 -7.00
CA SER P 79 -29.10 -39.94 -6.10
C SER P 79 -29.35 -38.49 -6.49
N MET P 80 -30.46 -37.94 -5.97
CA MET P 80 -30.82 -36.57 -6.23
C MET P 80 -29.57 -35.72 -6.13
N PHE P 81 -28.73 -36.03 -5.15
CA PHE P 81 -27.48 -35.30 -4.99
C PHE P 81 -26.78 -35.20 -6.34
N THR P 82 -26.28 -36.32 -6.85
CA THR P 82 -25.59 -36.28 -8.14
C THR P 82 -26.35 -35.42 -9.15
N ILE P 83 -27.60 -35.77 -9.44
CA ILE P 83 -28.36 -34.97 -10.40
C ILE P 83 -28.32 -33.49 -10.05
N ASN P 84 -28.97 -33.14 -8.93
CA ASN P 84 -29.01 -31.75 -8.48
C ASN P 84 -27.68 -31.06 -8.64
N GLY P 85 -26.61 -31.78 -8.35
CA GLY P 85 -25.29 -31.19 -8.49
C GLY P 85 -25.00 -30.83 -9.93
N ILE P 86 -24.73 -31.85 -10.73
CA ILE P 86 -24.40 -31.67 -12.14
C ILE P 86 -25.33 -30.78 -12.98
N THR P 87 -26.44 -30.32 -12.42
CA THR P 87 -27.33 -29.50 -13.24
C THR P 87 -27.63 -28.10 -12.71
N ASN P 88 -27.29 -27.86 -11.44
CA ASN P 88 -27.52 -26.56 -10.81
C ASN P 88 -26.32 -26.09 -10.05
N TRP P 89 -26.18 -26.65 -8.86
CA TRP P 89 -25.09 -26.31 -7.97
C TRP P 89 -23.71 -26.29 -8.63
N VAL P 90 -23.56 -27.00 -9.75
CA VAL P 90 -22.28 -27.04 -10.43
C VAL P 90 -21.94 -25.70 -11.03
N GLN P 91 -22.84 -25.15 -11.83
CA GLN P 91 -22.58 -23.87 -12.43
C GLN P 91 -22.35 -22.83 -11.32
N GLY P 92 -23.13 -22.91 -10.26
CA GLY P 92 -22.96 -21.96 -9.17
C GLY P 92 -21.54 -21.96 -8.64
N TRP P 93 -21.02 -23.13 -8.27
CA TRP P 93 -19.68 -23.24 -7.71
C TRP P 93 -18.63 -22.73 -8.68
N LYS P 94 -18.95 -22.79 -9.97
CA LYS P 94 -18.04 -22.34 -11.02
C LYS P 94 -17.91 -20.81 -11.05
N LYS P 95 -18.95 -20.11 -10.58
CA LYS P 95 -18.95 -18.65 -10.55
C LYS P 95 -18.78 -18.08 -9.15
N ASN P 96 -18.36 -18.91 -8.19
CA ASN P 96 -18.21 -18.44 -6.83
C ASN P 96 -17.03 -19.06 -6.10
N GLY P 97 -16.21 -19.80 -6.81
CA GLY P 97 -15.04 -20.39 -6.19
C GLY P 97 -15.24 -21.68 -5.43
N TRP P 98 -16.34 -22.37 -5.70
CA TRP P 98 -16.63 -23.65 -5.04
C TRP P 98 -16.70 -23.55 -3.52
N LYS P 99 -17.55 -22.66 -3.04
CA LYS P 99 -17.76 -22.46 -1.61
C LYS P 99 -19.21 -22.88 -1.41
N THR P 100 -19.51 -23.50 -0.28
CA THR P 100 -20.87 -23.92 -0.05
C THR P 100 -21.67 -22.81 0.63
N SER P 101 -22.94 -23.08 0.89
CA SER P 101 -23.79 -22.10 1.57
C SER P 101 -23.17 -21.76 2.92
N ALA P 102 -22.29 -22.64 3.39
CA ALA P 102 -21.60 -22.43 4.65
C ALA P 102 -20.27 -21.78 4.34
N GLY P 103 -20.09 -21.40 3.08
CA GLY P 103 -18.87 -20.78 2.67
C GLY P 103 -17.68 -21.72 2.72
N LYS P 104 -17.93 -23.00 2.97
CA LYS P 104 -16.87 -24.00 3.03
C LYS P 104 -16.61 -24.61 1.64
N GLU P 105 -15.41 -25.16 1.44
CA GLU P 105 -15.04 -25.74 0.15
C GLU P 105 -15.85 -27.01 -0.10
N VAL P 106 -16.65 -27.03 -1.17
CA VAL P 106 -17.46 -28.20 -1.48
C VAL P 106 -16.56 -29.42 -1.58
N ILE P 107 -16.91 -30.40 -0.77
CA ILE P 107 -16.17 -31.64 -0.62
C ILE P 107 -16.00 -32.45 -1.89
N ASN P 108 -17.02 -32.43 -2.74
CA ASN P 108 -16.95 -33.19 -3.97
C ASN P 108 -16.65 -32.28 -5.15
N LYS P 109 -15.68 -31.39 -4.95
CA LYS P 109 -15.23 -30.43 -5.95
C LYS P 109 -14.63 -31.28 -7.07
N GLU P 110 -13.46 -31.81 -6.76
CA GLU P 110 -12.72 -32.69 -7.65
C GLU P 110 -13.75 -33.56 -8.37
N ASP P 111 -14.37 -34.45 -7.61
CA ASP P 111 -15.36 -35.36 -8.15
C ASP P 111 -16.34 -34.72 -9.14
N PHE P 112 -17.03 -33.68 -8.73
CA PHE P 112 -17.97 -33.05 -9.64
C PHE P 112 -17.32 -32.45 -10.88
N VAL P 113 -16.13 -31.88 -10.73
CA VAL P 113 -15.44 -31.29 -11.88
C VAL P 113 -15.32 -32.30 -13.02
N ALA P 114 -14.71 -33.44 -12.68
CA ALA P 114 -14.46 -34.55 -13.60
C ALA P 114 -15.70 -35.13 -14.27
N LEU P 115 -16.88 -34.88 -13.71
CA LEU P 115 -18.09 -35.36 -14.36
C LEU P 115 -18.40 -34.37 -15.47
N GLU P 116 -18.49 -33.09 -15.12
CA GLU P 116 -18.79 -32.04 -16.08
C GLU P 116 -17.91 -32.18 -17.29
N ARG P 117 -16.61 -32.41 -17.06
CA ARG P 117 -15.68 -32.56 -18.16
C ARG P 117 -16.28 -33.50 -19.17
N LEU P 118 -16.70 -34.67 -18.70
CA LEU P 118 -17.29 -35.64 -19.58
C LEU P 118 -18.64 -35.14 -20.10
N THR P 119 -19.34 -34.40 -19.27
CA THR P 119 -20.64 -33.85 -19.67
C THR P 119 -20.43 -33.14 -20.99
N GLN P 120 -19.27 -32.50 -21.13
CA GLN P 120 -18.93 -31.75 -22.33
C GLN P 120 -19.13 -32.48 -23.64
N GLY P 121 -19.77 -31.80 -24.57
CA GLY P 121 -20.01 -32.37 -25.88
C GLY P 121 -21.03 -33.47 -25.89
N MET P 122 -21.91 -33.46 -24.89
CA MET P 122 -22.93 -34.50 -24.81
C MET P 122 -24.26 -33.99 -24.29
N ASP P 123 -25.33 -34.66 -24.70
CA ASP P 123 -26.66 -34.32 -24.27
C ASP P 123 -27.17 -35.39 -23.31
N ILE P 124 -26.77 -35.26 -22.06
CA ILE P 124 -27.18 -36.19 -21.01
C ILE P 124 -28.54 -35.73 -20.49
N GLN P 125 -29.34 -36.66 -20.02
CA GLN P 125 -30.63 -36.26 -19.48
C GLN P 125 -30.83 -37.07 -18.21
N TRP P 126 -30.35 -36.52 -17.11
CA TRP P 126 -30.43 -37.17 -15.81
C TRP P 126 -31.83 -37.56 -15.34
N MET P 127 -31.94 -38.75 -14.79
CA MET P 127 -33.21 -39.26 -14.36
C MET P 127 -33.16 -39.74 -12.92
N HIS P 128 -33.94 -39.12 -12.05
CA HIS P 128 -33.95 -39.53 -10.67
C HIS P 128 -34.95 -40.66 -10.56
N VAL P 129 -34.72 -41.56 -9.61
CA VAL P 129 -35.65 -42.66 -9.44
C VAL P 129 -35.91 -42.98 -7.99
N PRO P 130 -37.07 -42.55 -7.49
CA PRO P 130 -37.49 -42.76 -6.11
C PRO P 130 -37.03 -44.10 -5.53
N GLY P 131 -36.53 -44.00 -4.29
CA GLY P 131 -36.02 -45.12 -3.51
C GLY P 131 -36.23 -46.55 -3.97
N HIS P 132 -37.45 -47.00 -4.17
CA HIS P 132 -37.57 -48.35 -4.64
C HIS P 132 -38.64 -48.35 -5.65
N SER P 133 -38.25 -48.35 -6.91
CA SER P 133 -39.25 -48.37 -7.95
C SER P 133 -38.65 -48.00 -9.30
N GLY P 134 -39.49 -47.94 -10.33
CA GLY P 134 -38.96 -47.58 -11.62
C GLY P 134 -38.89 -48.80 -12.48
N PHE P 135 -37.70 -49.23 -12.87
CA PHE P 135 -37.62 -50.43 -13.69
C PHE P 135 -36.52 -51.22 -13.06
N ILE P 136 -36.57 -52.53 -13.23
CA ILE P 136 -35.59 -53.46 -12.66
C ILE P 136 -34.19 -52.93 -12.85
N GLY P 137 -33.92 -52.40 -14.04
CA GLY P 137 -32.60 -51.87 -14.36
C GLY P 137 -31.90 -51.20 -13.19
N ASN P 138 -32.67 -50.59 -12.32
CA ASN P 138 -32.05 -49.95 -11.19
C ASN P 138 -31.54 -50.96 -10.18
N GLU P 139 -32.27 -52.05 -9.97
CA GLU P 139 -31.82 -53.06 -9.03
C GLU P 139 -30.56 -53.75 -9.56
N GLU P 140 -30.55 -54.00 -10.87
CA GLU P 140 -29.40 -54.63 -11.51
C GLU P 140 -28.15 -53.81 -11.24
N ALA P 141 -28.21 -52.52 -11.56
CA ALA P 141 -27.07 -51.67 -11.32
C ALA P 141 -26.64 -51.90 -9.88
N ASP P 142 -27.60 -51.84 -8.97
CA ASP P 142 -27.34 -52.03 -7.54
C ASP P 142 -26.55 -53.31 -7.35
N ARG P 143 -27.10 -54.44 -7.80
CA ARG P 143 -26.43 -55.73 -7.67
C ARG P 143 -24.97 -55.58 -8.11
N LEU P 144 -24.79 -55.08 -9.32
CA LEU P 144 -23.45 -54.90 -9.86
C LEU P 144 -22.56 -54.03 -9.03
N ALA P 145 -23.12 -52.92 -8.55
CA ALA P 145 -22.36 -51.99 -7.74
C ALA P 145 -21.67 -52.70 -6.59
N ARG P 146 -22.45 -53.36 -5.75
CA ARG P 146 -21.90 -54.04 -4.59
C ARG P 146 -21.01 -55.24 -4.94
N GLU P 147 -21.10 -55.70 -6.18
CA GLU P 147 -20.26 -56.79 -6.63
C GLU P 147 -18.89 -56.18 -6.86
N GLY P 148 -18.90 -54.95 -7.37
CA GLY P 148 -17.66 -54.25 -7.65
C GLY P 148 -16.99 -53.80 -6.37
N ALA P 149 -17.77 -53.66 -5.31
CA ALA P 149 -17.27 -53.23 -4.03
C ALA P 149 -16.37 -54.29 -3.39
N LYS P 150 -16.68 -55.56 -3.67
CA LYS P 150 -15.90 -56.65 -3.11
C LYS P 150 -14.52 -56.75 -3.76
N GLN P 151 -14.37 -56.15 -4.94
CA GLN P 151 -13.08 -56.18 -5.61
C GLN P 151 -12.05 -55.47 -4.75
N SER P 152 -10.81 -55.93 -4.80
CA SER P 152 -9.74 -55.31 -4.02
C SER P 152 -9.41 -53.94 -4.58
N GLU P 153 -9.04 -53.01 -3.70
CA GLU P 153 -8.70 -51.65 -4.13
C GLU P 153 -7.48 -51.63 -5.04
N MET Q 4 28.20 -19.82 -4.03
CA MET Q 4 29.15 -18.71 -4.30
C MET Q 4 30.16 -19.05 -5.41
N GLY Q 5 29.79 -18.70 -6.64
CA GLY Q 5 30.65 -18.98 -7.78
C GLY Q 5 30.23 -18.24 -9.03
N ASP Q 6 30.18 -16.91 -8.95
CA ASP Q 6 29.80 -16.05 -10.08
C ASP Q 6 28.32 -16.17 -10.47
N PHE Q 7 27.90 -17.39 -10.79
CA PHE Q 7 26.50 -17.66 -11.14
C PHE Q 7 25.85 -18.01 -9.79
N VAL Q 8 24.53 -18.16 -9.77
CA VAL Q 8 23.86 -18.51 -8.52
C VAL Q 8 23.41 -19.97 -8.54
N VAL Q 9 24.00 -20.77 -7.66
CA VAL Q 9 23.70 -22.19 -7.57
C VAL Q 9 22.24 -22.45 -7.18
N VAL Q 10 21.63 -23.41 -7.85
CA VAL Q 10 20.24 -23.78 -7.62
C VAL Q 10 20.03 -25.27 -7.84
N TYR Q 11 19.21 -25.87 -6.97
CA TYR Q 11 18.90 -27.30 -7.04
C TYR Q 11 17.43 -27.49 -7.37
N THR Q 12 17.13 -28.47 -8.20
CA THR Q 12 15.76 -28.73 -8.60
C THR Q 12 15.53 -30.23 -8.77
N ASP Q 13 14.53 -30.75 -8.08
CA ASP Q 13 14.22 -32.16 -8.18
C ASP Q 13 12.73 -32.38 -8.29
N GLY Q 14 12.28 -32.76 -9.48
CA GLY Q 14 10.86 -33.01 -9.64
C GLY Q 14 10.54 -34.34 -8.99
N CYS Q 15 9.38 -34.44 -8.36
CA CYS Q 15 8.98 -35.68 -7.72
C CYS Q 15 7.55 -36.04 -8.10
N CYS Q 16 7.22 -37.32 -8.10
CA CYS Q 16 5.88 -37.75 -8.47
C CYS Q 16 5.49 -39.01 -7.74
N SER Q 17 4.64 -38.87 -6.74
CA SER Q 17 4.20 -40.03 -6.00
C SER Q 17 3.20 -40.79 -6.85
N SER Q 18 3.13 -42.09 -6.63
CA SER Q 18 2.23 -42.94 -7.39
C SER Q 18 2.51 -42.78 -8.88
N ASN Q 19 3.76 -42.49 -9.21
CA ASN Q 19 4.19 -42.36 -10.60
C ASN Q 19 3.71 -43.65 -11.26
N GLY Q 20 2.87 -43.52 -12.29
CA GLY Q 20 2.31 -44.70 -12.92
C GLY Q 20 1.08 -44.86 -12.05
N ARG Q 21 1.05 -45.91 -11.23
CA ARG Q 21 -0.06 -46.16 -10.32
C ARG Q 21 -1.43 -45.77 -10.91
N ARG Q 22 -2.25 -45.07 -10.13
CA ARG Q 22 -3.59 -44.66 -10.58
C ARG Q 22 -3.96 -43.22 -10.24
N ARG Q 23 -3.55 -42.75 -9.07
CA ARG Q 23 -3.85 -41.39 -8.63
C ARG Q 23 -2.57 -40.65 -8.24
N PRO Q 24 -1.62 -40.53 -9.19
CA PRO Q 24 -0.34 -39.85 -8.96
C PRO Q 24 -0.45 -38.44 -8.42
N ARG Q 25 0.69 -37.89 -8.00
CA ARG Q 25 0.77 -36.55 -7.45
C ARG Q 25 2.15 -35.97 -7.76
N ALA Q 26 2.21 -34.98 -8.65
CA ALA Q 26 3.47 -34.35 -9.04
C ALA Q 26 3.94 -33.32 -8.02
N GLY Q 27 5.15 -32.80 -8.21
CA GLY Q 27 5.66 -31.82 -7.28
C GLY Q 27 7.00 -31.22 -7.64
N ILE Q 28 6.97 -29.98 -8.10
CA ILE Q 28 8.19 -29.29 -8.46
C ILE Q 28 8.81 -28.69 -7.22
N GLY Q 29 10.13 -28.56 -7.23
CA GLY Q 29 10.83 -28.00 -6.10
C GLY Q 29 12.15 -27.37 -6.50
N VAL Q 30 12.63 -26.46 -5.67
CA VAL Q 30 13.89 -25.79 -5.94
C VAL Q 30 14.42 -25.07 -4.70
N TYR Q 31 15.51 -25.59 -4.14
CA TYR Q 31 16.14 -25.03 -2.96
C TYR Q 31 17.35 -24.22 -3.42
N TRP Q 32 17.35 -22.92 -3.10
CA TRP Q 32 18.45 -22.05 -3.50
C TRP Q 32 19.51 -21.97 -2.42
N GLY Q 33 19.06 -21.75 -1.19
CA GLY Q 33 19.96 -21.66 -0.06
C GLY Q 33 19.25 -21.97 1.24
N PRO Q 34 19.98 -22.18 2.34
CA PRO Q 34 19.34 -22.48 3.62
C PRO Q 34 18.49 -21.31 4.10
N GLY Q 35 17.18 -21.40 3.88
CA GLY Q 35 16.27 -20.35 4.31
C GLY Q 35 16.21 -19.20 3.32
N HIS Q 36 16.45 -19.52 2.05
CA HIS Q 36 16.44 -18.54 0.98
C HIS Q 36 14.98 -18.33 0.50
N PRO Q 37 14.46 -17.10 0.65
CA PRO Q 37 13.09 -16.76 0.25
C PRO Q 37 12.69 -17.27 -1.13
N LEU Q 38 13.67 -17.79 -1.88
CA LEU Q 38 13.42 -18.31 -3.21
C LEU Q 38 12.95 -19.77 -3.25
N ASN Q 39 13.24 -20.54 -2.21
CA ASN Q 39 12.84 -21.94 -2.15
C ASN Q 39 11.40 -22.14 -2.56
N VAL Q 40 11.14 -23.20 -3.33
CA VAL Q 40 9.80 -23.47 -3.81
C VAL Q 40 9.34 -24.90 -3.56
N GLY Q 41 8.03 -25.07 -3.41
CA GLY Q 41 7.47 -26.39 -3.18
C GLY Q 41 6.16 -26.49 -3.92
N ILE Q 42 5.95 -25.58 -4.86
CA ILE Q 42 4.74 -25.56 -5.65
C ILE Q 42 4.33 -26.92 -6.15
N ARG Q 43 3.02 -27.14 -6.23
CA ARG Q 43 2.45 -28.38 -6.71
C ARG Q 43 2.40 -28.32 -8.24
N LEU Q 44 2.89 -29.35 -8.92
CA LEU Q 44 2.85 -29.33 -10.38
C LEU Q 44 1.45 -29.57 -10.94
N PRO Q 45 0.96 -28.61 -11.73
CA PRO Q 45 -0.37 -28.66 -12.36
C PRO Q 45 -0.35 -29.47 -13.64
N GLY Q 46 -1.54 -29.72 -14.19
CA GLY Q 46 -1.64 -30.48 -15.43
C GLY Q 46 -1.10 -31.90 -15.33
N ARG Q 47 -1.18 -32.66 -16.42
CA ARG Q 47 -0.71 -34.05 -16.48
C ARG Q 47 0.35 -34.40 -15.43
N GLN Q 48 0.09 -35.46 -14.68
CA GLN Q 48 0.98 -35.88 -13.60
C GLN Q 48 1.86 -37.09 -13.92
N THR Q 49 3.15 -36.84 -14.08
CA THR Q 49 4.15 -37.88 -14.35
C THR Q 49 5.48 -37.39 -13.80
N ASN Q 50 6.30 -38.33 -13.36
CA ASN Q 50 7.59 -38.04 -12.78
C ASN Q 50 8.47 -37.11 -13.58
N GLN Q 51 8.92 -37.52 -14.75
CA GLN Q 51 9.78 -36.64 -15.49
C GLN Q 51 9.14 -35.38 -16.00
N ARG Q 52 7.82 -35.28 -16.00
CA ARG Q 52 7.25 -34.02 -16.43
C ARG Q 52 7.71 -33.06 -15.36
N ALA Q 53 7.55 -33.47 -14.11
CA ALA Q 53 7.99 -32.61 -13.02
C ALA Q 53 9.49 -32.33 -13.15
N GLU Q 54 10.27 -33.41 -13.17
CA GLU Q 54 11.72 -33.33 -13.24
C GLU Q 54 12.25 -32.30 -14.24
N ILE Q 55 11.48 -31.98 -15.28
CA ILE Q 55 11.94 -30.97 -16.23
C ILE Q 55 11.23 -29.66 -15.97
N HIS Q 56 9.98 -29.73 -15.54
CA HIS Q 56 9.24 -28.51 -15.24
C HIS Q 56 9.80 -27.89 -13.98
N ALA Q 57 10.80 -28.57 -13.43
CA ALA Q 57 11.48 -28.14 -12.24
C ALA Q 57 12.52 -27.15 -12.73
N ALA Q 58 13.18 -27.50 -13.83
CA ALA Q 58 14.19 -26.64 -14.42
C ALA Q 58 13.56 -25.27 -14.59
N CYS Q 59 12.33 -25.29 -15.11
CA CYS Q 59 11.56 -24.08 -15.36
C CYS Q 59 11.53 -23.16 -14.15
N LYS Q 60 10.62 -23.44 -13.22
CA LYS Q 60 10.47 -22.63 -12.01
C LYS Q 60 11.77 -21.92 -11.66
N ALA Q 61 12.84 -22.72 -11.59
CA ALA Q 61 14.16 -22.20 -11.28
C ALA Q 61 14.46 -21.02 -12.20
N ILE Q 62 14.82 -21.32 -13.44
CA ILE Q 62 15.14 -20.27 -14.40
C ILE Q 62 14.06 -19.20 -14.47
N GLU Q 63 12.79 -19.60 -14.48
CA GLU Q 63 11.71 -18.63 -14.53
C GLU Q 63 11.84 -17.62 -13.39
N GLN Q 64 12.09 -18.13 -12.19
CA GLN Q 64 12.27 -17.26 -11.03
C GLN Q 64 13.44 -16.34 -11.28
N ALA Q 65 14.51 -16.92 -11.82
CA ALA Q 65 15.74 -16.19 -12.12
C ALA Q 65 15.55 -15.02 -13.09
N LYS Q 66 14.85 -15.27 -14.19
CA LYS Q 66 14.60 -14.25 -15.19
C LYS Q 66 14.00 -13.00 -14.56
N THR Q 67 13.00 -13.21 -13.71
CA THR Q 67 12.31 -12.11 -13.03
C THR Q 67 13.22 -11.37 -12.04
N GLN Q 68 14.36 -11.96 -11.73
CA GLN Q 68 15.31 -11.34 -10.81
C GLN Q 68 16.57 -10.94 -11.56
N ASN Q 69 16.41 -10.73 -12.86
CA ASN Q 69 17.48 -10.33 -13.77
C ASN Q 69 18.86 -10.91 -13.41
N ILE Q 70 18.90 -12.20 -13.15
CA ILE Q 70 20.15 -12.87 -12.83
C ILE Q 70 20.63 -13.54 -14.11
N ASN Q 71 21.58 -12.89 -14.77
CA ASN Q 71 22.15 -13.33 -16.04
C ASN Q 71 22.44 -14.83 -16.24
N LYS Q 72 22.96 -15.53 -15.23
CA LYS Q 72 23.31 -16.93 -15.41
C LYS Q 72 23.33 -17.76 -14.12
N LEU Q 73 23.22 -19.08 -14.27
CA LEU Q 73 23.23 -19.97 -13.11
C LEU Q 73 23.65 -21.42 -13.38
N VAL Q 74 23.92 -22.13 -12.29
CA VAL Q 74 24.36 -23.53 -12.30
C VAL Q 74 23.25 -24.42 -11.76
N LEU Q 75 22.35 -24.85 -12.63
CA LEU Q 75 21.24 -25.68 -12.21
C LEU Q 75 21.60 -27.14 -12.02
N TYR Q 76 21.49 -27.61 -10.78
CA TYR Q 76 21.79 -29.00 -10.45
C TYR Q 76 20.51 -29.85 -10.50
N THR Q 77 20.32 -30.63 -11.56
CA THR Q 77 19.14 -31.50 -11.65
C THR Q 77 19.59 -32.92 -11.47
N ASN Q 78 18.65 -33.86 -11.51
CA ASN Q 78 19.00 -35.26 -11.35
C ASN Q 78 18.28 -36.12 -12.36
N SER Q 79 18.21 -35.66 -13.61
CA SER Q 79 17.54 -36.41 -14.66
C SER Q 79 18.23 -36.26 -16.01
N MET Q 80 18.95 -37.29 -16.42
CA MET Q 80 19.63 -37.25 -17.69
C MET Q 80 18.61 -37.18 -18.82
N PHE Q 81 17.33 -37.20 -18.46
CA PHE Q 81 16.27 -37.12 -19.46
C PHE Q 81 16.05 -35.66 -19.78
N THR Q 82 15.89 -34.85 -18.74
CA THR Q 82 15.68 -33.42 -18.89
C THR Q 82 16.90 -32.82 -19.58
N ILE Q 83 18.09 -33.25 -19.14
CA ILE Q 83 19.36 -32.77 -19.66
C ILE Q 83 19.64 -33.23 -21.09
N ASN Q 84 19.74 -34.53 -21.33
CA ASN Q 84 19.99 -35.01 -22.67
C ASN Q 84 18.93 -34.56 -23.66
N GLY Q 85 17.91 -33.87 -23.15
CA GLY Q 85 16.85 -33.37 -24.02
C GLY Q 85 17.05 -31.92 -24.38
N ILE Q 86 17.16 -31.09 -23.35
CA ILE Q 86 17.36 -29.66 -23.52
C ILE Q 86 18.67 -29.35 -24.24
N THR Q 87 19.73 -30.07 -23.89
CA THR Q 87 21.05 -29.86 -24.48
C THR Q 87 21.38 -30.75 -25.68
N ASN Q 88 20.45 -31.59 -26.11
CA ASN Q 88 20.74 -32.47 -27.23
C ASN Q 88 19.56 -32.79 -28.12
N TRP Q 89 18.65 -33.59 -27.60
CA TRP Q 89 17.47 -34.03 -28.33
C TRP Q 89 16.64 -32.94 -28.99
N VAL Q 90 16.27 -31.91 -28.24
CA VAL Q 90 15.48 -30.81 -28.77
C VAL Q 90 15.91 -30.35 -30.15
N GLN Q 91 17.22 -30.17 -30.33
CA GLN Q 91 17.77 -29.73 -31.61
C GLN Q 91 17.33 -30.66 -32.73
N GLY Q 92 17.80 -31.90 -32.65
CA GLY Q 92 17.45 -32.87 -33.66
C GLY Q 92 15.95 -32.88 -33.94
N TRP Q 93 15.17 -32.65 -32.89
CA TRP Q 93 13.72 -32.65 -33.00
C TRP Q 93 13.11 -31.49 -33.75
N LYS Q 94 13.64 -30.28 -33.55
CA LYS Q 94 13.11 -29.11 -34.25
C LYS Q 94 13.51 -29.18 -35.72
N LYS Q 95 13.33 -30.36 -36.30
CA LYS Q 95 13.68 -30.61 -37.70
C LYS Q 95 12.87 -31.81 -38.21
N ASN Q 96 13.21 -33.00 -37.70
CA ASN Q 96 12.52 -34.23 -38.08
C ASN Q 96 11.05 -34.14 -37.68
N GLY Q 97 10.67 -32.99 -37.13
CA GLY Q 97 9.29 -32.76 -36.73
C GLY Q 97 8.89 -33.31 -35.38
N TRP Q 98 9.88 -33.61 -34.54
CA TRP Q 98 9.65 -34.17 -33.20
C TRP Q 98 9.30 -35.65 -33.25
N LYS Q 99 10.09 -36.41 -33.99
CA LYS Q 99 9.89 -37.84 -34.13
C LYS Q 99 10.94 -38.61 -33.33
N THR Q 100 10.47 -39.51 -32.48
CA THR Q 100 11.37 -40.33 -31.69
C THR Q 100 12.25 -41.08 -32.68
N SER Q 101 13.47 -41.42 -32.27
CA SER Q 101 14.37 -42.16 -33.14
C SER Q 101 13.70 -43.50 -33.47
N ALA Q 102 12.46 -43.65 -33.04
CA ALA Q 102 11.68 -44.86 -33.26
C ALA Q 102 10.32 -44.54 -33.90
N GLY Q 103 10.24 -43.41 -34.60
CA GLY Q 103 8.99 -43.02 -35.25
C GLY Q 103 7.80 -42.94 -34.31
N LYS Q 104 7.57 -41.77 -33.73
CA LYS Q 104 6.45 -41.56 -32.82
C LYS Q 104 6.43 -40.12 -32.33
N GLU Q 105 5.25 -39.65 -31.95
CA GLU Q 105 5.08 -38.29 -31.46
C GLU Q 105 5.79 -38.15 -30.12
N VAL Q 106 6.63 -37.12 -29.95
CA VAL Q 106 7.30 -36.96 -28.65
C VAL Q 106 6.20 -36.69 -27.65
N ILE Q 107 6.37 -37.22 -26.43
CA ILE Q 107 5.34 -37.05 -25.43
C ILE Q 107 5.54 -35.88 -24.49
N ASN Q 108 6.63 -35.16 -24.66
CA ASN Q 108 6.84 -34.04 -23.77
C ASN Q 108 7.14 -32.78 -24.55
N LYS Q 109 6.67 -32.72 -25.79
CA LYS Q 109 6.89 -31.57 -26.65
C LYS Q 109 6.63 -30.30 -25.85
N GLU Q 110 5.37 -30.10 -25.50
CA GLU Q 110 4.98 -28.94 -24.73
C GLU Q 110 5.86 -28.76 -23.50
N ASP Q 111 6.59 -29.80 -23.12
CA ASP Q 111 7.46 -29.70 -21.96
C ASP Q 111 8.78 -29.03 -22.30
N PHE Q 112 9.47 -29.57 -23.30
CA PHE Q 112 10.75 -29.01 -23.72
C PHE Q 112 10.56 -27.67 -24.44
N VAL Q 113 9.47 -27.56 -25.20
CA VAL Q 113 9.18 -26.33 -25.94
C VAL Q 113 8.92 -25.20 -24.95
N ALA Q 114 8.58 -25.58 -23.72
CA ALA Q 114 8.30 -24.62 -22.67
C ALA Q 114 9.60 -24.17 -22.03
N LEU Q 115 10.47 -25.14 -21.74
CA LEU Q 115 11.76 -24.87 -21.11
C LEU Q 115 12.67 -24.05 -22.01
N GLU Q 116 12.81 -24.47 -23.27
CA GLU Q 116 13.66 -23.76 -24.20
C GLU Q 116 13.38 -22.26 -24.22
N ARG Q 117 12.12 -21.89 -24.21
CA ARG Q 117 11.75 -20.47 -24.23
C ARG Q 117 12.43 -19.80 -23.05
N LEU Q 118 12.35 -20.42 -21.88
CA LEU Q 118 12.96 -19.85 -20.69
C LEU Q 118 14.47 -19.98 -20.76
N THR Q 119 14.97 -20.49 -21.89
CA THR Q 119 16.40 -20.65 -22.10
C THR Q 119 16.95 -19.40 -22.77
N GLN Q 120 16.12 -18.77 -23.59
CA GLN Q 120 16.51 -17.56 -24.30
C GLN Q 120 16.86 -16.44 -23.34
N GLY Q 121 18.00 -15.81 -23.59
CA GLY Q 121 18.46 -14.73 -22.75
C GLY Q 121 19.04 -15.32 -21.47
N MET Q 122 19.24 -16.63 -21.47
CA MET Q 122 19.79 -17.34 -20.31
C MET Q 122 21.14 -18.01 -20.58
N ASP Q 123 21.91 -18.20 -19.51
CA ASP Q 123 23.24 -18.82 -19.56
C ASP Q 123 23.31 -19.91 -18.49
N ILE Q 124 22.78 -21.09 -18.81
CA ILE Q 124 22.73 -22.20 -17.88
C ILE Q 124 23.92 -23.16 -17.94
N GLN Q 125 24.35 -23.59 -16.75
CA GLN Q 125 25.43 -24.56 -16.64
C GLN Q 125 24.81 -25.80 -16.04
N TRP Q 126 24.31 -26.69 -16.90
CA TRP Q 126 23.66 -27.92 -16.47
C TRP Q 126 24.58 -28.89 -15.75
N MET Q 127 24.24 -29.19 -14.50
CA MET Q 127 25.02 -30.11 -13.68
C MET Q 127 24.08 -31.22 -13.20
N HIS Q 128 24.47 -32.47 -13.46
CA HIS Q 128 23.66 -33.61 -13.05
C HIS Q 128 24.20 -34.26 -11.78
N VAL Q 129 23.57 -33.98 -10.65
CA VAL Q 129 24.01 -34.57 -9.40
C VAL Q 129 23.79 -36.07 -9.49
N PRO Q 130 24.74 -36.87 -8.99
CA PRO Q 130 24.57 -38.32 -9.03
C PRO Q 130 23.27 -38.71 -8.35
N GLY Q 131 23.02 -40.01 -8.23
CA GLY Q 131 21.81 -40.46 -7.58
C GLY Q 131 21.80 -40.07 -6.11
N HIS Q 132 21.86 -41.06 -5.24
CA HIS Q 132 21.88 -40.81 -3.81
C HIS Q 132 23.30 -40.56 -3.32
N SER Q 133 24.01 -39.64 -4.00
CA SER Q 133 25.37 -39.31 -3.63
C SER Q 133 25.43 -38.93 -2.15
N GLY Q 134 24.68 -37.90 -1.75
CA GLY Q 134 24.67 -37.50 -0.36
C GLY Q 134 24.80 -36.03 -0.06
N PHE Q 135 24.50 -35.16 -1.02
CA PHE Q 135 24.60 -33.73 -0.80
C PHE Q 135 23.25 -33.07 -0.49
N ILE Q 136 23.31 -32.05 0.36
CA ILE Q 136 22.13 -31.29 0.78
C ILE Q 136 21.15 -30.97 -0.34
N GLY Q 137 21.58 -30.09 -1.24
CA GLY Q 137 20.75 -29.68 -2.36
C GLY Q 137 19.68 -30.65 -2.75
N ASN Q 138 20.03 -31.68 -3.51
CA ASN Q 138 19.07 -32.66 -3.96
C ASN Q 138 18.15 -33.12 -2.83
N GLU Q 139 18.63 -33.05 -1.59
CA GLU Q 139 17.82 -33.46 -0.45
C GLU Q 139 16.69 -32.48 -0.24
N GLU Q 140 17.03 -31.28 0.21
CA GLU Q 140 16.04 -30.24 0.47
C GLU Q 140 15.14 -30.08 -0.76
N ALA Q 141 15.73 -30.18 -1.94
CA ALA Q 141 14.97 -30.05 -3.16
C ALA Q 141 14.01 -31.24 -3.17
N ASP Q 142 14.57 -32.44 -2.98
CA ASP Q 142 13.80 -33.67 -2.94
C ASP Q 142 12.78 -33.61 -1.81
N ARG Q 143 12.90 -32.60 -0.96
CA ARG Q 143 11.98 -32.45 0.17
C ARG Q 143 10.79 -31.62 -0.29
N LEU Q 144 11.07 -30.35 -0.60
CA LEU Q 144 10.06 -29.41 -1.04
C LEU Q 144 9.19 -30.04 -2.13
N ALA Q 145 9.84 -30.57 -3.16
CA ALA Q 145 9.13 -31.20 -4.27
C ALA Q 145 7.99 -32.05 -3.77
N ARG Q 146 8.29 -32.93 -2.82
CA ARG Q 146 7.30 -33.83 -2.25
C ARG Q 146 6.09 -33.07 -1.70
N GLU Q 147 6.34 -32.01 -0.94
CA GLU Q 147 5.27 -31.22 -0.35
C GLU Q 147 4.28 -30.78 -1.41
N GLY Q 148 4.78 -30.52 -2.61
CA GLY Q 148 3.94 -30.09 -3.70
C GLY Q 148 2.85 -31.09 -4.02
N ALA Q 149 3.18 -32.37 -3.92
CA ALA Q 149 2.21 -33.42 -4.21
C ALA Q 149 1.15 -33.54 -3.12
N LYS Q 150 1.41 -32.92 -1.97
CA LYS Q 150 0.46 -32.97 -0.87
C LYS Q 150 -0.52 -31.80 -0.92
N GLN Q 151 -0.25 -30.84 -1.80
CA GLN Q 151 -1.13 -29.70 -1.94
C GLN Q 151 -2.40 -30.07 -2.70
N SER Q 152 -2.65 -29.39 -3.83
CA SER Q 152 -3.83 -29.65 -4.63
C SER Q 152 -3.95 -28.77 -5.89
N SER R 2 -0.11 -87.20 17.35
CA SER R 2 0.04 -87.88 16.05
C SER R 2 1.45 -88.45 15.88
N HIS R 3 2.38 -87.62 15.45
CA HIS R 3 3.76 -88.05 15.26
C HIS R 3 4.66 -87.65 16.42
N MET R 4 5.81 -87.10 16.06
CA MET R 4 6.85 -86.63 16.98
C MET R 4 8.07 -86.61 16.08
N GLY R 5 8.72 -85.46 15.97
CA GLY R 5 9.89 -85.39 15.10
C GLY R 5 11.21 -85.15 15.80
N ASP R 6 12.20 -84.84 14.97
CA ASP R 6 13.55 -84.54 15.44
C ASP R 6 13.98 -83.30 14.68
N PHE R 7 14.69 -82.43 15.36
CA PHE R 7 15.20 -81.19 14.80
C PHE R 7 15.47 -80.33 15.99
N VAL R 8 16.61 -79.65 15.99
CA VAL R 8 16.92 -78.77 17.09
C VAL R 8 16.43 -77.37 16.74
N VAL R 9 16.38 -76.50 17.74
CA VAL R 9 15.92 -75.14 17.52
C VAL R 9 17.04 -74.18 17.91
N VAL R 10 17.13 -73.08 17.17
CA VAL R 10 18.15 -72.06 17.44
C VAL R 10 17.61 -70.68 17.04
N TYR R 11 17.96 -69.69 17.86
CA TYR R 11 17.55 -68.31 17.63
C TYR R 11 18.74 -67.47 17.15
N THR R 12 18.50 -66.62 16.15
CA THR R 12 19.56 -65.75 15.63
C THR R 12 19.14 -64.27 15.54
N ASP R 13 20.12 -63.38 15.65
CA ASP R 13 19.87 -61.95 15.57
C ASP R 13 21.16 -61.18 15.36
N GLY R 14 21.12 -60.30 14.36
CA GLY R 14 22.26 -59.47 14.03
C GLY R 14 21.94 -58.01 14.33
N CYS R 15 22.72 -57.41 15.23
CA CYS R 15 22.53 -56.03 15.62
C CYS R 15 23.56 -55.23 14.90
N CYS R 16 23.33 -53.93 14.78
CA CYS R 16 24.27 -53.05 14.10
C CYS R 16 24.05 -51.63 14.55
N SER R 17 24.77 -51.22 15.59
CA SER R 17 24.62 -49.87 16.13
C SER R 17 25.32 -48.78 15.35
N SER R 18 24.52 -47.89 14.77
CA SER R 18 25.03 -46.76 13.99
C SER R 18 24.92 -45.50 14.86
N ASN R 19 25.23 -45.65 16.15
CA ASN R 19 25.14 -44.57 17.12
C ASN R 19 26.21 -43.49 17.08
N GLY R 20 25.75 -42.23 17.10
CA GLY R 20 26.61 -41.07 17.07
C GLY R 20 27.39 -40.97 15.77
N ARG R 21 28.63 -40.51 15.89
CA ARG R 21 29.54 -40.39 14.75
C ARG R 21 30.75 -41.27 15.11
N ARG R 22 30.49 -42.22 16.01
CA ARG R 22 31.52 -43.14 16.48
C ARG R 22 31.67 -44.26 15.47
N ARG R 23 30.72 -44.31 14.53
CA ARG R 23 30.68 -45.32 13.46
C ARG R 23 29.93 -46.59 13.88
N PRO R 24 29.44 -47.35 12.90
CA PRO R 24 28.69 -48.60 13.11
C PRO R 24 29.36 -49.63 13.98
N ARG R 25 28.58 -50.65 14.32
CA ARG R 25 29.01 -51.78 15.13
C ARG R 25 27.93 -52.84 15.01
N ALA R 26 28.33 -54.08 14.74
CA ALA R 26 27.36 -55.15 14.57
C ALA R 26 27.79 -56.41 15.30
N GLY R 27 26.82 -57.22 15.73
CA GLY R 27 27.16 -58.44 16.44
C GLY R 27 26.51 -59.71 15.94
N ILE R 28 27.16 -60.83 16.20
CA ILE R 28 26.64 -62.14 15.81
C ILE R 28 25.90 -62.68 17.03
N GLY R 29 24.70 -63.19 16.82
CA GLY R 29 23.93 -63.73 17.94
C GLY R 29 23.30 -65.08 17.67
N VAL R 30 23.65 -66.07 18.48
CA VAL R 30 23.09 -67.40 18.34
C VAL R 30 22.79 -68.03 19.72
N TYR R 31 21.52 -68.40 19.90
CA TYR R 31 21.00 -68.98 21.15
C TYR R 31 20.34 -70.33 20.91
N TRP R 32 20.86 -71.36 21.57
CA TRP R 32 20.34 -72.72 21.44
C TRP R 32 19.50 -73.15 22.65
N GLY R 33 19.70 -72.45 23.76
CA GLY R 33 18.98 -72.76 24.98
C GLY R 33 19.72 -72.17 26.17
N PRO R 34 19.07 -72.10 27.34
CA PRO R 34 19.75 -71.55 28.52
C PRO R 34 21.06 -72.26 28.78
N GLY R 35 22.01 -71.52 29.34
CA GLY R 35 23.31 -72.07 29.67
C GLY R 35 23.98 -72.90 28.59
N HIS R 36 23.30 -73.04 27.46
CA HIS R 36 23.81 -73.83 26.35
C HIS R 36 25.27 -73.49 26.05
N PRO R 37 26.08 -74.52 25.72
CA PRO R 37 27.50 -74.37 25.41
C PRO R 37 27.81 -73.92 23.98
N LEU R 38 26.81 -73.92 23.11
CA LEU R 38 27.03 -73.46 21.74
C LEU R 38 26.66 -72.00 21.57
N ASN R 39 26.02 -71.41 22.58
CA ASN R 39 25.61 -70.02 22.50
C ASN R 39 26.79 -69.11 22.28
N VAL R 40 26.64 -68.16 21.37
CA VAL R 40 27.73 -67.27 21.01
C VAL R 40 27.33 -65.83 20.77
N GLY R 41 28.22 -64.95 21.20
CA GLY R 41 28.07 -63.52 21.03
C GLY R 41 29.42 -63.00 20.59
N ILE R 42 29.68 -63.05 19.29
CA ILE R 42 30.94 -62.58 18.72
C ILE R 42 30.71 -61.40 17.78
N ARG R 43 31.70 -60.52 17.65
CA ARG R 43 31.55 -59.35 16.78
C ARG R 43 31.77 -59.66 15.31
N LEU R 44 30.83 -59.21 14.50
CA LEU R 44 30.85 -59.42 13.05
C LEU R 44 32.02 -58.76 12.34
N PRO R 45 32.74 -59.53 11.54
CA PRO R 45 33.87 -58.91 10.84
C PRO R 45 33.50 -58.34 9.46
N GLY R 46 34.15 -57.25 9.07
CA GLY R 46 33.88 -56.67 7.77
C GLY R 46 33.01 -55.43 7.75
N ARG R 47 32.14 -55.34 6.75
CA ARG R 47 31.24 -54.20 6.63
C ARG R 47 30.31 -54.24 7.85
N GLN R 48 30.10 -53.10 8.50
CA GLN R 48 29.23 -53.06 9.66
C GLN R 48 27.80 -52.59 9.30
N THR R 49 26.97 -53.50 8.80
CA THR R 49 25.62 -53.09 8.44
C THR R 49 24.51 -53.92 9.04
N ASN R 50 23.35 -53.28 9.09
CA ASN R 50 22.11 -53.84 9.57
C ASN R 50 21.95 -55.24 9.00
N GLN R 51 21.35 -55.30 7.82
CA GLN R 51 21.06 -56.55 7.15
C GLN R 51 22.24 -57.41 6.73
N ARG R 52 23.38 -57.26 7.39
CA ARG R 52 24.55 -58.08 7.04
C ARG R 52 24.98 -58.89 8.23
N ALA R 53 24.64 -58.40 9.42
CA ALA R 53 24.98 -59.08 10.65
C ALA R 53 23.98 -60.20 10.88
N GLU R 54 22.71 -59.82 10.92
CA GLU R 54 21.62 -60.75 11.13
C GLU R 54 21.86 -62.00 10.31
N ILE R 55 22.03 -61.79 9.02
CA ILE R 55 22.23 -62.88 8.10
C ILE R 55 23.45 -63.72 8.42
N HIS R 56 24.56 -63.09 8.76
CA HIS R 56 25.77 -63.85 9.08
C HIS R 56 25.64 -64.64 10.36
N ALA R 57 24.61 -64.34 11.11
CA ALA R 57 24.35 -65.03 12.37
C ALA R 57 23.69 -66.33 11.99
N ALA R 58 22.76 -66.27 11.06
CA ALA R 58 22.09 -67.49 10.63
C ALA R 58 23.20 -68.45 10.24
N CYS R 59 24.25 -67.90 9.66
CA CYS R 59 25.40 -68.67 9.22
C CYS R 59 26.06 -69.39 10.39
N LYS R 60 26.76 -68.64 11.26
CA LYS R 60 27.42 -69.25 12.42
C LYS R 60 26.52 -70.34 13.01
N ALA R 61 25.23 -70.04 13.08
CA ALA R 61 24.24 -70.95 13.61
C ALA R 61 24.24 -72.26 12.81
N ILE R 62 23.88 -72.15 11.53
CA ILE R 62 23.84 -73.31 10.66
C ILE R 62 25.23 -73.93 10.48
N GLU R 63 26.24 -73.23 10.97
CA GLU R 63 27.62 -73.72 10.89
C GLU R 63 27.76 -74.72 12.01
N GLN R 64 27.58 -74.24 13.22
CA GLN R 64 27.66 -75.08 14.39
C GLN R 64 26.73 -76.25 14.12
N ALA R 65 25.55 -75.94 13.62
CA ALA R 65 24.55 -76.96 13.33
C ALA R 65 25.15 -78.19 12.69
N LYS R 66 26.09 -77.99 11.78
CA LYS R 66 26.70 -79.12 11.12
C LYS R 66 27.74 -79.82 11.97
N THR R 67 28.12 -79.21 13.10
CA THR R 67 29.11 -79.83 13.96
C THR R 67 28.46 -80.71 15.02
N GLN R 68 27.15 -80.66 15.12
CA GLN R 68 26.41 -81.48 16.07
C GLN R 68 25.71 -82.52 15.23
N ASN R 69 26.03 -82.47 13.94
CA ASN R 69 25.45 -83.36 12.93
C ASN R 69 23.95 -83.16 12.89
N ILE R 70 23.51 -81.92 13.06
CA ILE R 70 22.09 -81.63 12.99
C ILE R 70 21.76 -81.56 11.50
N ASN R 71 20.89 -82.45 11.06
CA ASN R 71 20.53 -82.52 9.66
C ASN R 71 19.30 -81.68 9.37
N LYS R 72 18.58 -81.29 10.42
CA LYS R 72 17.37 -80.52 10.24
C LYS R 72 17.04 -79.66 11.44
N LEU R 73 17.21 -78.36 11.31
CA LEU R 73 16.91 -77.47 12.42
C LEU R 73 15.91 -76.39 12.05
N VAL R 74 15.32 -75.82 13.07
CA VAL R 74 14.36 -74.76 12.92
C VAL R 74 15.08 -73.50 13.39
N LEU R 75 15.11 -72.47 12.54
CA LEU R 75 15.80 -71.22 12.85
C LEU R 75 14.86 -70.02 13.04
N TYR R 76 14.80 -69.53 14.26
CA TYR R 76 13.95 -68.38 14.62
C TYR R 76 14.73 -67.08 14.49
N THR R 77 14.23 -66.18 13.67
CA THR R 77 14.91 -64.89 13.47
C THR R 77 13.90 -63.84 13.03
N ASN R 78 14.12 -62.62 13.48
CA ASN R 78 13.24 -61.52 13.14
C ASN R 78 13.67 -60.78 11.88
N SER R 79 14.51 -61.42 11.06
CA SER R 79 14.99 -60.79 9.84
C SER R 79 14.29 -61.26 8.58
N MET R 80 13.09 -60.73 8.31
CA MET R 80 12.34 -61.12 7.12
C MET R 80 13.22 -61.09 5.88
N PHE R 81 14.05 -60.05 5.81
CA PHE R 81 14.98 -59.85 4.70
C PHE R 81 15.83 -61.10 4.45
N THR R 82 16.45 -61.61 5.52
CA THR R 82 17.28 -62.79 5.38
C THR R 82 16.43 -63.91 4.83
N ILE R 83 15.44 -64.35 5.61
CA ILE R 83 14.54 -65.43 5.22
C ILE R 83 14.02 -65.26 3.80
N ASN R 84 13.36 -64.14 3.53
CA ASN R 84 12.83 -63.88 2.18
C ASN R 84 13.98 -63.85 1.18
N GLY R 85 15.22 -63.90 1.68
CA GLY R 85 16.35 -63.89 0.80
C GLY R 85 16.87 -65.26 0.43
N ILE R 86 17.00 -66.13 1.44
CA ILE R 86 17.53 -67.49 1.24
C ILE R 86 16.47 -68.52 0.83
N THR R 87 15.21 -68.08 0.76
CA THR R 87 14.10 -68.95 0.41
C THR R 87 13.39 -68.53 -0.87
N ASN R 88 13.69 -67.33 -1.35
CA ASN R 88 13.06 -66.78 -2.54
C ASN R 88 14.02 -66.10 -3.50
N TRP R 89 14.42 -64.89 -3.14
CA TRP R 89 15.32 -64.09 -3.99
C TRP R 89 16.68 -64.69 -4.29
N VAL R 90 17.10 -65.71 -3.56
CA VAL R 90 18.41 -66.30 -3.83
C VAL R 90 18.44 -67.10 -5.13
N GLN R 91 17.60 -68.13 -5.20
CA GLN R 91 17.54 -69.00 -6.36
C GLN R 91 17.40 -68.21 -7.66
N GLY R 92 16.76 -67.04 -7.56
CA GLY R 92 16.55 -66.19 -8.71
C GLY R 92 17.83 -65.55 -9.21
N TRP R 93 18.48 -64.79 -8.33
CA TRP R 93 19.72 -64.10 -8.65
C TRP R 93 20.74 -65.02 -9.34
N LYS R 94 20.72 -66.30 -9.00
CA LYS R 94 21.62 -67.26 -9.59
C LYS R 94 21.36 -67.27 -11.09
N LYS R 95 20.16 -67.70 -11.47
CA LYS R 95 19.76 -67.77 -12.87
C LYS R 95 19.43 -66.39 -13.44
N ASN R 96 19.98 -65.33 -12.82
CA ASN R 96 19.72 -63.98 -13.26
C ASN R 96 20.96 -63.06 -13.26
N GLY R 97 22.09 -63.59 -12.81
CA GLY R 97 23.31 -62.81 -12.80
C GLY R 97 23.52 -62.03 -11.51
N TRP R 98 22.60 -62.23 -10.56
CA TRP R 98 22.66 -61.54 -9.29
C TRP R 98 22.54 -60.03 -9.47
N LYS R 99 21.45 -59.65 -10.14
CA LYS R 99 21.13 -58.26 -10.41
C LYS R 99 19.84 -57.95 -9.67
N THR R 100 19.73 -56.73 -9.14
CA THR R 100 18.55 -56.31 -8.41
C THR R 100 17.40 -56.06 -9.37
N SER R 101 16.19 -55.94 -8.83
CA SER R 101 15.04 -55.65 -9.67
C SER R 101 15.17 -54.18 -10.04
N ALA R 102 16.42 -53.73 -10.19
CA ALA R 102 16.77 -52.37 -10.54
C ALA R 102 17.96 -52.44 -11.47
N GLY R 103 18.24 -53.65 -11.94
CA GLY R 103 19.35 -53.85 -12.84
C GLY R 103 20.72 -53.63 -12.23
N LYS R 104 20.76 -53.34 -10.93
CA LYS R 104 22.03 -53.12 -10.24
C LYS R 104 22.49 -54.40 -9.55
N GLU R 105 23.75 -54.44 -9.12
CA GLU R 105 24.29 -55.64 -8.47
C GLU R 105 23.84 -55.80 -7.03
N VAL R 106 23.37 -57.00 -6.72
CA VAL R 106 22.91 -57.34 -5.38
C VAL R 106 23.94 -57.03 -4.30
N ILE R 107 23.65 -56.01 -3.49
CA ILE R 107 24.54 -55.54 -2.43
C ILE R 107 25.20 -56.60 -1.57
N ASN R 108 24.38 -57.36 -0.84
CA ASN R 108 24.88 -58.39 0.07
C ASN R 108 25.05 -59.77 -0.54
N LYS R 109 25.72 -59.83 -1.69
CA LYS R 109 25.92 -61.11 -2.36
C LYS R 109 26.93 -62.05 -1.70
N GLU R 110 28.17 -61.59 -1.56
CA GLU R 110 29.22 -62.42 -0.99
C GLU R 110 28.83 -63.05 0.33
N ASP R 111 27.70 -62.63 0.88
CA ASP R 111 27.22 -63.20 2.14
C ASP R 111 26.12 -64.22 1.83
N PHE R 112 25.09 -63.78 1.11
CA PHE R 112 24.02 -64.68 0.75
C PHE R 112 24.65 -65.91 0.13
N VAL R 113 25.74 -65.69 -0.61
CA VAL R 113 26.43 -66.80 -1.24
C VAL R 113 26.98 -67.74 -0.18
N ALA R 114 27.42 -67.17 0.92
CA ALA R 114 27.98 -67.96 2.01
C ALA R 114 26.91 -68.93 2.53
N LEU R 115 25.81 -68.36 2.99
CA LEU R 115 24.69 -69.13 3.51
C LEU R 115 24.53 -70.38 2.66
N GLU R 116 24.23 -70.19 1.38
CA GLU R 116 24.05 -71.28 0.43
C GLU R 116 24.98 -72.45 0.72
N ARG R 117 26.27 -72.18 0.57
CA ARG R 117 27.32 -73.18 0.79
C ARG R 117 27.17 -73.93 2.10
N LEU R 118 26.43 -73.35 3.03
CA LEU R 118 26.20 -73.99 4.33
C LEU R 118 24.89 -74.76 4.38
N THR R 119 24.00 -74.48 3.45
CA THR R 119 22.71 -75.16 3.44
C THR R 119 22.73 -76.56 2.85
N GLN R 120 23.54 -76.77 1.81
CA GLN R 120 23.60 -78.08 1.19
C GLN R 120 23.61 -79.19 2.23
N GLY R 121 22.47 -79.89 2.34
CA GLY R 121 22.36 -80.98 3.29
C GLY R 121 21.44 -80.68 4.46
N MET R 122 21.34 -79.41 4.80
CA MET R 122 20.49 -79.03 5.91
C MET R 122 19.06 -78.78 5.46
N ASP R 123 18.10 -79.36 6.16
CA ASP R 123 16.70 -79.11 5.84
C ASP R 123 16.37 -78.05 6.89
N ILE R 124 16.38 -76.79 6.46
CA ILE R 124 16.12 -75.68 7.37
C ILE R 124 14.72 -75.11 7.30
N GLN R 125 14.05 -75.07 8.44
CA GLN R 125 12.72 -74.53 8.53
C GLN R 125 12.92 -73.11 9.04
N TRP R 126 12.72 -72.12 8.17
CA TRP R 126 12.91 -70.73 8.56
C TRP R 126 11.69 -70.10 9.21
N MET R 127 11.88 -69.56 10.41
CA MET R 127 10.76 -68.95 11.10
C MET R 127 10.97 -67.49 11.31
N HIS R 128 10.14 -66.68 10.67
CA HIS R 128 10.24 -65.24 10.86
C HIS R 128 9.35 -64.77 11.99
N VAL R 129 9.97 -64.32 13.07
CA VAL R 129 9.24 -63.84 14.21
C VAL R 129 9.15 -62.33 14.12
N PRO R 130 7.94 -61.78 14.25
CA PRO R 130 7.75 -60.33 14.17
C PRO R 130 8.50 -59.56 15.23
N GLY R 131 8.08 -58.31 15.42
CA GLY R 131 8.69 -57.42 16.38
C GLY R 131 8.91 -57.99 17.76
N HIS R 132 8.84 -57.10 18.76
CA HIS R 132 9.04 -57.49 20.16
C HIS R 132 8.15 -58.64 20.62
N SER R 133 7.66 -59.46 19.69
CA SER R 133 6.82 -60.59 20.02
C SER R 133 7.66 -61.87 20.00
N GLY R 134 7.00 -63.02 20.16
CA GLY R 134 7.72 -64.29 20.14
C GLY R 134 8.04 -64.85 21.52
N PHE R 135 8.93 -65.84 21.58
CA PHE R 135 9.34 -66.43 22.85
C PHE R 135 10.56 -65.66 23.30
N ILE R 136 10.93 -65.78 24.57
CA ILE R 136 12.14 -65.09 25.02
C ILE R 136 13.24 -65.94 24.39
N GLY R 137 14.50 -65.59 24.63
CA GLY R 137 15.57 -66.37 24.02
C GLY R 137 15.46 -66.14 22.52
N ASN R 138 14.79 -65.04 22.22
CA ASN R 138 14.52 -64.56 20.89
C ASN R 138 14.96 -63.12 21.11
N GLU R 139 14.87 -62.73 22.36
CA GLU R 139 15.28 -61.42 22.80
C GLU R 139 16.56 -61.63 23.59
N GLU R 140 16.97 -62.90 23.73
CA GLU R 140 18.21 -63.26 24.42
C GLU R 140 19.29 -63.24 23.36
N ALA R 141 18.94 -63.76 22.19
CA ALA R 141 19.88 -63.77 21.08
C ALA R 141 20.17 -62.31 20.84
N ASP R 142 19.13 -61.49 20.95
CA ASP R 142 19.28 -60.05 20.77
C ASP R 142 20.29 -59.58 21.81
N ARG R 143 20.05 -59.91 23.07
CA ARG R 143 20.95 -59.51 24.15
C ARG R 143 22.34 -60.15 23.98
N LEU R 144 22.41 -61.25 23.23
CA LEU R 144 23.67 -61.93 23.01
C LEU R 144 24.52 -61.27 21.94
N ALA R 145 23.86 -60.73 20.93
CA ALA R 145 24.54 -60.10 19.83
C ALA R 145 25.06 -58.72 20.19
N ARG R 146 24.37 -58.02 21.10
CA ARG R 146 24.82 -56.69 21.49
C ARG R 146 26.17 -56.87 22.15
N GLU R 147 26.34 -58.00 22.83
CA GLU R 147 27.60 -58.30 23.50
C GLU R 147 28.74 -58.45 22.52
N GLY R 148 28.59 -59.35 21.58
CA GLY R 148 29.63 -59.53 20.59
C GLY R 148 29.98 -58.17 20.02
N ALA R 149 28.94 -57.40 19.72
CA ALA R 149 29.14 -56.07 19.15
C ALA R 149 30.21 -55.29 19.89
N LYS R 150 30.14 -55.31 21.22
CA LYS R 150 31.08 -54.59 22.06
C LYS R 150 32.53 -55.02 21.92
N GLN R 151 32.77 -56.15 21.26
CA GLN R 151 34.13 -56.66 21.05
C GLN R 151 34.94 -55.80 20.08
N SER R 152 36.24 -56.06 19.99
CA SER R 152 37.10 -55.27 19.10
C SER R 152 37.26 -55.93 17.74
N ASP S 6 36.88 19.03 -1.06
CA ASP S 6 35.65 18.23 -0.84
C ASP S 6 34.56 19.10 -0.23
N PHE S 7 34.70 20.41 -0.34
CA PHE S 7 33.71 21.32 0.22
C PHE S 7 32.56 21.59 -0.73
N VAL S 8 31.40 21.92 -0.17
CA VAL S 8 30.25 22.22 -0.99
C VAL S 8 29.98 23.72 -0.90
N VAL S 9 29.69 24.35 -2.03
CA VAL S 9 29.43 25.78 -2.03
C VAL S 9 27.93 26.07 -2.04
N VAL S 10 27.55 27.05 -1.24
CA VAL S 10 26.15 27.44 -1.13
C VAL S 10 25.99 28.93 -0.81
N TYR S 11 24.94 29.54 -1.34
CA TYR S 11 24.70 30.95 -1.12
C TYR S 11 23.41 31.15 -0.36
N THR S 12 23.48 31.99 0.67
CA THR S 12 22.28 32.26 1.43
C THR S 12 22.05 33.75 1.43
N ASP S 13 20.81 34.15 1.74
CA ASP S 13 20.48 35.55 1.81
C ASP S 13 19.20 35.76 2.60
N GLY S 14 19.19 36.86 3.34
CA GLY S 14 18.02 37.19 4.13
C GLY S 14 17.27 38.30 3.45
N CYS S 15 15.95 38.26 3.53
CA CYS S 15 15.15 39.28 2.90
C CYS S 15 14.09 39.80 3.83
N CYS S 16 13.90 41.11 3.85
CA CYS S 16 12.88 41.71 4.70
C CYS S 16 12.35 43.02 4.18
N SER S 17 11.14 42.97 3.63
CA SER S 17 10.49 44.16 3.08
C SER S 17 9.95 45.05 4.19
N SER S 18 9.92 46.35 3.93
CA SER S 18 9.46 47.32 4.91
C SER S 18 10.10 47.04 6.27
N ASN S 19 11.42 46.92 6.25
CA ASN S 19 12.17 46.68 7.46
C ASN S 19 12.07 47.92 8.32
N GLY S 20 11.53 47.76 9.52
CA GLY S 20 11.39 48.89 10.42
C GLY S 20 10.23 49.79 10.00
N ARG S 21 9.33 49.23 9.20
CA ARG S 21 8.18 49.99 8.73
C ARG S 21 6.87 49.42 9.25
N ARG S 22 5.77 49.92 8.69
CA ARG S 22 4.44 49.48 9.07
C ARG S 22 4.34 47.97 9.23
N ARG S 23 4.47 47.22 8.14
CA ARG S 23 4.36 45.77 8.27
C ARG S 23 5.46 45.02 7.58
N PRO S 24 6.54 44.69 8.33
CA PRO S 24 7.70 43.96 7.84
C PRO S 24 7.27 42.60 7.35
N ARG S 25 7.97 42.09 6.33
CA ARG S 25 7.65 40.79 5.74
C ARG S 25 8.93 40.17 5.20
N ALA S 26 9.56 39.32 6.00
CA ALA S 26 10.83 38.67 5.63
C ALA S 26 10.75 37.26 5.07
N GLY S 27 11.85 36.86 4.40
CA GLY S 27 11.97 35.55 3.79
C GLY S 27 13.42 35.13 3.71
N ILE S 28 13.70 33.91 3.26
CA ILE S 28 15.08 33.42 3.19
C ILE S 28 15.45 32.61 1.95
N GLY S 29 16.59 32.92 1.38
CA GLY S 29 17.03 32.19 0.21
C GLY S 29 18.18 31.28 0.56
N VAL S 30 18.51 30.36 -0.34
CA VAL S 30 19.58 29.41 -0.15
C VAL S 30 19.76 28.69 -1.48
N TYR S 31 20.68 29.22 -2.28
CA TYR S 31 20.99 28.72 -3.62
C TYR S 31 22.08 27.66 -3.63
N TRP S 32 21.74 26.47 -4.10
CA TRP S 32 22.70 25.38 -4.18
C TRP S 32 23.29 25.21 -5.57
N GLY S 33 22.63 25.79 -6.57
CA GLY S 33 23.12 25.69 -7.94
C GLY S 33 22.01 25.82 -8.96
N PRO S 34 22.32 26.14 -10.22
CA PRO S 34 21.24 26.28 -11.18
C PRO S 34 20.41 25.01 -11.28
N GLY S 35 19.13 25.11 -10.93
CA GLY S 35 18.23 23.98 -10.99
C GLY S 35 18.41 22.94 -9.90
N HIS S 36 19.12 23.31 -8.83
CA HIS S 36 19.33 22.36 -7.76
C HIS S 36 18.02 22.04 -7.03
N PRO S 37 17.76 20.75 -6.78
CA PRO S 37 16.55 20.30 -6.10
C PRO S 37 16.48 20.74 -4.65
N LEU S 38 17.40 21.61 -4.25
CA LEU S 38 17.40 22.09 -2.88
C LEU S 38 17.40 23.61 -2.82
N ASN S 39 17.21 24.25 -3.97
CA ASN S 39 17.15 25.70 -4.04
C ASN S 39 15.80 26.12 -3.51
N VAL S 40 15.78 26.51 -2.24
CA VAL S 40 14.55 26.89 -1.62
C VAL S 40 14.54 28.35 -1.26
N GLY S 41 13.33 28.89 -1.15
CA GLY S 41 13.12 30.28 -0.78
C GLY S 41 11.82 30.29 0.00
N ILE S 42 11.90 30.18 1.32
CA ILE S 42 10.73 30.14 2.18
C ILE S 42 10.51 31.44 2.95
N ARG S 43 9.34 31.57 3.60
CA ARG S 43 9.05 32.77 4.38
C ARG S 43 9.44 32.61 5.85
N LEU S 44 10.21 33.58 6.35
CA LEU S 44 10.67 33.56 7.74
C LEU S 44 9.58 33.43 8.78
N PRO S 45 9.57 32.30 9.51
CA PRO S 45 8.57 32.07 10.55
C PRO S 45 8.82 32.98 11.74
N GLY S 46 7.73 33.40 12.38
CA GLY S 46 7.87 34.24 13.56
C GLY S 46 8.28 35.69 13.34
N ARG S 47 8.93 36.26 14.36
CA ARG S 47 9.38 37.64 14.32
C ARG S 47 9.92 37.95 12.94
N GLN S 48 9.58 39.12 12.40
CA GLN S 48 9.97 39.47 11.05
C GLN S 48 10.95 40.63 10.90
N THR S 49 12.26 40.33 10.84
CA THR S 49 13.23 41.40 10.68
C THR S 49 14.51 41.06 9.94
N ASN S 50 15.09 42.13 9.44
CA ASN S 50 16.34 42.18 8.73
C ASN S 50 17.28 41.05 9.12
N GLN S 51 18.03 41.31 10.19
CA GLN S 51 19.00 40.37 10.74
C GLN S 51 18.36 38.99 10.84
N ARG S 52 17.40 38.87 11.74
CA ARG S 52 16.69 37.63 11.97
C ARG S 52 16.67 36.81 10.69
N ALA S 53 16.25 37.48 9.62
CA ALA S 53 16.15 36.85 8.30
C ALA S 53 17.47 36.27 7.80
N GLU S 54 18.44 37.15 7.56
CA GLU S 54 19.73 36.76 7.05
C GLU S 54 20.35 35.54 7.75
N ILE S 55 20.31 35.53 9.08
CA ILE S 55 20.91 34.44 9.83
C ILE S 55 20.17 33.12 9.70
N HIS S 56 18.85 33.18 9.72
CA HIS S 56 18.11 31.93 9.58
C HIS S 56 18.26 31.36 8.18
N ALA S 57 18.59 32.23 7.23
CA ALA S 57 18.79 31.79 5.86
C ALA S 57 19.88 30.74 5.97
N ALA S 58 20.94 31.11 6.69
CA ALA S 58 22.06 30.21 6.92
C ALA S 58 21.55 28.88 7.45
N CYS S 59 20.94 28.90 8.63
CA CYS S 59 20.40 27.70 9.24
C CYS S 59 19.83 26.76 8.19
N LYS S 60 18.77 27.21 7.52
CA LYS S 60 18.12 26.40 6.51
C LYS S 60 19.15 25.69 5.66
N ALA S 61 20.14 26.45 5.20
CA ALA S 61 21.21 25.93 4.36
C ALA S 61 21.92 24.79 5.06
N ILE S 62 22.44 25.04 6.25
CA ILE S 62 23.13 23.97 6.93
C ILE S 62 22.22 22.87 7.46
N GLU S 63 21.01 23.21 7.94
CA GLU S 63 20.13 22.14 8.40
C GLU S 63 19.96 21.26 7.17
N GLN S 64 19.77 21.90 6.02
CA GLN S 64 19.64 21.18 4.77
C GLN S 64 20.89 20.33 4.56
N ALA S 65 22.04 20.98 4.66
CA ALA S 65 23.32 20.32 4.49
C ALA S 65 23.29 18.92 5.08
N LYS S 66 23.30 18.86 6.40
CA LYS S 66 23.28 17.60 7.12
C LYS S 66 22.34 16.56 6.49
N THR S 67 21.08 16.93 6.25
CA THR S 67 20.13 16.00 5.66
C THR S 67 20.66 15.32 4.40
N GLN S 68 21.78 15.82 3.88
CA GLN S 68 22.42 15.27 2.69
C GLN S 68 23.76 14.65 3.06
N ASN S 69 23.85 14.24 4.32
CA ASN S 69 25.07 13.65 4.89
C ASN S 69 26.34 14.29 4.39
N ILE S 70 26.42 15.61 4.60
CA ILE S 70 27.58 16.41 4.23
C ILE S 70 27.95 17.12 5.53
N ASN S 71 29.24 17.39 5.72
CA ASN S 71 29.66 18.03 6.96
C ASN S 71 30.67 19.16 6.76
N LYS S 72 30.93 19.52 5.51
CA LYS S 72 31.88 20.58 5.24
C LYS S 72 31.47 21.39 4.01
N LEU S 73 30.93 22.58 4.27
CA LEU S 73 30.46 23.44 3.21
C LEU S 73 30.89 24.89 3.43
N VAL S 74 30.85 25.66 2.35
CA VAL S 74 31.23 27.07 2.38
C VAL S 74 29.96 27.89 2.28
N LEU S 75 29.74 28.73 3.27
CA LEU S 75 28.56 29.59 3.29
C LEU S 75 28.87 30.98 2.76
N TYR S 76 28.24 31.35 1.64
CA TYR S 76 28.45 32.68 1.08
C TYR S 76 27.28 33.58 1.43
N THR S 77 27.40 34.29 2.54
CA THR S 77 26.37 35.23 2.97
C THR S 77 26.94 36.59 2.61
N ASN S 78 26.39 37.64 3.20
CA ASN S 78 26.86 38.99 2.95
C ASN S 78 26.37 39.82 4.10
N SER S 79 26.22 39.12 5.23
CA SER S 79 25.76 39.71 6.47
C SER S 79 26.90 39.62 7.45
N MET S 80 27.84 40.56 7.38
CA MET S 80 28.95 40.49 8.32
C MET S 80 28.37 40.12 9.67
N PHE S 81 27.14 40.59 9.90
CA PHE S 81 26.43 40.34 11.14
C PHE S 81 26.36 38.87 11.47
N THR S 82 25.70 38.13 10.60
CA THR S 82 25.56 36.69 10.81
C THR S 82 26.91 36.03 10.99
N ILE S 83 27.93 36.56 10.30
CA ILE S 83 29.28 36.02 10.37
C ILE S 83 29.99 36.41 11.69
N ASN S 84 30.28 37.70 11.86
CA ASN S 84 30.93 38.15 13.08
C ASN S 84 30.22 37.52 14.27
N GLY S 85 28.90 37.48 14.20
CA GLY S 85 28.14 36.90 15.28
C GLY S 85 28.50 35.48 15.62
N ILE S 86 28.40 34.60 14.63
CA ILE S 86 28.68 33.20 14.87
C ILE S 86 30.13 32.83 15.09
N THR S 87 31.07 33.56 14.49
CA THR S 87 32.48 33.19 14.67
C THR S 87 33.19 33.76 15.90
N ASN S 88 33.41 35.07 15.90
CA ASN S 88 34.13 35.70 17.01
C ASN S 88 33.25 36.41 18.03
N TRP S 89 31.97 36.05 18.10
CA TRP S 89 31.05 36.69 19.05
C TRP S 89 30.29 35.76 19.98
N VAL S 90 29.78 34.65 19.43
CA VAL S 90 29.00 33.73 20.25
C VAL S 90 29.79 33.05 21.34
N GLN S 91 31.12 33.15 21.29
CA GLN S 91 31.92 32.53 22.33
C GLN S 91 32.00 33.52 23.50
N GLY S 92 32.01 34.81 23.16
CA GLY S 92 32.07 35.84 24.18
C GLY S 92 30.72 35.90 24.88
N TRP S 93 29.64 35.86 24.11
CA TRP S 93 28.32 35.90 24.70
C TRP S 93 28.09 34.71 25.61
N LYS S 94 28.52 33.52 25.17
CA LYS S 94 28.34 32.33 25.99
C LYS S 94 29.06 32.55 27.33
N LYS S 95 30.05 33.44 27.34
CA LYS S 95 30.80 33.72 28.56
C LYS S 95 30.16 34.80 29.41
N ASN S 96 30.27 36.06 28.97
CA ASN S 96 29.70 37.17 29.72
C ASN S 96 28.18 37.11 29.81
N GLY S 97 27.63 35.90 29.87
CA GLY S 97 26.21 35.69 29.98
C GLY S 97 25.34 36.48 29.02
N TRP S 98 25.54 36.27 27.72
CA TRP S 98 24.75 36.94 26.69
C TRP S 98 24.26 38.35 27.01
N LYS S 99 25.12 39.34 26.83
CA LYS S 99 24.72 40.73 27.07
C LYS S 99 25.50 41.55 26.06
N THR S 100 24.86 42.58 25.52
CA THR S 100 25.49 43.43 24.53
C THR S 100 26.78 44.05 25.08
N SER S 101 27.53 44.70 24.21
CA SER S 101 28.76 45.34 24.63
C SER S 101 28.37 46.56 25.44
N ALA S 102 27.08 46.85 25.43
CA ALA S 102 26.50 47.98 26.16
C ALA S 102 25.87 47.40 27.43
N GLY S 103 26.22 46.14 27.69
CA GLY S 103 25.71 45.46 28.85
C GLY S 103 24.20 45.38 28.84
N LYS S 104 23.66 44.62 27.89
CA LYS S 104 22.20 44.47 27.81
C LYS S 104 21.77 43.26 27.00
N GLU S 105 20.50 42.90 27.17
CA GLU S 105 19.89 41.76 26.49
C GLU S 105 20.29 41.68 25.02
N VAL S 106 21.05 40.65 24.67
CA VAL S 106 21.42 40.49 23.26
C VAL S 106 20.15 40.02 22.59
N ILE S 107 19.67 40.82 21.64
CA ILE S 107 18.42 40.56 20.95
C ILE S 107 18.25 39.27 20.18
N ASN S 108 19.23 38.92 19.36
CA ASN S 108 19.06 37.73 18.55
C ASN S 108 19.61 36.44 19.12
N LYS S 109 19.69 36.38 20.45
CA LYS S 109 20.17 35.20 21.15
C LYS S 109 19.50 33.98 20.53
N GLU S 110 18.21 33.83 20.83
CA GLU S 110 17.41 32.71 20.34
C GLU S 110 17.84 32.23 18.96
N ASP S 111 17.89 33.13 17.99
CA ASP S 111 18.29 32.79 16.63
C ASP S 111 19.69 32.26 16.66
N PHE S 112 20.59 33.06 17.24
CA PHE S 112 21.99 32.69 17.33
C PHE S 112 22.24 31.33 18.00
N VAL S 113 21.44 30.99 19.00
CA VAL S 113 21.59 29.72 19.68
C VAL S 113 21.20 28.60 18.74
N ALA S 114 20.09 28.79 18.04
CA ALA S 114 19.59 27.81 17.12
C ALA S 114 20.66 27.56 16.05
N LEU S 115 21.52 28.55 15.85
CA LEU S 115 22.57 28.42 14.85
C LEU S 115 23.70 27.52 15.31
N GLU S 116 24.48 27.98 16.30
CA GLU S 116 25.62 27.20 16.81
C GLU S 116 25.24 25.74 16.98
N ARG S 117 23.98 25.47 17.29
CA ARG S 117 23.56 24.10 17.48
C ARG S 117 23.76 23.34 16.18
N LEU S 118 23.21 23.85 15.09
CA LEU S 118 23.40 23.17 13.80
C LEU S 118 24.86 23.17 13.36
N THR S 119 25.55 24.28 13.58
CA THR S 119 26.95 24.43 13.19
C THR S 119 27.83 23.27 13.63
N GLN S 120 27.79 22.94 14.91
CA GLN S 120 28.62 21.86 15.43
C GLN S 120 28.39 20.53 14.74
N GLY S 121 29.50 19.93 14.33
CA GLY S 121 29.49 18.66 13.63
C GLY S 121 29.92 19.01 12.22
N MET S 122 29.82 20.31 11.94
CA MET S 122 30.15 20.86 10.63
C MET S 122 31.46 21.65 10.56
N ASP S 123 31.99 21.72 9.34
CA ASP S 123 33.19 22.47 9.03
C ASP S 123 32.66 23.55 8.07
N ILE S 124 32.33 24.71 8.65
CA ILE S 124 31.77 25.79 7.87
C ILE S 124 32.66 27.01 7.75
N GLN S 125 33.22 27.21 6.56
CA GLN S 125 34.09 28.35 6.32
C GLN S 125 33.22 29.48 5.75
N TRP S 126 32.82 30.40 6.60
CA TRP S 126 31.97 31.52 6.20
C TRP S 126 32.66 32.51 5.27
N MET S 127 31.92 32.93 4.25
CA MET S 127 32.41 33.85 3.23
C MET S 127 31.47 35.04 3.08
N HIS S 128 32.00 36.26 3.17
CA HIS S 128 31.14 37.43 3.00
C HIS S 128 31.20 38.05 1.60
N VAL S 129 30.27 37.69 0.74
CA VAL S 129 30.24 38.24 -0.59
C VAL S 129 29.84 39.69 -0.47
N PRO S 130 30.45 40.56 -1.28
CA PRO S 130 30.08 41.97 -1.18
C PRO S 130 28.60 42.17 -1.50
N GLY S 131 28.17 43.43 -1.50
CA GLY S 131 26.80 43.76 -1.79
C GLY S 131 26.69 44.31 -3.20
N HIS S 132 25.60 43.97 -3.89
CA HIS S 132 25.40 44.42 -5.26
C HIS S 132 26.73 44.45 -5.99
N SER S 133 27.46 43.34 -5.87
CA SER S 133 28.76 43.18 -6.51
C SER S 133 28.52 42.40 -7.79
N GLY S 134 27.32 41.85 -7.93
CA GLY S 134 26.98 41.10 -9.11
C GLY S 134 27.37 39.65 -9.05
N PHE S 135 27.86 39.19 -7.89
CA PHE S 135 28.26 37.79 -7.74
C PHE S 135 27.03 36.89 -7.82
N ILE S 136 26.81 36.32 -9.02
CA ILE S 136 25.67 35.45 -9.31
C ILE S 136 25.19 34.56 -8.17
N GLY S 137 26.10 33.81 -7.58
CA GLY S 137 25.72 32.96 -6.47
C GLY S 137 24.79 33.71 -5.54
N ASN S 138 25.37 34.60 -4.74
CA ASN S 138 24.58 35.39 -3.80
C ASN S 138 23.55 36.21 -4.53
N GLU S 139 23.68 36.31 -5.84
CA GLU S 139 22.70 37.07 -6.60
C GLU S 139 21.46 36.18 -6.65
N GLU S 140 21.68 34.90 -6.87
CA GLU S 140 20.60 33.96 -6.94
C GLU S 140 19.77 33.85 -5.66
N ALA S 141 20.43 33.76 -4.52
CA ALA S 141 19.73 33.64 -3.24
C ALA S 141 18.78 34.81 -2.98
N ASP S 142 19.24 36.03 -3.24
CA ASP S 142 18.39 37.20 -3.04
C ASP S 142 17.06 36.87 -3.70
N ARG S 143 17.11 36.72 -5.02
CA ARG S 143 15.93 36.39 -5.80
C ARG S 143 15.05 35.39 -5.06
N LEU S 144 15.68 34.38 -4.46
CA LEU S 144 14.93 33.37 -3.73
C LEU S 144 14.39 33.93 -2.42
N ALA S 145 15.27 34.47 -1.60
CA ALA S 145 14.87 35.03 -0.32
C ALA S 145 13.74 36.02 -0.52
N ARG S 146 13.63 36.57 -1.72
CA ARG S 146 12.56 37.53 -2.00
C ARG S 146 11.23 36.83 -2.28
N GLU S 147 11.28 35.66 -2.91
CA GLU S 147 10.03 34.96 -3.15
C GLU S 147 9.58 34.50 -1.78
N GLY S 148 10.45 34.71 -0.81
CA GLY S 148 10.13 34.35 0.55
C GLY S 148 9.00 35.21 1.07
N ALA S 149 9.06 36.52 0.79
CA ALA S 149 8.02 37.45 1.21
C ALA S 149 6.76 37.27 0.36
N LYS S 150 6.48 38.21 -0.55
CA LYS S 150 5.32 38.10 -1.44
C LYS S 150 3.99 38.63 -0.90
N HIS T 3 12.16 93.84 -17.81
CA HIS T 3 12.11 92.35 -17.79
C HIS T 3 12.54 91.76 -19.15
N MET T 4 13.73 92.14 -19.62
CA MET T 4 14.28 91.65 -20.89
C MET T 4 15.51 90.78 -20.60
N GLY T 5 15.27 89.53 -20.23
CA GLY T 5 16.34 88.61 -19.88
C GLY T 5 17.41 88.39 -20.92
N ASP T 6 18.56 87.87 -20.49
CA ASP T 6 19.70 87.60 -21.37
C ASP T 6 20.37 86.26 -21.01
N PHE T 7 19.90 85.17 -21.62
CA PHE T 7 20.43 83.82 -21.36
C PHE T 7 20.33 82.88 -22.57
N VAL T 8 21.34 82.04 -22.75
CA VAL T 8 21.32 81.08 -23.85
C VAL T 8 20.90 79.71 -23.31
N VAL T 9 20.18 78.96 -24.13
CA VAL T 9 19.68 77.65 -23.75
C VAL T 9 20.48 76.51 -24.42
N VAL T 10 20.43 75.32 -23.84
CA VAL T 10 21.12 74.15 -24.38
C VAL T 10 20.52 72.86 -23.81
N TYR T 11 20.38 71.83 -24.65
CA TYR T 11 19.82 70.55 -24.22
C TYR T 11 20.88 69.44 -24.15
N THR T 12 20.94 68.77 -23.00
CA THR T 12 21.89 67.68 -22.81
C THR T 12 21.10 66.40 -22.61
N ASP T 13 21.72 65.27 -22.94
CA ASP T 13 21.03 63.99 -22.76
C ASP T 13 21.89 62.77 -23.00
N GLY T 14 22.43 62.22 -21.91
CA GLY T 14 23.28 61.04 -21.99
C GLY T 14 22.48 59.75 -22.10
N CYS T 15 23.14 58.68 -22.52
CA CYS T 15 22.47 57.39 -22.68
C CYS T 15 23.49 56.27 -22.66
N CYS T 16 23.04 55.06 -22.36
CA CYS T 16 23.93 53.92 -22.31
C CYS T 16 23.20 52.67 -22.74
N SER T 17 23.40 52.32 -24.01
CA SER T 17 22.77 51.14 -24.60
C SER T 17 23.12 49.82 -23.89
N SER T 18 22.36 48.78 -24.23
CA SER T 18 22.52 47.44 -23.66
C SER T 18 22.83 47.45 -22.16
N ASN T 19 22.38 48.51 -21.49
CA ASN T 19 22.59 48.67 -20.05
C ASN T 19 21.37 48.12 -19.32
N ARG T 21 27.30 43.74 -18.00
CA ARG T 21 27.07 42.59 -18.89
C ARG T 21 26.93 43.03 -20.36
N ARG T 22 27.54 42.25 -21.24
CA ARG T 22 27.54 42.51 -22.69
C ARG T 22 28.56 43.61 -23.00
N ARG T 23 28.08 44.76 -23.47
CA ARG T 23 28.94 45.88 -23.80
C ARG T 23 28.12 47.16 -23.90
N PRO T 24 27.75 47.74 -22.74
CA PRO T 24 26.97 48.97 -22.71
C PRO T 24 27.70 50.10 -23.45
N ARG T 25 27.04 50.68 -24.44
CA ARG T 25 27.61 51.78 -25.20
C ARG T 25 27.03 53.11 -24.73
N ALA T 26 27.89 53.99 -24.22
CA ALA T 26 27.43 55.29 -23.73
C ALA T 26 27.61 56.42 -24.74
N GLY T 27 26.55 57.19 -24.96
CA GLY T 27 26.61 58.30 -25.90
C GLY T 27 26.23 59.61 -25.25
N ILE T 28 26.81 60.71 -25.74
CA ILE T 28 26.52 62.04 -25.22
C ILE T 28 25.97 62.97 -26.28
N GLY T 29 24.88 63.65 -25.93
CA GLY T 29 24.28 64.56 -26.88
C GLY T 29 24.21 65.94 -26.27
N VAL T 30 24.12 66.95 -27.10
CA VAL T 30 24.03 68.32 -26.63
C VAL T 30 23.61 69.18 -27.82
N TYR T 31 22.34 69.59 -27.81
CA TYR T 31 21.74 70.39 -28.89
C TYR T 31 21.47 71.82 -28.47
N TRP T 32 22.10 72.75 -29.17
CA TRP T 32 21.95 74.18 -28.89
C TRP T 32 20.84 74.80 -29.73
N GLY T 33 20.47 74.10 -30.81
CA GLY T 33 19.45 74.60 -31.70
C GLY T 33 19.63 73.95 -33.06
N PRO T 34 18.66 74.09 -33.98
CA PRO T 34 18.76 73.50 -35.32
C PRO T 34 19.92 74.05 -36.14
N GLY T 35 20.50 73.21 -36.97
CA GLY T 35 21.62 73.61 -37.79
C GLY T 35 22.84 74.06 -37.02
N HIS T 36 22.63 74.53 -35.78
CA HIS T 36 23.72 75.04 -34.95
C HIS T 36 25.02 74.23 -35.07
N PRO T 37 26.16 74.93 -35.18
CA PRO T 37 27.52 74.40 -35.31
C PRO T 37 28.14 73.75 -34.08
N LEU T 38 27.60 74.06 -32.92
CA LEU T 38 28.13 73.51 -31.68
C LEU T 38 27.47 72.19 -31.29
N ASN T 39 26.39 71.84 -31.98
CA ASN T 39 25.68 70.59 -31.68
C ASN T 39 26.65 69.45 -31.77
N VAL T 40 26.73 68.66 -30.71
CA VAL T 40 27.65 67.54 -30.68
C VAL T 40 27.00 66.22 -30.33
N GLY T 41 27.49 65.16 -30.98
CA GLY T 41 27.01 63.81 -30.77
C GLY T 41 28.20 62.87 -30.80
N ILE T 42 28.83 62.71 -29.65
CA ILE T 42 30.01 61.86 -29.52
C ILE T 42 29.80 60.67 -28.60
N ARG T 43 30.81 59.81 -28.51
CA ARG T 43 30.75 58.64 -27.64
C ARG T 43 31.36 59.06 -26.31
N LEU T 44 31.03 58.34 -25.24
CA LEU T 44 31.57 58.67 -23.93
C LEU T 44 32.83 57.90 -23.60
N PRO T 45 33.80 58.59 -22.99
CA PRO T 45 35.06 57.96 -22.62
C PRO T 45 34.97 57.23 -21.29
N GLY T 46 35.72 56.14 -21.17
CA GLY T 46 35.74 55.39 -19.93
C GLY T 46 34.61 54.44 -19.66
N ARG T 47 34.23 54.38 -18.38
CA ARG T 47 33.16 53.50 -17.95
C ARG T 47 31.83 53.92 -18.56
N GLN T 48 31.27 53.05 -19.39
CA GLN T 48 29.99 53.27 -20.06
C GLN T 48 28.80 52.99 -19.15
N THR T 49 28.16 54.03 -18.65
CA THR T 49 27.01 53.85 -17.77
C THR T 49 25.91 54.87 -17.91
N ASN T 50 24.70 54.36 -17.71
CA ASN T 50 23.47 55.13 -17.74
C ASN T 50 23.68 56.64 -17.52
N GLN T 51 24.26 57.02 -16.39
CA GLN T 51 24.41 58.45 -16.13
C GLN T 51 25.75 59.11 -16.27
N ARG T 52 26.86 58.38 -16.08
CA ARG T 52 28.16 59.01 -16.24
C ARG T 52 28.09 59.84 -17.51
N ALA T 53 27.33 59.33 -18.48
CA ALA T 53 27.11 59.99 -19.75
C ALA T 53 26.20 61.17 -19.49
N GLU T 54 24.95 60.86 -19.13
CA GLU T 54 23.95 61.88 -18.87
C GLU T 54 24.49 63.11 -18.15
N ILE T 55 25.56 62.92 -17.36
CA ILE T 55 26.18 64.03 -16.64
C ILE T 55 27.40 64.62 -17.36
N HIS T 56 28.16 63.78 -18.05
CA HIS T 56 29.31 64.29 -18.80
C HIS T 56 28.74 64.96 -20.05
N ALA T 57 27.44 64.77 -20.24
CA ALA T 57 26.74 65.37 -21.36
C ALA T 57 26.53 66.83 -21.00
N ALA T 58 26.38 67.08 -19.70
CA ALA T 58 26.21 68.43 -19.21
C ALA T 58 27.62 69.02 -19.13
N CYS T 59 28.56 68.21 -18.66
CA CYS T 59 29.96 68.63 -18.54
C CYS T 59 30.50 69.17 -19.87
N LYS T 60 29.89 68.75 -20.97
CA LYS T 60 30.32 69.20 -22.29
C LYS T 60 29.71 70.56 -22.60
N ALA T 61 28.40 70.58 -22.73
CA ALA T 61 27.69 71.82 -23.04
C ALA T 61 28.09 72.98 -22.14
N ILE T 62 28.37 72.70 -20.88
CA ILE T 62 28.76 73.76 -19.95
C ILE T 62 30.17 74.21 -20.26
N GLU T 63 30.86 73.44 -21.11
CA GLU T 63 32.21 73.77 -21.51
C GLU T 63 32.13 74.73 -22.70
N GLN T 64 31.58 74.25 -23.81
CA GLN T 64 31.40 75.07 -25.00
C GLN T 64 30.80 76.39 -24.58
N ALA T 65 30.05 76.37 -23.49
CA ALA T 65 29.40 77.58 -22.97
C ALA T 65 30.46 78.57 -22.55
N LYS T 66 31.52 78.07 -21.93
CA LYS T 66 32.60 78.95 -21.52
C LYS T 66 33.30 79.37 -22.82
N THR T 67 33.30 78.48 -23.81
CA THR T 67 33.93 78.75 -25.11
C THR T 67 33.36 79.99 -25.76
N GLN T 68 32.08 79.95 -26.13
CA GLN T 68 31.46 81.12 -26.73
C GLN T 68 31.38 82.19 -25.66
N ASN T 69 32.26 82.04 -24.66
CA ASN T 69 32.34 82.95 -23.53
C ASN T 69 30.98 83.48 -23.12
N ILE T 70 30.13 82.56 -22.68
CA ILE T 70 28.80 82.87 -22.20
C ILE T 70 28.84 82.33 -20.77
N ASN T 71 28.42 83.14 -19.80
CA ASN T 71 28.46 82.70 -18.42
C ASN T 71 27.14 82.34 -17.73
N LYS T 72 26.00 82.72 -18.29
CA LYS T 72 24.75 82.36 -17.63
C LYS T 72 23.79 81.66 -18.58
N LEU T 73 23.86 80.34 -18.61
CA LEU T 73 22.99 79.58 -19.49
C LEU T 73 21.99 78.75 -18.68
N VAL T 74 21.01 78.23 -19.41
CA VAL T 74 19.97 77.40 -18.83
C VAL T 74 20.12 76.01 -19.44
N LEU T 75 20.33 75.02 -18.58
CA LEU T 75 20.48 73.66 -19.06
C LEU T 75 19.23 72.84 -18.79
N TYR T 76 18.85 72.07 -19.79
CA TYR T 76 17.66 71.22 -19.72
C TYR T 76 18.09 69.75 -19.85
N THR T 77 17.60 68.91 -18.95
CA THR T 77 17.95 67.50 -19.02
C THR T 77 16.90 66.67 -18.29
N ASN T 78 16.65 65.48 -18.80
CA ASN T 78 15.67 64.60 -18.19
C ASN T 78 16.32 63.87 -17.02
N SER T 79 17.61 64.11 -16.83
CA SER T 79 18.34 63.49 -15.74
C SER T 79 18.17 64.17 -14.39
N MET T 80 17.14 63.75 -13.64
CA MET T 80 16.85 64.29 -12.33
C MET T 80 18.02 64.02 -11.38
N PHE T 81 18.81 63.00 -11.72
CA PHE T 81 19.96 62.60 -10.92
C PHE T 81 21.07 63.61 -11.02
N THR T 82 21.42 63.98 -12.24
CA THR T 82 22.48 64.95 -12.43
C THR T 82 22.10 66.23 -11.72
N ILE T 83 20.91 66.73 -12.03
CA ILE T 83 20.41 67.95 -11.41
C ILE T 83 20.48 67.85 -9.90
N ASN T 84 19.65 66.99 -9.32
CA ASN T 84 19.63 66.81 -7.86
C ASN T 84 21.03 66.58 -7.37
N GLY T 85 21.87 66.01 -8.23
CA GLY T 85 23.24 65.76 -7.83
C GLY T 85 23.99 67.07 -7.70
N ILE T 86 24.23 67.72 -8.83
CA ILE T 86 24.98 68.98 -8.93
C ILE T 86 24.55 70.18 -8.08
N THR T 87 23.24 70.35 -7.86
CA THR T 87 22.77 71.51 -7.10
C THR T 87 22.56 71.32 -5.62
N ASN T 88 22.19 70.12 -5.20
CA ASN T 88 21.92 69.90 -3.79
C ASN T 88 22.89 69.01 -3.04
N TRP T 89 22.93 67.72 -3.34
CA TRP T 89 23.81 66.81 -2.62
C TRP T 89 25.27 67.23 -2.51
N VAL T 90 25.90 67.58 -3.63
CA VAL T 90 27.31 67.98 -3.65
C VAL T 90 27.77 68.79 -2.43
N GLN T 91 26.98 69.78 -2.03
CA GLN T 91 27.31 70.61 -0.87
C GLN T 91 27.69 69.75 0.33
N GLY T 92 26.96 68.66 0.51
CA GLY T 92 27.25 67.77 1.62
C GLY T 92 28.47 66.92 1.37
N TRP T 93 28.46 66.16 0.28
CA TRP T 93 29.57 65.28 -0.07
C TRP T 93 30.94 65.88 0.21
N LYS T 94 31.05 67.19 0.06
CA LYS T 94 32.32 67.88 0.31
C LYS T 94 32.77 67.60 1.74
N LYS T 95 32.00 68.13 2.69
CA LYS T 95 32.25 68.01 4.12
C LYS T 95 31.95 66.59 4.63
N ASN T 96 31.35 65.80 3.75
CA ASN T 96 30.96 64.43 4.02
C ASN T 96 32.12 63.45 3.96
N GLY T 97 33.08 63.72 3.09
CA GLY T 97 34.19 62.81 2.92
C GLY T 97 33.82 61.94 1.73
N TRP T 98 32.89 62.46 0.93
CA TRP T 98 32.37 61.80 -0.25
C TRP T 98 31.84 60.42 0.06
N LYS T 99 31.07 60.34 1.15
CA LYS T 99 30.46 59.09 1.56
C LYS T 99 28.97 59.11 1.24
N THR T 100 28.40 57.93 1.04
CA THR T 100 26.99 57.77 0.70
C THR T 100 26.06 58.05 1.87
N SER T 101 24.89 57.44 1.79
CA SER T 101 23.87 57.56 2.80
C SER T 101 24.06 56.30 3.63
N ALA T 102 24.96 55.46 3.12
CA ALA T 102 25.29 54.20 3.77
C ALA T 102 26.80 54.15 3.97
N GLY T 103 27.40 55.33 4.09
CA GLY T 103 28.83 55.42 4.30
C GLY T 103 29.63 54.62 3.29
N LYS T 104 29.23 54.72 2.03
CA LYS T 104 29.92 54.02 0.96
C LYS T 104 30.51 55.07 0.02
N GLU T 105 31.13 54.62 -1.06
CA GLU T 105 31.72 55.57 -2.00
C GLU T 105 30.67 56.15 -2.92
N VAL T 106 30.69 57.47 -3.07
CA VAL T 106 29.75 58.16 -3.94
C VAL T 106 30.21 57.98 -5.40
N ILE T 107 30.22 56.72 -5.83
CA ILE T 107 30.62 56.25 -7.17
C ILE T 107 31.03 57.28 -8.21
N ASN T 108 30.09 58.12 -8.62
CA ASN T 108 30.33 59.14 -9.64
C ASN T 108 31.16 60.31 -9.13
N LYS T 109 31.84 60.10 -8.01
CA LYS T 109 32.69 61.13 -7.41
C LYS T 109 33.43 61.86 -8.52
N GLU T 110 34.34 61.15 -9.17
CA GLU T 110 35.14 61.73 -10.25
C GLU T 110 34.25 62.59 -11.16
N ASP T 111 33.29 61.97 -11.83
CA ASP T 111 32.38 62.69 -12.73
C ASP T 111 31.90 64.01 -12.14
N PHE T 112 31.20 63.95 -11.01
CA PHE T 112 30.68 65.15 -10.39
C PHE T 112 31.76 66.18 -10.14
N VAL T 113 32.97 65.71 -9.88
CA VAL T 113 34.07 66.64 -9.64
C VAL T 113 34.27 67.53 -10.84
N ALA T 114 34.29 66.94 -12.02
CA ALA T 114 34.47 67.70 -13.25
C ALA T 114 33.37 68.73 -13.35
N LEU T 115 32.13 68.27 -13.26
CA LEU T 115 31.01 69.19 -13.36
C LEU T 115 31.17 70.37 -12.42
N GLU T 116 31.25 70.08 -11.12
CA GLU T 116 31.40 71.13 -10.12
C GLU T 116 32.48 72.11 -10.58
N ARG T 117 33.61 71.55 -10.99
CA ARG T 117 34.75 72.32 -11.46
C ARG T 117 34.40 73.29 -12.58
N LEU T 118 33.70 72.81 -13.61
CA LEU T 118 33.34 73.70 -14.70
C LEU T 118 32.30 74.72 -14.27
N THR T 119 31.43 74.34 -13.36
CA THR T 119 30.41 75.25 -12.87
C THR T 119 31.09 76.55 -12.50
N GLN T 120 32.37 76.43 -12.18
CA GLN T 120 33.19 77.58 -11.79
C GLN T 120 33.06 78.72 -12.79
N GLY T 121 32.45 79.80 -12.34
CA GLY T 121 32.30 80.96 -13.20
C GLY T 121 30.92 81.17 -13.78
N MET T 122 30.40 80.16 -14.49
CA MET T 122 29.10 80.27 -15.13
C MET T 122 27.92 80.30 -14.14
N ASP T 123 26.80 80.86 -14.59
CA ASP T 123 25.58 80.89 -13.79
C ASP T 123 24.61 79.93 -14.47
N ILE T 124 24.69 78.67 -14.09
CA ILE T 124 23.82 77.66 -14.66
C ILE T 124 22.40 77.92 -14.17
N GLN T 125 21.59 76.88 -14.18
CA GLN T 125 20.20 76.95 -13.78
C GLN T 125 19.65 75.69 -14.41
N TRP T 126 19.67 74.61 -13.62
CA TRP T 126 19.23 73.33 -14.12
C TRP T 126 17.73 73.16 -14.19
N MET T 127 17.28 72.83 -15.39
CA MET T 127 15.87 72.64 -15.66
C MET T 127 15.58 71.16 -15.83
N HIS T 128 14.95 70.53 -14.85
CA HIS T 128 14.63 69.13 -15.04
C HIS T 128 13.42 69.05 -15.95
N VAL T 129 13.55 68.31 -17.06
CA VAL T 129 12.43 68.15 -17.99
C VAL T 129 12.03 66.70 -17.74
N PRO T 130 10.77 66.45 -17.37
CA PRO T 130 10.28 65.10 -17.08
C PRO T 130 10.14 63.92 -18.07
N GLY T 131 9.57 62.78 -17.61
CA GLY T 131 9.31 61.56 -18.40
C GLY T 131 9.69 61.88 -19.85
N HIS T 132 8.75 62.50 -20.55
CA HIS T 132 8.99 62.87 -21.92
C HIS T 132 7.96 63.71 -22.78
N SER T 133 8.58 64.53 -23.65
CA SER T 133 8.10 65.60 -24.45
C SER T 133 7.90 66.88 -23.53
N GLY T 134 7.95 67.95 -24.33
CA GLY T 134 7.92 69.41 -24.08
C GLY T 134 9.24 69.90 -24.67
N PHE T 135 9.22 70.34 -25.93
CA PHE T 135 10.42 70.87 -26.60
C PHE T 135 11.19 69.79 -27.31
N ILE T 136 11.14 69.85 -28.63
CA ILE T 136 11.78 68.88 -29.49
C ILE T 136 13.25 68.83 -29.08
N GLY T 137 13.70 69.99 -28.62
CA GLY T 137 15.04 70.18 -28.12
C GLY T 137 15.45 69.06 -27.20
N ASN T 138 14.49 68.32 -26.64
CA ASN T 138 14.85 67.25 -25.72
C ASN T 138 15.23 66.08 -26.60
N GLU T 139 14.28 65.60 -27.42
CA GLU T 139 14.54 64.50 -28.32
C GLU T 139 15.69 64.85 -29.24
N GLU T 140 15.82 66.14 -29.56
CA GLU T 140 16.89 66.57 -30.45
C GLU T 140 18.24 66.15 -29.90
N ALA T 141 18.39 66.21 -28.58
CA ALA T 141 19.63 65.82 -27.93
C ALA T 141 19.60 64.31 -27.78
N ASP T 142 18.40 63.75 -27.70
CA ASP T 142 18.20 62.33 -27.57
C ASP T 142 18.72 61.68 -28.84
N ARG T 143 17.95 61.80 -29.92
CA ARG T 143 18.30 61.20 -31.21
C ARG T 143 19.74 61.48 -31.59
N LEU T 144 20.31 62.54 -31.03
CA LEU T 144 21.69 62.91 -31.32
C LEU T 144 22.70 62.13 -30.48
N ALA T 145 22.43 62.03 -29.19
CA ALA T 145 23.31 61.31 -28.28
C ALA T 145 23.31 59.82 -28.58
N ARG T 146 22.21 59.32 -29.17
CA ARG T 146 22.12 57.90 -29.51
C ARG T 146 23.19 57.64 -30.57
N GLU T 147 23.62 58.73 -31.22
CA GLU T 147 24.65 58.66 -32.25
C GLU T 147 26.04 58.33 -31.72
N GLY T 148 26.33 58.75 -30.49
CA GLY T 148 27.63 58.48 -29.90
C GLY T 148 28.08 57.03 -30.04
N ALA T 149 27.14 56.11 -29.90
CA ALA T 149 27.45 54.69 -30.03
C ALA T 149 27.74 54.36 -31.50
N HIS U 3 -5.26 22.35 0.23
CA HIS U 3 -6.17 23.13 1.11
C HIS U 3 -7.61 22.65 0.91
N MET U 4 -8.09 22.88 -0.31
CA MET U 4 -9.42 22.52 -0.78
C MET U 4 -10.05 21.23 -0.24
N GLY U 5 -10.63 21.33 0.96
CA GLY U 5 -11.31 20.22 1.61
C GLY U 5 -10.60 18.88 1.67
N ASP U 6 -9.90 18.61 2.75
CA ASP U 6 -9.18 17.35 2.93
C ASP U 6 -8.03 17.17 1.94
N PHE U 7 -8.20 17.67 0.72
CA PHE U 7 -7.18 17.58 -0.30
C PHE U 7 -6.24 18.76 -0.28
N VAL U 8 -4.95 18.50 -0.11
CA VAL U 8 -3.99 19.58 -0.12
C VAL U 8 -3.85 19.89 -1.62
N VAL U 9 -3.66 21.16 -1.96
CA VAL U 9 -3.56 21.53 -3.37
C VAL U 9 -2.16 21.91 -3.85
N VAL U 10 -1.80 21.45 -5.03
CA VAL U 10 -0.48 21.73 -5.58
C VAL U 10 -0.56 22.06 -7.06
N TYR U 11 0.29 22.99 -7.48
CA TYR U 11 0.36 23.39 -8.86
C TYR U 11 1.68 22.88 -9.39
N THR U 12 1.66 22.38 -10.62
CA THR U 12 2.84 21.84 -11.25
C THR U 12 2.85 22.26 -12.69
N ASP U 13 3.96 22.81 -13.12
CA ASP U 13 4.09 23.23 -14.51
C ASP U 13 5.42 22.76 -15.06
N GLY U 14 5.43 22.45 -16.35
CA GLY U 14 6.65 22.01 -17.00
C GLY U 14 7.16 23.21 -17.77
N CYS U 15 8.37 23.10 -18.30
CA CYS U 15 8.97 24.20 -19.05
C CYS U 15 10.18 23.68 -19.79
N CYS U 16 10.20 23.88 -21.10
CA CYS U 16 11.33 23.40 -21.90
C CYS U 16 11.74 24.39 -22.97
N SER U 17 12.46 25.44 -22.56
CA SER U 17 12.92 26.46 -23.48
C SER U 17 13.55 25.82 -24.71
N SER U 18 13.47 26.52 -25.84
CA SER U 18 14.01 26.04 -27.10
C SER U 18 13.71 24.55 -27.21
N ASN U 19 12.43 24.22 -27.35
CA ASN U 19 12.02 22.83 -27.46
C ASN U 19 11.85 22.49 -28.93
N GLY U 20 12.34 21.33 -29.33
CA GLY U 20 12.23 20.92 -30.71
C GLY U 20 13.26 21.63 -31.58
N ARG U 21 14.35 22.09 -30.97
CA ARG U 21 15.42 22.78 -31.70
C ARG U 21 16.78 22.26 -31.24
N ARG U 22 17.84 22.99 -31.59
CA ARG U 22 19.21 22.61 -31.24
C ARG U 22 19.47 22.33 -29.76
N ARG U 23 19.42 23.35 -28.91
CA ARG U 23 19.66 23.09 -27.49
C ARG U 23 18.41 23.28 -26.65
N PRO U 24 17.71 22.18 -26.35
CA PRO U 24 16.50 22.23 -25.54
C PRO U 24 16.85 22.32 -24.06
N ARG U 25 16.10 23.10 -23.30
CA ARG U 25 16.35 23.20 -21.88
C ARG U 25 15.03 23.01 -21.14
N ALA U 26 14.91 21.92 -20.39
CA ALA U 26 13.69 21.62 -19.66
C ALA U 26 13.87 21.79 -18.15
N GLY U 27 12.80 22.26 -17.50
CA GLY U 27 12.83 22.47 -16.07
C GLY U 27 11.53 21.97 -15.47
N ILE U 28 11.48 21.90 -14.14
CA ILE U 28 10.29 21.43 -13.43
C ILE U 28 9.82 22.48 -12.43
N GLY U 29 8.51 22.51 -12.18
CA GLY U 29 8.00 23.47 -11.24
C GLY U 29 6.84 22.93 -10.43
N VAL U 30 6.74 23.35 -9.18
CA VAL U 30 5.67 22.91 -8.30
C VAL U 30 5.50 23.86 -7.11
N TYR U 31 4.32 24.48 -7.08
CA TYR U 31 3.97 25.48 -6.07
C TYR U 31 3.00 24.95 -4.99
N TRP U 32 3.28 25.28 -3.73
CA TRP U 32 2.42 24.84 -2.64
C TRP U 32 1.84 26.05 -1.94
N GLY U 33 2.25 27.23 -2.38
CA GLY U 33 1.75 28.44 -1.75
C GLY U 33 2.88 29.40 -1.49
N PRO U 34 2.58 30.62 -1.04
CA PRO U 34 3.65 31.57 -0.78
C PRO U 34 4.73 31.13 0.20
N GLY U 35 5.98 31.32 -0.20
CA GLY U 35 7.13 30.98 0.63
C GLY U 35 7.08 29.62 1.26
N HIS U 36 6.49 28.66 0.56
CA HIS U 36 6.38 27.32 1.09
C HIS U 36 7.68 26.54 0.94
N PRO U 37 8.14 25.93 2.04
CA PRO U 37 9.37 25.14 2.10
C PRO U 37 9.46 24.01 1.09
N LEU U 38 8.38 23.81 0.32
CA LEU U 38 8.35 22.76 -0.69
C LEU U 38 8.40 23.31 -2.12
N ASN U 39 8.35 24.63 -2.26
CA ASN U 39 8.39 25.21 -3.59
C ASN U 39 9.65 24.80 -4.31
N VAL U 40 9.49 23.93 -5.29
CA VAL U 40 10.65 23.44 -6.01
C VAL U 40 10.77 23.88 -7.45
N GLY U 41 11.99 24.18 -7.84
CA GLY U 41 12.26 24.58 -9.20
C GLY U 41 13.53 23.90 -9.63
N ILE U 42 13.43 22.63 -10.05
CA ILE U 42 14.60 21.87 -10.47
C ILE U 42 14.62 21.59 -11.97
N ARG U 43 15.81 21.31 -12.48
CA ARG U 43 15.96 21.02 -13.91
C ARG U 43 15.69 19.57 -14.22
N LEU U 44 15.26 19.32 -15.44
CA LEU U 44 14.91 17.98 -15.87
C LEU U 44 16.00 17.08 -16.41
N PRO U 45 16.26 15.95 -15.72
CA PRO U 45 17.27 14.96 -16.10
C PRO U 45 16.63 14.12 -17.21
N GLY U 46 17.44 13.63 -18.14
CA GLY U 46 16.89 12.86 -19.24
C GLY U 46 16.76 13.80 -20.43
N ARG U 47 16.28 13.29 -21.57
CA ARG U 47 16.18 14.15 -22.74
C ARG U 47 15.20 15.30 -22.53
N GLN U 48 15.69 16.49 -22.87
CA GLN U 48 14.97 17.76 -22.72
C GLN U 48 13.83 18.03 -23.71
N THR U 49 12.60 17.84 -23.24
CA THR U 49 11.40 18.11 -24.04
C THR U 49 10.26 18.44 -23.08
N ASN U 50 9.48 19.45 -23.46
CA ASN U 50 8.35 19.87 -22.64
C ASN U 50 7.63 18.70 -21.98
N GLN U 51 6.66 18.10 -22.68
CA GLN U 51 5.88 16.96 -22.15
C GLN U 51 6.56 16.26 -20.96
N ARG U 52 7.72 15.67 -21.23
CA ARG U 52 8.50 14.96 -20.23
C ARG U 52 8.65 15.77 -18.95
N ALA U 53 9.07 17.02 -19.07
CA ALA U 53 9.22 17.87 -17.90
C ALA U 53 7.85 18.09 -17.31
N GLU U 54 6.92 18.47 -18.18
CA GLU U 54 5.55 18.74 -17.78
C GLU U 54 5.04 17.65 -16.83
N ILE U 55 5.00 16.41 -17.30
CA ILE U 55 4.52 15.32 -16.45
C ILE U 55 5.43 15.04 -15.26
N HIS U 56 6.74 15.07 -15.47
CA HIS U 56 7.64 14.81 -14.37
C HIS U 56 7.43 15.82 -13.25
N ALA U 57 6.90 16.98 -13.62
CA ALA U 57 6.63 18.02 -12.65
C ALA U 57 5.49 17.52 -11.77
N ALA U 58 4.60 16.73 -12.38
CA ALA U 58 3.49 16.14 -11.66
C ALA U 58 4.10 15.08 -10.74
N CYS U 59 5.04 14.32 -11.30
CA CYS U 59 5.72 13.27 -10.54
C CYS U 59 6.36 13.88 -9.29
N LYS U 60 7.26 14.84 -9.49
CA LYS U 60 7.95 15.50 -8.39
C LYS U 60 6.97 15.96 -7.30
N ALA U 61 5.80 16.41 -7.73
CA ALA U 61 4.80 16.86 -6.79
C ALA U 61 4.44 15.67 -5.92
N ILE U 62 3.68 14.75 -6.49
CA ILE U 62 3.23 13.54 -5.80
C ILE U 62 4.25 13.02 -4.81
N GLU U 63 5.44 12.76 -5.33
CA GLU U 63 6.56 12.28 -4.56
C GLU U 63 6.79 13.17 -3.36
N GLN U 64 7.05 14.44 -3.64
CA GLN U 64 7.29 15.42 -2.59
C GLN U 64 6.25 15.25 -1.52
N ALA U 65 4.99 15.17 -1.94
CA ALA U 65 3.84 15.05 -1.05
C ALA U 65 3.85 13.83 -0.13
N LYS U 66 4.25 12.67 -0.66
CA LYS U 66 4.28 11.45 0.16
C LYS U 66 5.10 11.69 1.41
N THR U 67 6.21 12.41 1.26
CA THR U 67 7.08 12.71 2.40
C THR U 67 6.27 13.38 3.51
N GLN U 68 5.41 14.31 3.14
CA GLN U 68 4.58 15.00 4.12
C GLN U 68 3.48 14.10 4.64
N ASN U 69 3.56 12.84 4.25
CA ASN U 69 2.57 11.85 4.67
C ASN U 69 1.17 12.29 4.26
N ILE U 70 1.10 13.08 3.19
CA ILE U 70 -0.19 13.54 2.66
C ILE U 70 -0.56 12.56 1.54
N ASN U 71 -1.76 11.97 1.64
CA ASN U 71 -2.20 10.97 0.67
C ASN U 71 -3.28 11.37 -0.32
N LYS U 72 -3.69 12.63 -0.30
CA LYS U 72 -4.69 13.08 -1.25
C LYS U 72 -4.61 14.56 -1.57
N LEU U 73 -4.40 14.85 -2.85
CA LEU U 73 -4.27 16.23 -3.28
C LEU U 73 -4.85 16.50 -4.66
N VAL U 74 -5.30 17.74 -4.83
CA VAL U 74 -5.84 18.20 -6.09
C VAL U 74 -4.60 18.64 -6.84
N LEU U 75 -4.37 18.07 -8.01
CA LEU U 75 -3.18 18.45 -8.74
C LEU U 75 -3.48 19.23 -10.01
N TYR U 76 -3.28 20.54 -9.95
CA TYR U 76 -3.52 21.36 -11.12
C TYR U 76 -2.30 21.42 -12.00
N THR U 77 -2.50 21.22 -13.30
CA THR U 77 -1.41 21.30 -14.25
C THR U 77 -2.07 21.72 -15.55
N ASN U 78 -1.42 22.54 -16.33
CA ASN U 78 -2.03 22.95 -17.58
C ASN U 78 -1.76 21.93 -18.69
N SER U 79 -1.02 20.86 -18.36
CA SER U 79 -0.69 19.83 -19.33
C SER U 79 -1.80 18.83 -19.57
N MET U 80 -2.51 19.03 -20.67
CA MET U 80 -3.60 18.14 -21.02
C MET U 80 -2.99 16.76 -21.09
N PHE U 81 -2.03 16.62 -22.00
CA PHE U 81 -1.31 15.37 -22.24
C PHE U 81 -1.15 14.58 -20.95
N THR U 82 -0.48 15.18 -19.98
CA THR U 82 -0.28 14.50 -18.71
C THR U 82 -1.60 13.93 -18.23
N ILE U 83 -2.54 14.80 -17.85
CA ILE U 83 -3.83 14.32 -17.36
C ILE U 83 -4.40 13.25 -18.27
N ASN U 84 -4.82 13.68 -19.45
CA ASN U 84 -5.39 12.75 -20.41
C ASN U 84 -4.64 11.43 -20.44
N GLY U 85 -3.32 11.51 -20.25
CA GLY U 85 -2.53 10.30 -20.24
C GLY U 85 -2.87 9.45 -19.03
N ILE U 86 -2.30 9.81 -17.89
CA ILE U 86 -2.49 9.09 -16.64
C ILE U 86 -3.93 8.68 -16.24
N THR U 87 -4.93 9.52 -16.50
CA THR U 87 -6.30 9.18 -16.11
C THR U 87 -7.04 8.27 -17.09
N ASN U 88 -6.84 8.48 -18.39
CA ASN U 88 -7.56 7.65 -19.34
C ASN U 88 -6.70 6.74 -20.22
N TRP U 89 -5.74 7.33 -20.92
CA TRP U 89 -4.88 6.59 -21.84
C TRP U 89 -4.09 5.39 -21.32
N VAL U 90 -3.22 5.61 -20.34
CA VAL U 90 -2.43 4.51 -19.78
C VAL U 90 -3.29 3.27 -19.56
N GLN U 91 -4.56 3.48 -19.20
CA GLN U 91 -5.47 2.37 -18.94
C GLN U 91 -5.37 1.35 -20.06
N GLY U 92 -5.35 1.86 -21.29
CA GLY U 92 -5.29 0.99 -22.45
C GLY U 92 -3.88 0.59 -22.83
N TRP U 93 -2.94 1.49 -22.62
CA TRP U 93 -1.56 1.20 -22.96
C TRP U 93 -1.02 -0.02 -22.23
N LYS U 94 -1.38 -0.17 -20.95
CA LYS U 94 -0.91 -1.30 -20.16
C LYS U 94 -1.72 -2.55 -20.50
N LYS U 95 -2.61 -2.43 -21.49
CA LYS U 95 -3.44 -3.56 -21.92
C LYS U 95 -3.26 -3.88 -23.40
N ASN U 96 -2.61 -2.97 -24.13
CA ASN U 96 -2.39 -3.18 -25.56
C ASN U 96 -0.91 -3.33 -25.88
N GLY U 97 -0.09 -3.38 -24.85
CA GLY U 97 1.34 -3.51 -25.06
C GLY U 97 1.98 -2.18 -25.47
N TRP U 98 1.50 -1.10 -24.87
CA TRP U 98 2.03 0.23 -25.12
C TRP U 98 2.35 0.59 -26.57
N LYS U 99 1.32 0.69 -27.39
CA LYS U 99 1.50 1.06 -28.78
C LYS U 99 0.72 2.35 -28.92
N THR U 100 -0.07 2.47 -29.97
CA THR U 100 -0.85 3.69 -30.18
C THR U 100 -1.99 3.46 -31.16
N SER U 101 -2.45 4.54 -31.78
CA SER U 101 -3.52 4.47 -32.75
C SER U 101 -2.91 4.05 -34.09
N ALA U 102 -1.64 3.66 -34.04
CA ALA U 102 -0.93 3.23 -35.23
C ALA U 102 0.15 2.20 -34.90
N GLY U 103 0.02 1.56 -33.75
CA GLY U 103 0.98 0.55 -33.36
C GLY U 103 2.35 1.05 -32.97
N LYS U 104 2.68 2.27 -33.37
CA LYS U 104 3.99 2.84 -33.02
C LYS U 104 4.05 2.93 -31.49
N GLU U 105 5.03 2.27 -30.90
CA GLU U 105 5.19 2.25 -29.45
C GLU U 105 5.28 3.65 -28.82
N VAL U 106 4.50 3.84 -27.76
CA VAL U 106 4.44 5.10 -27.01
C VAL U 106 5.82 5.70 -26.75
N ILE U 107 5.97 6.96 -27.12
CA ILE U 107 7.22 7.68 -26.96
C ILE U 107 7.51 8.08 -25.52
N ASN U 108 6.50 8.14 -24.66
CA ASN U 108 6.73 8.54 -23.28
C ASN U 108 6.43 7.47 -22.23
N LYS U 109 6.63 6.22 -22.60
CA LYS U 109 6.38 5.09 -21.70
C LYS U 109 7.12 5.26 -20.36
N GLU U 110 8.42 5.45 -20.44
CA GLU U 110 9.26 5.60 -19.26
C GLU U 110 8.71 6.66 -18.31
N ASP U 111 8.21 7.74 -18.90
CA ASP U 111 7.65 8.87 -18.16
C ASP U 111 6.32 8.54 -17.45
N PHE U 112 5.40 7.98 -18.22
CA PHE U 112 4.09 7.63 -17.71
C PHE U 112 4.09 6.51 -16.68
N VAL U 113 4.98 5.53 -16.82
CA VAL U 113 5.02 4.47 -15.82
C VAL U 113 5.57 5.06 -14.53
N ALA U 114 6.63 5.86 -14.68
CA ALA U 114 7.28 6.52 -13.55
C ALA U 114 6.25 7.24 -12.70
N LEU U 115 5.27 7.86 -13.36
CA LEU U 115 4.19 8.57 -12.68
C LEU U 115 3.20 7.57 -12.09
N GLU U 116 2.62 6.75 -12.99
CA GLU U 116 1.64 5.71 -12.63
C GLU U 116 1.93 5.05 -11.30
N ARG U 117 3.14 4.55 -11.12
CA ARG U 117 3.50 3.89 -9.87
C ARG U 117 3.27 4.81 -8.68
N LEU U 118 3.73 6.05 -8.77
CA LEU U 118 3.55 6.99 -7.68
C LEU U 118 2.07 7.10 -7.31
N THR U 119 1.22 7.16 -8.35
CA THR U 119 -0.22 7.25 -8.19
C THR U 119 -0.70 6.22 -7.19
N GLN U 120 -0.06 5.05 -7.25
CA GLN U 120 -0.39 3.95 -6.37
C GLN U 120 -0.39 4.39 -4.91
N GLY U 121 -1.49 4.10 -4.22
CA GLY U 121 -1.62 4.48 -2.83
C GLY U 121 -1.78 5.98 -2.69
N MET U 122 -2.56 6.56 -3.60
CA MET U 122 -2.80 8.00 -3.60
C MET U 122 -4.17 8.34 -4.17
N ASP U 123 -4.72 9.47 -3.73
CA ASP U 123 -5.99 9.94 -4.25
C ASP U 123 -5.71 11.31 -4.86
N ILE U 124 -5.37 11.31 -6.15
CA ILE U 124 -5.05 12.55 -6.86
C ILE U 124 -6.19 13.05 -7.73
N GLN U 125 -6.77 14.18 -7.37
CA GLN U 125 -7.83 14.74 -8.20
C GLN U 125 -7.13 15.58 -9.27
N TRP U 126 -6.95 15.02 -10.47
CA TRP U 126 -6.26 15.76 -11.52
C TRP U 126 -7.14 16.86 -12.08
N MET U 127 -6.76 18.10 -11.79
CA MET U 127 -7.49 19.27 -12.24
C MET U 127 -6.64 20.02 -13.28
N HIS U 128 -7.27 20.51 -14.34
CA HIS U 128 -6.58 21.23 -15.41
C HIS U 128 -6.86 22.73 -15.40
N VAL U 129 -5.85 23.52 -15.75
CA VAL U 129 -5.99 24.97 -15.80
C VAL U 129 -5.37 25.55 -17.06
N PRO U 130 -5.91 26.66 -17.56
CA PRO U 130 -5.33 27.25 -18.76
C PRO U 130 -4.00 27.92 -18.43
N GLY U 131 -3.13 28.06 -19.43
CA GLY U 131 -1.86 28.72 -19.23
C GLY U 131 -2.03 30.13 -19.76
N HIS U 132 -1.10 31.04 -19.45
CA HIS U 132 -1.21 32.41 -19.93
C HIS U 132 -2.60 32.89 -19.54
N SER U 133 -3.23 32.09 -18.69
CA SER U 133 -4.57 32.33 -18.17
C SER U 133 -4.53 33.50 -17.22
N GLY U 134 -4.91 33.26 -15.97
CA GLY U 134 -4.91 34.34 -15.00
C GLY U 134 -4.74 33.95 -13.55
N PHE U 135 -4.79 32.67 -13.21
CA PHE U 135 -4.65 32.33 -11.79
C PHE U 135 -3.25 31.94 -11.35
N ILE U 136 -2.81 32.62 -10.30
CA ILE U 136 -1.49 32.44 -9.68
C ILE U 136 -0.93 31.04 -9.79
N GLY U 137 -1.56 30.12 -9.08
CA GLY U 137 -1.12 28.73 -9.09
C GLY U 137 -0.20 28.39 -10.24
N ASN U 138 -0.75 28.37 -11.45
CA ASN U 138 0.05 28.05 -12.62
C ASN U 138 1.17 29.06 -12.73
N GLU U 139 0.82 30.34 -12.72
CA GLU U 139 1.81 31.40 -12.81
C GLU U 139 3.06 31.09 -12.00
N GLU U 140 2.88 30.84 -10.70
CA GLU U 140 4.00 30.52 -9.83
C GLU U 140 4.68 29.23 -10.23
N ALA U 141 3.91 28.22 -10.61
CA ALA U 141 4.49 26.96 -11.02
C ALA U 141 5.35 27.21 -12.25
N ASP U 142 4.79 27.95 -13.20
CA ASP U 142 5.50 28.30 -14.43
C ASP U 142 6.79 29.07 -14.15
N ARG U 143 6.68 30.08 -13.29
CA ARG U 143 7.82 30.90 -12.95
C ARG U 143 8.94 30.02 -12.41
N LEU U 144 8.58 29.04 -11.58
CA LEU U 144 9.55 28.12 -11.00
C LEU U 144 10.11 27.16 -12.04
N ALA U 145 9.25 26.62 -12.88
CA ALA U 145 9.68 25.69 -13.92
C ALA U 145 10.75 26.35 -14.77
N ARG U 146 10.53 27.60 -15.14
CA ARG U 146 11.51 28.32 -15.97
C ARG U 146 12.79 28.50 -15.18
N GLU U 147 12.68 28.80 -13.90
CA GLU U 147 13.88 28.93 -13.08
C GLU U 147 14.51 27.53 -13.06
N GLY U 148 13.96 26.62 -13.87
CA GLY U 148 14.48 25.27 -13.94
C GLY U 148 15.55 25.13 -15.00
N ALA U 149 15.75 26.19 -15.79
CA ALA U 149 16.76 26.21 -16.84
C ALA U 149 17.69 27.42 -16.63
N LYS U 150 18.94 27.32 -17.07
CA LYS U 150 19.88 28.44 -16.88
C LYS U 150 21.21 28.34 -17.65
N HIS V 3 11.10 62.63 -61.01
CA HIS V 3 10.10 63.12 -62.01
C HIS V 3 8.67 62.74 -61.60
N MET V 4 8.09 63.46 -60.64
CA MET V 4 6.73 63.18 -60.18
C MET V 4 6.26 64.02 -58.98
N GLY V 5 5.38 63.43 -58.16
CA GLY V 5 4.87 64.10 -56.98
C GLY V 5 3.65 63.45 -56.30
N ASP V 6 3.90 62.43 -55.47
CA ASP V 6 2.83 61.70 -54.73
C ASP V 6 2.27 62.55 -53.57
N PHE V 7 3.03 62.60 -52.47
CA PHE V 7 2.71 63.39 -51.28
C PHE V 7 1.50 62.97 -50.44
N VAL V 8 1.22 63.84 -49.46
CA VAL V 8 0.16 63.74 -48.45
C VAL V 8 0.48 62.70 -47.37
N VAL V 9 1.39 63.10 -46.49
CA VAL V 9 1.88 62.28 -45.39
C VAL V 9 1.12 62.53 -44.10
N VAL V 10 1.04 61.50 -43.27
CA VAL V 10 0.37 61.58 -41.98
C VAL V 10 1.01 60.53 -41.06
N TYR V 11 1.33 60.97 -39.84
CA TYR V 11 1.96 60.14 -38.82
C TYR V 11 0.91 59.69 -37.80
N THR V 12 0.84 58.40 -37.51
CA THR V 12 -0.12 57.89 -36.51
C THR V 12 0.68 57.30 -35.38
N ASP V 13 0.10 57.25 -34.19
CA ASP V 13 0.83 56.69 -33.05
C ASP V 13 -0.03 56.48 -31.82
N GLY V 14 -0.85 55.42 -31.85
CA GLY V 14 -1.71 55.08 -30.72
C GLY V 14 -0.93 54.53 -29.54
N CYS V 15 -1.17 55.09 -28.35
CA CYS V 15 -0.47 54.68 -27.14
C CYS V 15 -1.37 54.00 -26.12
N CYS V 16 -0.76 53.42 -25.09
CA CYS V 16 -1.54 52.79 -24.03
C CYS V 16 -0.90 53.04 -22.67
N SER V 17 -1.21 54.22 -22.13
CA SER V 17 -0.69 54.66 -20.85
C SER V 17 -0.95 53.65 -19.73
N SER V 18 0.10 53.32 -18.97
CA SER V 18 -0.01 52.36 -17.87
C SER V 18 -0.25 50.93 -18.37
N ASN V 19 0.09 49.96 -17.53
CA ASN V 19 -0.10 48.56 -17.88
C ASN V 19 -0.30 47.69 -16.64
N GLY V 20 -1.56 47.43 -16.31
CA GLY V 20 -1.89 46.62 -15.15
C GLY V 20 -1.82 47.33 -13.82
N ARG V 21 -2.52 48.46 -13.72
CA ARG V 21 -2.53 49.24 -12.47
C ARG V 21 -3.87 49.97 -12.29
N ARG V 22 -3.80 51.24 -11.90
CA ARG V 22 -4.97 52.06 -11.69
C ARG V 22 -6.04 51.77 -12.73
N ARG V 23 -5.62 51.69 -13.99
CA ARG V 23 -6.51 51.43 -15.11
C ARG V 23 -5.82 51.87 -16.39
N PRO V 24 -5.69 50.96 -17.36
CA PRO V 24 -5.03 51.31 -18.63
C PRO V 24 -5.75 52.36 -19.48
N ARG V 25 -5.23 53.59 -19.53
CA ARG V 25 -5.83 54.65 -20.34
C ARG V 25 -5.08 54.68 -21.68
N ALA V 26 -5.79 54.94 -22.78
CA ALA V 26 -5.15 54.96 -24.09
C ALA V 26 -5.81 55.91 -25.08
N GLY V 27 -4.99 56.65 -25.83
CA GLY V 27 -5.50 57.59 -26.81
C GLY V 27 -4.98 57.44 -28.23
N ILE V 28 -5.68 58.05 -29.17
CA ILE V 28 -5.32 58.02 -30.58
C ILE V 28 -4.51 59.27 -30.89
N GLY V 29 -3.60 59.19 -31.85
CA GLY V 29 -2.82 60.36 -32.18
C GLY V 29 -2.54 60.47 -33.66
N VAL V 30 -3.08 61.50 -34.30
CA VAL V 30 -2.84 61.68 -35.73
C VAL V 30 -2.46 63.12 -36.07
N TYR V 31 -1.25 63.28 -36.60
CA TYR V 31 -0.68 64.58 -36.96
C TYR V 31 -0.38 64.72 -38.46
N TRP V 32 -1.01 65.71 -39.09
CA TRP V 32 -0.83 65.94 -40.51
C TRP V 32 0.17 67.06 -40.82
N GLY V 33 0.54 67.83 -39.80
CA GLY V 33 1.50 68.92 -40.01
C GLY V 33 1.40 69.97 -38.92
N PRO V 34 2.42 70.83 -38.79
CA PRO V 34 2.39 71.88 -37.76
C PRO V 34 1.12 72.73 -37.83
N GLY V 35 0.50 72.95 -36.68
CA GLY V 35 -0.71 73.75 -36.59
C GLY V 35 -1.86 73.28 -37.47
N HIS V 36 -1.63 72.21 -38.22
CA HIS V 36 -2.63 71.64 -39.12
C HIS V 36 -3.96 71.41 -38.38
N PRO V 37 -5.10 71.65 -39.06
CA PRO V 37 -6.45 71.47 -38.49
C PRO V 37 -6.85 70.04 -38.16
N LEU V 38 -6.60 69.12 -39.09
CA LEU V 38 -6.94 67.72 -38.90
C LEU V 38 -6.18 67.07 -37.74
N ASN V 39 -5.24 67.80 -37.14
CA ASN V 39 -4.50 67.26 -36.02
C ASN V 39 -5.51 66.78 -35.00
N VAL V 40 -5.21 65.62 -34.42
CA VAL V 40 -6.10 64.98 -33.46
C VAL V 40 -5.39 64.48 -32.20
N GLY V 41 -6.14 64.43 -31.11
CA GLY V 41 -5.62 63.94 -29.84
C GLY V 41 -6.82 63.47 -29.03
N ILE V 42 -7.38 62.32 -29.40
CA ILE V 42 -8.56 61.78 -28.70
C ILE V 42 -8.27 60.50 -27.94
N ARG V 43 -9.30 59.97 -27.28
CA ARG V 43 -9.17 58.74 -26.52
C ARG V 43 -9.75 57.52 -27.23
N LEU V 44 -9.00 56.43 -27.23
CA LEU V 44 -9.42 55.19 -27.86
C LEU V 44 -10.63 54.68 -27.12
N PRO V 45 -11.80 54.72 -27.75
CA PRO V 45 -13.00 54.23 -27.06
C PRO V 45 -13.16 52.71 -27.06
N GLY V 46 -13.83 52.20 -26.03
CA GLY V 46 -14.07 50.78 -25.91
C GLY V 46 -12.98 50.02 -25.18
N ARG V 47 -12.43 49.01 -25.85
CA ARG V 47 -11.36 48.21 -25.26
C ARG V 47 -10.20 49.15 -25.02
N GLN V 48 -9.18 48.69 -24.31
CA GLN V 48 -8.04 49.55 -24.04
C GLN V 48 -6.73 48.80 -24.17
N THR V 49 -6.50 48.21 -25.34
CA THR V 49 -5.27 47.47 -25.58
C THR V 49 -4.14 48.38 -26.06
N ASN V 50 -2.93 47.95 -25.75
CA ASN V 50 -1.75 48.67 -26.17
C ASN V 50 -1.87 48.86 -27.68
N GLN V 51 -1.77 47.76 -28.43
CA GLN V 51 -1.83 47.87 -29.88
C GLN V 51 -3.16 47.65 -30.58
N ARG V 52 -4.21 48.24 -30.04
CA ARG V 52 -5.52 48.17 -30.66
C ARG V 52 -5.87 49.63 -30.80
N ALA V 53 -5.04 50.46 -30.15
CA ALA V 53 -5.19 51.90 -30.19
C ALA V 53 -4.33 52.34 -31.36
N GLU V 54 -3.17 51.72 -31.46
CA GLU V 54 -2.22 52.03 -32.51
C GLU V 54 -2.56 51.23 -33.77
N ILE V 55 -3.83 51.25 -34.14
CA ILE V 55 -4.32 50.55 -35.32
C ILE V 55 -5.69 51.11 -35.68
N HIS V 56 -6.31 51.75 -34.72
CA HIS V 56 -7.61 52.40 -34.92
C HIS V 56 -7.26 53.84 -35.20
N ALA V 57 -6.10 54.24 -34.68
CA ALA V 57 -5.60 55.59 -34.88
C ALA V 57 -5.42 55.72 -36.39
N ALA V 58 -4.90 54.65 -36.99
CA ALA V 58 -4.70 54.63 -38.43
C ALA V 58 -6.06 54.89 -39.01
N CYS V 59 -7.03 54.10 -38.55
CA CYS V 59 -8.38 54.27 -39.03
C CYS V 59 -8.82 55.73 -38.93
N LYS V 60 -8.64 56.35 -37.77
CA LYS V 60 -9.06 57.74 -37.65
C LYS V 60 -8.36 58.60 -38.70
N ALA V 61 -7.06 58.38 -38.86
CA ALA V 61 -6.28 59.13 -39.83
C ALA V 61 -6.82 58.89 -41.22
N ILE V 62 -6.68 57.66 -41.69
CA ILE V 62 -7.15 57.32 -43.03
C ILE V 62 -8.63 57.64 -43.19
N GLU V 63 -9.36 57.69 -42.08
CA GLU V 63 -10.78 58.02 -42.14
C GLU V 63 -10.92 59.46 -42.59
N GLN V 64 -10.17 60.35 -41.93
CA GLN V 64 -10.18 61.77 -42.30
C GLN V 64 -9.65 61.83 -43.73
N ALA V 65 -8.70 60.97 -44.03
CA ALA V 65 -8.13 60.92 -45.36
C ALA V 65 -9.29 61.04 -46.35
N LYS V 66 -10.29 60.19 -46.16
CA LYS V 66 -11.47 60.22 -47.02
C LYS V 66 -12.18 61.57 -46.94
N THR V 67 -12.16 62.20 -45.77
CA THR V 67 -12.80 63.49 -45.61
C THR V 67 -12.22 64.60 -46.50
N GLN V 68 -11.00 64.41 -47.00
CA GLN V 68 -10.36 65.42 -47.83
C GLN V 68 -10.17 64.97 -49.27
N ASN V 69 -10.98 64.03 -49.71
CA ASN V 69 -10.86 63.53 -51.08
C ASN V 69 -9.43 63.19 -51.45
N ILE V 70 -8.67 62.67 -50.49
CA ILE V 70 -7.28 62.28 -50.75
C ILE V 70 -7.29 60.76 -50.98
N ASN V 71 -6.86 60.33 -52.17
CA ASN V 71 -6.89 58.92 -52.52
C ASN V 71 -5.62 58.09 -52.32
N LYS V 72 -4.48 58.74 -52.09
CA LYS V 72 -3.25 57.99 -51.89
C LYS V 72 -2.30 58.68 -50.95
N LEU V 73 -2.18 58.14 -49.74
CA LEU V 73 -1.30 58.70 -48.72
C LEU V 73 -0.24 57.75 -48.20
N VAL V 74 0.70 58.34 -47.47
CA VAL V 74 1.80 57.65 -46.86
C VAL V 74 1.59 57.66 -45.35
N LEU V 75 1.49 56.47 -44.77
CA LEU V 75 1.28 56.35 -43.34
C LEU V 75 2.56 55.97 -42.63
N TYR V 76 2.99 56.87 -41.74
CA TYR V 76 4.20 56.70 -40.95
C TYR V 76 3.90 56.36 -39.49
N THR V 77 3.62 55.09 -39.21
CA THR V 77 3.36 54.70 -37.83
C THR V 77 4.54 53.85 -37.38
N ASN V 78 4.78 53.78 -36.08
CA ASN V 78 5.91 53.00 -35.58
C ASN V 78 5.56 51.58 -35.08
N SER V 79 4.36 51.10 -35.37
CA SER V 79 3.98 49.76 -34.91
C SER V 79 3.97 48.70 -36.01
N MET V 80 5.04 47.92 -36.07
CA MET V 80 5.17 46.84 -37.05
C MET V 80 3.92 45.97 -37.06
N PHE V 81 3.30 45.85 -35.90
CA PHE V 81 2.12 45.03 -35.79
C PHE V 81 1.09 45.51 -36.79
N THR V 82 0.52 46.66 -36.49
CA THR V 82 -0.50 47.23 -37.34
C THR V 82 -0.22 47.06 -38.83
N ILE V 83 1.04 47.21 -39.22
CA ILE V 83 1.41 47.07 -40.63
C ILE V 83 1.47 45.60 -41.03
N ASN V 84 2.41 44.86 -40.45
CA ASN V 84 2.57 43.45 -40.75
C ASN V 84 1.21 42.78 -40.88
N GLY V 85 0.24 43.26 -40.11
CA GLY V 85 -1.10 42.70 -40.18
C GLY V 85 -1.88 43.15 -41.39
N ILE V 86 -2.11 44.46 -41.47
CA ILE V 86 -2.88 45.06 -42.56
C ILE V 86 -2.25 44.82 -43.94
N THR V 87 -1.00 44.40 -43.99
CA THR V 87 -0.37 44.21 -45.30
C THR V 87 0.04 42.79 -45.67
N ASN V 88 0.11 41.89 -44.70
CA ASN V 88 0.52 40.51 -44.99
C ASN V 88 -0.21 39.41 -44.25
N TRP V 89 -1.04 39.75 -43.27
CA TRP V 89 -1.76 38.71 -42.55
C TRP V 89 -3.22 38.59 -42.92
N VAL V 90 -3.92 39.73 -42.98
CA VAL V 90 -5.34 39.70 -43.33
C VAL V 90 -5.52 38.98 -44.66
N GLN V 91 -4.42 38.80 -45.39
CA GLN V 91 -4.46 38.10 -46.67
C GLN V 91 -4.97 36.69 -46.41
N GLY V 92 -4.27 35.98 -45.53
CA GLY V 92 -4.67 34.61 -45.20
C GLY V 92 -5.51 34.45 -43.95
N TRP V 93 -6.13 35.53 -43.49
CA TRP V 93 -6.96 35.45 -42.30
C TRP V 93 -8.41 35.24 -42.65
N LYS V 94 -8.89 35.97 -43.65
CA LYS V 94 -10.27 35.82 -44.07
C LYS V 94 -10.38 34.56 -44.92
N LYS V 95 -9.29 33.80 -44.98
CA LYS V 95 -9.24 32.54 -45.71
C LYS V 95 -9.17 31.40 -44.71
N ASN V 96 -8.52 31.65 -43.58
CA ASN V 96 -8.39 30.62 -42.56
C ASN V 96 -9.47 30.74 -41.49
N GLY V 97 -10.39 31.67 -41.70
CA GLY V 97 -11.48 31.86 -40.75
C GLY V 97 -11.08 32.77 -39.59
N TRP V 98 -9.96 33.47 -39.77
CA TRP V 98 -9.43 34.39 -38.77
C TRP V 98 -8.98 33.69 -37.51
N LYS V 99 -7.90 32.90 -37.63
CA LYS V 99 -7.36 32.18 -36.50
C LYS V 99 -5.84 32.31 -36.51
N THR V 100 -5.26 32.44 -35.31
CA THR V 100 -3.80 32.58 -35.17
C THR V 100 -3.08 31.32 -35.62
N SER V 101 -1.76 31.34 -35.51
CA SER V 101 -0.95 30.18 -35.88
C SER V 101 -1.16 29.12 -34.81
N ALA V 102 -2.28 29.25 -34.11
CA ALA V 102 -2.63 28.32 -33.05
C ALA V 102 -4.12 28.02 -33.14
N GLY V 103 -4.71 28.33 -34.29
CA GLY V 103 -6.12 28.06 -34.49
C GLY V 103 -7.04 28.91 -33.64
N LYS V 104 -6.47 29.78 -32.80
CA LYS V 104 -7.29 30.65 -31.95
C LYS V 104 -7.80 31.83 -32.76
N GLU V 105 -8.93 32.39 -32.35
CA GLU V 105 -9.48 33.54 -33.06
C GLU V 105 -8.54 34.72 -32.88
N VAL V 106 -8.19 35.39 -33.97
CA VAL V 106 -7.31 36.54 -33.89
C VAL V 106 -7.96 37.54 -32.94
N ILE V 107 -7.21 37.91 -31.91
CA ILE V 107 -7.71 38.83 -30.90
C ILE V 107 -8.32 40.12 -31.41
N ASN V 108 -7.63 40.79 -32.34
CA ASN V 108 -8.12 42.07 -32.85
C ASN V 108 -8.87 42.01 -34.16
N LYS V 109 -9.58 40.91 -34.43
CA LYS V 109 -10.31 40.81 -35.68
C LYS V 109 -11.20 42.01 -35.88
N GLU V 110 -12.19 42.17 -35.00
CA GLU V 110 -13.13 43.28 -35.10
C GLU V 110 -12.44 44.56 -35.62
N ASP V 111 -11.21 44.78 -35.19
CA ASP V 111 -10.44 45.97 -35.59
C ASP V 111 -9.85 45.93 -37.00
N PHE V 112 -8.91 45.03 -37.23
CA PHE V 112 -8.29 44.92 -38.54
C PHE V 112 -9.34 44.88 -39.65
N VAL V 113 -10.54 44.46 -39.30
CA VAL V 113 -11.62 44.40 -40.27
C VAL V 113 -12.11 45.81 -40.51
N ALA V 114 -12.50 46.48 -39.42
CA ALA V 114 -12.99 47.85 -39.51
C ALA V 114 -12.00 48.75 -40.26
N LEU V 115 -10.72 48.37 -40.25
CA LEU V 115 -9.68 49.14 -40.94
C LEU V 115 -9.68 48.89 -42.44
N GLU V 116 -9.55 47.63 -42.83
CA GLU V 116 -9.54 47.28 -44.24
C GLU V 116 -10.82 47.82 -44.86
N ARG V 117 -11.83 47.98 -44.03
CA ARG V 117 -13.13 48.49 -44.45
C ARG V 117 -12.89 49.87 -45.06
N LEU V 118 -11.86 50.55 -44.57
CA LEU V 118 -11.49 51.88 -45.04
C LEU V 118 -10.41 51.80 -46.12
N THR V 119 -9.49 50.86 -45.95
CA THR V 119 -8.40 50.66 -46.90
C THR V 119 -8.96 50.52 -48.32
N GLN V 120 -10.27 50.27 -48.40
CA GLN V 120 -10.93 50.10 -49.69
C GLN V 120 -11.18 51.43 -50.39
N GLY V 121 -10.50 51.62 -51.52
CA GLY V 121 -10.64 52.83 -52.29
C GLY V 121 -9.44 53.75 -52.11
N MET V 122 -8.68 53.48 -51.07
CA MET V 122 -7.51 54.29 -50.76
C MET V 122 -6.24 53.54 -51.12
N ASP V 123 -5.22 54.29 -51.51
CA ASP V 123 -3.94 53.68 -51.82
C ASP V 123 -2.95 54.12 -50.76
N ILE V 124 -2.82 53.33 -49.71
CA ILE V 124 -1.91 53.65 -48.63
C ILE V 124 -0.54 53.04 -48.88
N GLN V 125 0.43 53.51 -48.10
CA GLN V 125 1.81 53.03 -48.17
C GLN V 125 2.33 53.07 -46.74
N TRP V 126 2.19 51.93 -46.07
CA TRP V 126 2.62 51.83 -44.69
C TRP V 126 4.12 51.91 -44.52
N MET V 127 4.53 52.90 -43.73
CA MET V 127 5.92 53.16 -43.42
C MET V 127 6.19 52.76 -41.99
N HIS V 128 7.15 51.86 -41.78
CA HIS V 128 7.45 51.47 -40.41
C HIS V 128 8.60 52.27 -39.80
N VAL V 129 8.28 53.38 -39.17
CA VAL V 129 9.34 54.16 -38.54
C VAL V 129 9.84 53.41 -37.32
N PRO V 130 11.05 52.85 -37.41
CA PRO V 130 11.65 52.10 -36.31
C PRO V 130 11.60 52.81 -34.97
N GLY V 131 12.48 52.38 -34.08
CA GLY V 131 12.54 52.92 -32.74
C GLY V 131 12.47 54.41 -32.62
N HIS V 132 13.59 55.01 -32.24
CA HIS V 132 13.64 56.44 -32.07
C HIS V 132 14.34 57.07 -33.25
N SER V 133 13.81 56.87 -34.45
CA SER V 133 14.44 57.47 -35.63
C SER V 133 13.56 58.56 -36.24
N GLY V 134 13.00 58.26 -37.41
CA GLY V 134 12.12 59.17 -38.12
C GLY V 134 12.20 60.67 -37.90
N PHE V 135 11.18 61.38 -38.39
CA PHE V 135 11.15 62.81 -38.25
C PHE V 135 10.52 63.26 -36.97
N ILE V 136 10.54 64.57 -36.76
CA ILE V 136 9.95 65.16 -35.58
C ILE V 136 8.45 64.88 -35.68
N GLY V 137 7.92 64.94 -36.90
CA GLY V 137 6.50 64.71 -37.10
C GLY V 137 6.01 63.45 -36.41
N ASN V 138 6.93 62.54 -36.12
CA ASN V 138 6.56 61.29 -35.48
C ASN V 138 6.50 61.35 -33.95
N GLU V 139 7.31 62.19 -33.35
CA GLU V 139 7.28 62.32 -31.91
C GLU V 139 6.08 63.21 -31.64
N GLU V 140 5.56 63.80 -32.71
CA GLU V 140 4.41 64.70 -32.63
C GLU V 140 3.16 63.93 -32.25
N ALA V 141 2.87 62.86 -32.99
CA ALA V 141 1.72 62.04 -32.68
C ALA V 141 1.97 61.62 -31.24
N ASP V 142 3.11 60.95 -31.02
CA ASP V 142 3.55 60.47 -29.72
C ASP V 142 2.93 61.38 -28.64
N ARG V 143 3.35 62.64 -28.62
CA ARG V 143 2.82 63.60 -27.64
C ARG V 143 1.31 63.71 -27.69
N LEU V 144 0.76 63.88 -28.88
CA LEU V 144 -0.69 64.00 -29.02
C LEU V 144 -1.37 62.85 -28.33
N ALA V 145 -1.41 61.71 -29.00
CA ALA V 145 -2.02 60.50 -28.45
C ALA V 145 -1.93 60.40 -26.92
N ARG V 146 -0.71 60.38 -26.39
CA ARG V 146 -0.56 60.28 -24.95
C ARG V 146 -1.05 61.49 -24.17
N GLU V 147 -1.83 62.34 -24.84
CA GLU V 147 -2.42 63.51 -24.21
C GLU V 147 -3.90 63.23 -24.44
N GLY V 148 -4.20 62.81 -25.67
CA GLY V 148 -5.55 62.48 -26.05
C GLY V 148 -6.08 61.48 -25.06
N ALA V 149 -5.16 60.80 -24.39
CA ALA V 149 -5.52 59.82 -23.39
C ALA V 149 -6.42 60.52 -22.36
N LYS V 150 -5.84 61.39 -21.54
CA LYS V 150 -6.59 62.11 -20.51
C LYS V 150 -8.01 62.51 -20.90
N HIS W 3 24.14 -58.33 55.80
CA HIS W 3 23.77 -59.58 55.09
C HIS W 3 22.36 -60.02 55.48
N MET W 4 21.79 -60.94 54.73
CA MET W 4 20.42 -61.45 54.98
C MET W 4 19.34 -60.46 54.56
N GLY W 5 19.02 -60.43 53.26
CA GLY W 5 18.05 -59.49 52.74
C GLY W 5 16.57 -59.69 52.99
N ASP W 6 15.82 -58.59 52.84
CA ASP W 6 14.37 -58.58 53.03
C ASP W 6 13.68 -57.52 52.18
N PHE W 7 13.06 -57.94 51.08
CA PHE W 7 12.36 -57.06 50.14
C PHE W 7 12.09 -57.87 48.89
N VAL W 8 10.89 -57.75 48.33
CA VAL W 8 10.59 -58.51 47.11
C VAL W 8 10.81 -57.58 45.91
N VAL W 9 11.09 -58.14 44.74
CA VAL W 9 11.35 -57.33 43.55
C VAL W 9 10.23 -57.32 42.52
N VAL W 10 10.23 -56.30 41.64
CA VAL W 10 9.22 -56.18 40.59
C VAL W 10 9.67 -55.40 39.34
N TYR W 11 9.20 -55.84 38.18
CA TYR W 11 9.52 -55.20 36.90
C TYR W 11 8.28 -54.50 36.31
N THR W 12 8.38 -53.19 36.08
CA THR W 12 7.27 -52.41 35.54
C THR W 12 7.65 -51.76 34.21
N ASP W 13 6.72 -51.73 33.27
CA ASP W 13 7.03 -51.14 31.98
C ASP W 13 5.82 -50.61 31.22
N GLY W 14 5.58 -49.31 31.32
CA GLY W 14 4.48 -48.69 30.61
C GLY W 14 4.86 -48.51 29.14
N CYS W 15 3.87 -48.47 28.26
CA CYS W 15 4.16 -48.31 26.84
C CYS W 15 3.10 -47.48 26.14
N CYS W 16 3.35 -47.17 24.86
CA CYS W 16 2.43 -46.38 24.07
C CYS W 16 2.78 -46.44 22.58
N SER W 17 1.79 -46.82 21.77
CA SER W 17 1.97 -46.93 20.33
C SER W 17 2.10 -45.53 19.74
N SER W 18 2.90 -45.41 18.69
CA SER W 18 3.12 -44.14 17.99
C SER W 18 4.02 -44.36 16.77
N ARG W 22 -4.52 -42.20 14.57
CA ARG W 22 -5.60 -41.96 15.53
C ARG W 22 -5.25 -42.47 16.93
N ARG W 23 -6.02 -42.01 17.92
CA ARG W 23 -5.84 -42.38 19.32
C ARG W 23 -4.75 -43.42 19.59
N PRO W 24 -3.56 -42.97 20.05
CA PRO W 24 -2.46 -43.90 20.34
C PRO W 24 -2.91 -44.86 21.46
N ARG W 25 -2.49 -46.12 21.40
CA ARG W 25 -2.86 -47.07 22.44
C ARG W 25 -1.72 -47.34 23.44
N ALA W 26 -1.93 -47.01 24.71
CA ALA W 26 -0.91 -47.22 25.75
C ALA W 26 -1.34 -48.31 26.74
N GLY W 27 -0.36 -49.06 27.26
CA GLY W 27 -0.67 -50.12 28.20
C GLY W 27 0.21 -50.16 29.45
N ILE W 28 -0.20 -50.98 30.43
CA ILE W 28 0.53 -51.12 31.69
C ILE W 28 0.99 -52.57 31.83
N GLY W 29 2.12 -52.78 32.51
CA GLY W 29 2.63 -54.12 32.70
C GLY W 29 3.65 -54.24 33.84
N VAL W 30 3.25 -54.95 34.90
CA VAL W 30 4.10 -55.19 36.07
C VAL W 30 4.48 -56.68 36.10
N TYR W 31 5.71 -56.99 36.50
CA TYR W 31 6.18 -58.38 36.52
C TYR W 31 6.89 -58.74 37.81
N TRP W 32 6.40 -59.78 38.50
CA TRP W 32 7.00 -60.21 39.77
C TRP W 32 7.80 -61.51 39.67
N GLY W 33 7.56 -62.28 38.62
CA GLY W 33 8.27 -63.54 38.44
C GLY W 33 7.51 -64.48 37.53
N PRO W 34 8.17 -65.51 36.98
CA PRO W 34 7.53 -66.47 36.09
C PRO W 34 6.21 -66.98 36.65
N GLY W 35 5.16 -66.86 35.84
CA GLY W 35 3.85 -67.32 36.26
C GLY W 35 3.24 -66.68 37.50
N HIS W 36 4.06 -65.99 38.28
CA HIS W 36 3.59 -65.34 39.51
C HIS W 36 2.13 -64.90 39.37
N PRO W 37 1.29 -65.31 40.33
CA PRO W 37 -0.13 -64.99 40.33
C PRO W 37 -0.38 -63.50 40.53
N LEU W 38 0.67 -62.70 40.41
CA LEU W 38 0.53 -61.27 40.63
C LEU W 38 0.98 -60.40 39.45
N ASN W 39 1.11 -61.01 38.28
CA ASN W 39 1.53 -60.25 37.11
C ASN W 39 0.31 -59.74 36.38
N VAL W 40 0.40 -58.52 35.86
CA VAL W 40 -0.72 -57.94 35.14
C VAL W 40 -0.26 -57.22 33.89
N GLY W 41 -1.17 -57.12 32.93
CA GLY W 41 -0.90 -56.44 31.68
C GLY W 41 -2.18 -55.73 31.32
N ILE W 42 -2.45 -54.63 32.01
CA ILE W 42 -3.66 -53.87 31.77
C ILE W 42 -3.47 -52.71 30.80
N ARG W 43 -4.55 -51.96 30.58
CA ARG W 43 -4.55 -50.79 29.71
C ARG W 43 -4.69 -49.53 30.54
N LEU W 44 -3.96 -48.50 30.16
CA LEU W 44 -3.98 -47.24 30.87
C LEU W 44 -5.30 -46.49 30.73
N PRO W 45 -5.92 -46.13 31.86
CA PRO W 45 -7.19 -45.40 31.84
C PRO W 45 -6.99 -43.92 31.54
N GLY W 46 -8.08 -43.23 31.27
CA GLY W 46 -8.03 -41.82 30.97
C GLY W 46 -7.02 -41.48 29.90
N ARG W 47 -6.28 -40.39 30.11
CA ARG W 47 -5.27 -39.92 29.18
C ARG W 47 -4.52 -41.09 28.54
N GLN W 48 -3.91 -40.84 27.39
CA GLN W 48 -3.21 -41.90 26.72
C GLN W 48 -1.90 -41.41 26.13
N THR W 49 -0.85 -41.40 26.94
CA THR W 49 0.46 -40.96 26.47
C THR W 49 1.57 -41.93 26.85
N ASN W 50 2.72 -41.71 26.20
CA ASN W 50 3.91 -42.51 26.40
C ASN W 50 4.26 -42.80 27.87
N GLN W 51 4.86 -41.85 28.57
CA GLN W 51 5.24 -42.12 29.95
C GLN W 51 4.23 -41.77 31.03
N ARG W 52 3.00 -41.49 30.63
CA ARG W 52 1.97 -41.23 31.64
C ARG W 52 1.61 -42.65 32.09
N ALA W 53 1.89 -43.61 31.22
CA ALA W 53 1.62 -45.00 31.48
C ALA W 53 2.83 -45.62 32.15
N GLU W 54 4.02 -45.28 31.68
CA GLU W 54 5.23 -45.82 32.27
C GLU W 54 5.24 -45.59 33.79
N ILE W 55 4.56 -44.55 34.25
CA ILE W 55 4.50 -44.25 35.68
C ILE W 55 3.35 -44.95 36.42
N HIS W 56 2.17 -45.05 35.81
CA HIS W 56 1.06 -45.73 36.49
C HIS W 56 1.25 -47.24 36.52
N ALA W 57 2.24 -47.73 35.77
CA ALA W 57 2.55 -49.15 35.76
C ALA W 57 3.27 -49.39 37.08
N ALA W 58 4.15 -48.45 37.43
CA ALA W 58 4.91 -48.52 38.67
C ALA W 58 4.00 -48.27 39.86
N CYS W 59 2.73 -47.97 39.57
CA CYS W 59 1.73 -47.72 40.62
C CYS W 59 0.95 -49.01 40.83
N LYS W 60 0.45 -49.58 39.74
CA LYS W 60 -0.30 -50.82 39.81
C LYS W 60 0.51 -51.78 40.67
N ALA W 61 1.83 -51.71 40.52
CA ALA W 61 2.74 -52.57 41.28
C ALA W 61 2.68 -52.31 42.79
N ILE W 62 3.30 -51.21 43.22
CA ILE W 62 3.31 -50.85 44.63
C ILE W 62 1.90 -50.89 45.22
N GLU W 63 0.90 -50.87 44.35
CA GLU W 63 -0.48 -50.93 44.78
C GLU W 63 -0.69 -52.34 45.34
N GLN W 64 -0.42 -53.33 44.51
CA GLN W 64 -0.56 -54.72 44.89
C GLN W 64 0.40 -54.92 46.06
N ALA W 65 1.58 -54.34 45.93
CA ALA W 65 2.60 -54.45 46.95
C ALA W 65 1.98 -54.47 48.34
N LYS W 66 1.29 -53.39 48.69
CA LYS W 66 0.64 -53.31 49.98
C LYS W 66 -0.46 -54.35 50.09
N THR W 67 -1.13 -54.64 48.98
CA THR W 67 -2.21 -55.62 49.00
C THR W 67 -1.70 -56.98 49.45
N GLN W 68 -0.38 -57.09 49.54
CA GLN W 68 0.25 -58.34 49.95
C GLN W 68 1.09 -58.11 51.20
N ASN W 69 0.93 -56.96 51.81
CA ASN W 69 1.68 -56.60 53.01
C ASN W 69 3.18 -56.69 52.84
N ILE W 70 3.68 -56.03 51.80
CA ILE W 70 5.11 -55.95 51.52
C ILE W 70 5.38 -54.46 51.69
N ASN W 71 6.24 -54.12 52.63
CA ASN W 71 6.54 -52.73 52.93
C ASN W 71 7.78 -52.18 52.22
N LYS W 72 8.73 -53.04 51.88
CA LYS W 72 9.94 -52.58 51.20
C LYS W 72 10.34 -53.47 50.02
N LEU W 73 10.40 -52.86 48.83
CA LEU W 73 10.76 -53.59 47.62
C LEU W 73 11.67 -52.78 46.69
N VAL W 74 12.12 -53.46 45.64
CA VAL W 74 13.00 -52.85 44.64
C VAL W 74 12.22 -52.74 43.34
N LEU W 75 12.34 -51.60 42.67
CA LEU W 75 11.61 -51.40 41.44
C LEU W 75 12.48 -51.16 40.22
N TYR W 76 12.51 -52.15 39.35
CA TYR W 76 13.29 -52.09 38.11
C TYR W 76 12.43 -51.55 36.97
N THR W 77 12.85 -50.43 36.39
CA THR W 77 12.17 -49.81 35.27
C THR W 77 13.21 -49.15 34.39
N ASN W 78 12.87 -48.92 33.14
CA ASN W 78 13.82 -48.31 32.22
C ASN W 78 13.60 -46.82 31.99
N SER W 79 12.61 -46.21 32.65
CA SER W 79 12.37 -44.79 32.43
C SER W 79 12.98 -43.89 33.49
N MET W 80 14.06 -43.21 33.10
CA MET W 80 14.75 -42.28 33.96
C MET W 80 13.84 -41.13 34.33
N PHE W 81 12.59 -41.22 33.88
CA PHE W 81 11.59 -40.19 34.14
C PHE W 81 10.90 -40.53 35.46
N THR W 82 10.10 -41.60 35.42
CA THR W 82 9.38 -42.05 36.60
C THR W 82 10.38 -42.08 37.75
N ILE W 83 11.61 -42.46 37.44
CA ILE W 83 12.64 -42.53 38.45
C ILE W 83 13.01 -41.14 38.88
N ASN W 84 13.77 -40.44 38.02
CA ASN W 84 14.20 -39.07 38.32
C ASN W 84 13.05 -38.27 38.92
N GLY W 85 11.89 -38.40 38.31
CA GLY W 85 10.71 -37.69 38.77
C GLY W 85 10.32 -37.90 40.23
N ILE W 86 10.20 -39.15 40.65
CA ILE W 86 9.80 -39.46 42.03
C ILE W 86 10.94 -39.42 43.05
N THR W 87 12.16 -39.17 42.60
CA THR W 87 13.29 -39.16 43.52
C THR W 87 14.00 -37.83 43.70
N ASN W 88 13.78 -36.89 42.79
CA ASN W 88 14.47 -35.62 42.92
C ASN W 88 13.52 -34.47 42.67
N TRP W 89 12.85 -34.52 41.52
CA TRP W 89 11.95 -33.45 41.10
C TRP W 89 10.64 -33.28 41.86
N VAL W 90 10.05 -34.37 42.33
CA VAL W 90 8.81 -34.22 43.07
C VAL W 90 9.09 -33.34 44.28
N GLN W 91 10.15 -33.68 45.01
CA GLN W 91 10.54 -32.95 46.21
C GLN W 91 10.52 -31.45 45.94
N GLY W 92 10.95 -31.07 44.74
CA GLY W 92 10.96 -29.67 44.37
C GLY W 92 9.59 -29.17 43.93
N TRP W 93 8.93 -29.93 43.05
CA TRP W 93 7.61 -29.56 42.53
C TRP W 93 6.60 -29.21 43.59
N LYS W 94 6.68 -29.88 44.73
CA LYS W 94 5.75 -29.59 45.81
C LYS W 94 6.04 -28.22 46.40
N LYS W 95 7.22 -27.66 46.08
CA LYS W 95 7.60 -26.34 46.58
C LYS W 95 7.24 -25.21 45.61
N ASN W 96 7.91 -25.12 44.47
CA ASN W 96 7.60 -24.07 43.51
C ASN W 96 6.16 -24.16 43.06
N GLY W 97 5.41 -25.08 43.68
CA GLY W 97 4.01 -25.24 43.34
C GLY W 97 3.80 -25.93 42.01
N TRP W 98 4.66 -26.90 41.71
CA TRP W 98 4.56 -27.65 40.47
C TRP W 98 4.65 -26.75 39.24
N LYS W 99 5.88 -26.44 38.85
CA LYS W 99 6.16 -25.61 37.68
C LYS W 99 7.52 -26.05 37.15
N THR W 100 7.63 -26.17 35.82
CA THR W 100 8.88 -26.58 35.19
C THR W 100 9.97 -25.52 35.24
N SER W 101 11.13 -25.82 34.66
CA SER W 101 12.23 -24.86 34.60
C SER W 101 11.82 -23.77 33.63
N ALA W 102 10.59 -23.87 33.16
CA ALA W 102 10.01 -22.91 32.23
C ALA W 102 8.78 -22.28 32.88
N GLY W 103 8.72 -22.40 34.21
CA GLY W 103 7.61 -21.83 34.97
C GLY W 103 6.26 -22.47 34.71
N LYS W 104 6.16 -23.24 33.64
CA LYS W 104 4.90 -23.89 33.29
C LYS W 104 4.53 -24.98 34.29
N GLU W 105 3.24 -25.26 34.40
CA GLU W 105 2.75 -26.28 35.32
C GLU W 105 3.25 -27.65 34.87
N VAL W 106 3.96 -28.34 35.76
CA VAL W 106 4.48 -29.67 35.46
C VAL W 106 3.33 -30.50 34.90
N ILE W 107 3.50 -30.98 33.68
CA ILE W 107 2.50 -31.74 32.99
C ILE W 107 1.74 -32.81 33.77
N ASN W 108 2.43 -33.90 34.07
CA ASN W 108 1.83 -35.04 34.77
C ASN W 108 1.79 -34.94 36.29
N LYS W 109 1.33 -33.81 36.80
CA LYS W 109 1.26 -33.63 38.24
C LYS W 109 0.41 -34.73 38.83
N GLU W 110 -0.88 -34.71 38.51
CA GLU W 110 -1.81 -35.72 39.00
C GLU W 110 -1.06 -37.02 39.21
N ASP W 111 -0.64 -37.62 38.10
CA ASP W 111 0.09 -38.88 38.09
C ASP W 111 1.14 -38.93 39.20
N PHE W 112 2.09 -38.01 39.15
CA PHE W 112 3.14 -37.95 40.16
C PHE W 112 2.58 -37.83 41.56
N VAL W 113 1.53 -37.04 41.69
CA VAL W 113 0.88 -36.87 42.98
C VAL W 113 0.47 -38.27 43.41
N ALA W 114 -0.44 -38.84 42.62
CA ALA W 114 -0.96 -40.17 42.88
C ALA W 114 0.16 -41.15 43.25
N LEU W 115 1.21 -41.20 42.44
CA LEU W 115 2.33 -42.10 42.71
C LEU W 115 3.00 -41.83 44.05
N GLU W 116 3.03 -40.57 44.48
CA GLU W 116 3.64 -40.20 45.74
C GLU W 116 2.83 -40.76 46.90
N ARG W 117 1.51 -40.78 46.75
CA ARG W 117 0.63 -41.30 47.79
C ARG W 117 1.05 -42.72 48.15
N LEU W 118 0.92 -43.64 47.19
CA LEU W 118 1.27 -45.04 47.39
C LEU W 118 2.66 -45.19 48.02
N THR W 119 3.53 -44.23 47.74
CA THR W 119 4.88 -44.27 48.29
C THR W 119 4.86 -44.26 49.82
N GLN W 120 3.85 -43.62 50.39
CA GLN W 120 3.70 -43.50 51.85
C GLN W 120 3.71 -44.86 52.57
N GLY W 121 4.63 -44.99 53.52
CA GLY W 121 4.74 -46.23 54.26
C GLY W 121 5.24 -47.27 53.27
N MET W 122 6.42 -47.02 52.71
CA MET W 122 7.05 -47.90 51.74
C MET W 122 8.53 -47.62 51.65
N ASP W 123 9.38 -48.61 51.90
CA ASP W 123 10.81 -48.38 51.79
C ASP W 123 11.21 -48.83 50.39
N ILE W 124 10.76 -48.06 49.41
CA ILE W 124 11.00 -48.34 48.01
C ILE W 124 12.46 -48.16 47.62
N GLN W 125 12.77 -48.64 46.43
CA GLN W 125 14.11 -48.55 45.88
C GLN W 125 13.95 -48.67 44.36
N TRP W 126 14.25 -47.58 43.65
CA TRP W 126 14.12 -47.55 42.20
C TRP W 126 15.39 -47.91 41.45
N MET W 127 15.23 -48.72 40.41
CA MET W 127 16.34 -49.19 39.59
C MET W 127 16.09 -48.83 38.13
N HIS W 128 17.07 -48.21 37.48
CA HIS W 128 16.93 -47.83 36.08
C HIS W 128 17.61 -48.86 35.19
N VAL W 129 16.85 -49.50 34.33
CA VAL W 129 17.42 -50.51 33.45
C VAL W 129 17.65 -49.96 32.04
N PRO W 130 18.92 -49.73 31.69
CA PRO W 130 19.31 -49.20 30.38
C PRO W 130 18.70 -50.01 29.22
N GLY W 131 17.76 -49.41 28.51
CA GLY W 131 17.09 -50.06 27.39
C GLY W 131 17.91 -51.17 26.74
N HIS W 132 17.29 -52.33 26.56
CA HIS W 132 17.99 -53.48 26.01
C HIS W 132 18.94 -53.84 27.13
N SER W 133 18.44 -53.60 28.34
CA SER W 133 19.14 -53.82 29.59
C SER W 133 19.42 -55.28 29.96
N GLY W 134 19.90 -55.46 31.18
CA GLY W 134 20.24 -56.78 31.68
C GLY W 134 19.10 -57.77 31.77
N PHE W 135 18.86 -58.25 32.98
CA PHE W 135 17.82 -59.23 33.26
C PHE W 135 16.55 -59.15 32.42
N ILE W 136 16.12 -60.30 31.91
CA ILE W 136 14.95 -60.43 31.06
C ILE W 136 13.63 -60.00 31.67
N GLY W 137 13.60 -59.81 32.98
CA GLY W 137 12.38 -59.38 33.63
C GLY W 137 11.92 -58.07 33.02
N ASN W 138 12.88 -57.33 32.49
CA ASN W 138 12.59 -56.06 31.87
C ASN W 138 11.80 -56.27 30.60
N GLU W 139 12.34 -57.06 29.68
CA GLU W 139 11.64 -57.31 28.42
C GLU W 139 10.52 -58.32 28.61
N GLU W 140 10.12 -58.52 29.86
CA GLU W 140 9.02 -59.41 30.19
C GLU W 140 7.84 -58.51 30.49
N ALA W 141 8.05 -57.58 31.41
CA ALA W 141 7.03 -56.60 31.78
C ALA W 141 6.63 -55.95 30.47
N ASP W 142 7.65 -55.56 29.74
CA ASP W 142 7.51 -54.92 28.44
C ASP W 142 6.53 -55.70 27.58
N ARG W 143 6.59 -57.04 27.66
CA ARG W 143 5.69 -57.89 26.88
C ARG W 143 4.25 -57.78 27.37
N LEU W 144 4.09 -57.75 28.68
CA LEU W 144 2.77 -57.65 29.29
C LEU W 144 2.09 -56.36 28.86
N ALA W 145 2.84 -55.28 28.94
CA ALA W 145 2.34 -53.95 28.59
C ALA W 145 1.75 -53.93 27.18
N ARG W 146 2.51 -54.44 26.21
CA ARG W 146 2.06 -54.49 24.83
C ARG W 146 0.79 -55.30 24.78
N GLU W 147 0.73 -56.32 25.63
CA GLU W 147 -0.43 -57.18 25.71
C GLU W 147 -1.57 -56.40 26.35
N GLY W 148 -1.20 -55.29 26.99
CA GLY W 148 -2.20 -54.44 27.61
C GLY W 148 -2.98 -53.88 26.43
N ALA W 149 -2.73 -52.61 26.09
CA ALA W 149 -3.38 -51.96 24.96
C ALA W 149 -4.47 -52.79 24.24
N LYS W 150 -5.58 -53.05 24.94
CA LYS W 150 -6.72 -53.82 24.42
C LYS W 150 -7.90 -53.77 25.39
N GLN W 151 -9.03 -53.22 24.92
CA GLN W 151 -10.28 -53.06 25.68
C GLN W 151 -10.28 -51.73 26.46
N SER W 152 -10.77 -51.74 27.69
CA SER W 152 -10.82 -50.56 28.56
C SER W 152 -11.87 -50.81 29.64
N GLU W 153 -12.10 -49.80 30.48
CA GLU W 153 -13.08 -49.89 31.57
C GLU W 153 -12.86 -51.13 32.45
#